data_4UPJ
# 
_entry.id   4UPJ 
# 
_audit_conform.dict_name       mmcif_pdbx.dic 
_audit_conform.dict_version    5.389 
_audit_conform.dict_location   http://mmcif.pdb.org/dictionaries/ascii/mmcif_pdbx.dic 
# 
loop_
_database_2.database_id 
_database_2.database_code 
_database_2.pdbx_database_accession 
_database_2.pdbx_DOI 
PDB   4UPJ         pdb_00004upj 10.2210/pdb4upj/pdb 
WWPDB D_1000179446 ?            ?                   
# 
loop_
_pdbx_audit_revision_history.ordinal 
_pdbx_audit_revision_history.data_content_type 
_pdbx_audit_revision_history.major_revision 
_pdbx_audit_revision_history.minor_revision 
_pdbx_audit_revision_history.revision_date 
1 'Structure model' 1 0 1996-10-14 
2 'Structure model' 1 1 2008-03-25 
3 'Structure model' 1 2 2011-07-13 
4 'Structure model' 1 3 2012-02-22 
5 'Structure model' 1 4 2021-11-03 
6 'Structure model' 1 5 2024-02-28 
7 'Structure model' 1 6 2024-04-03 
# 
_pdbx_audit_revision_details.ordinal             1 
_pdbx_audit_revision_details.revision_ordinal    1 
_pdbx_audit_revision_details.data_content_type   'Structure model' 
_pdbx_audit_revision_details.provider            repository 
_pdbx_audit_revision_details.type                'Initial release' 
_pdbx_audit_revision_details.description         ? 
_pdbx_audit_revision_details.details             ? 
# 
loop_
_pdbx_audit_revision_group.ordinal 
_pdbx_audit_revision_group.revision_ordinal 
_pdbx_audit_revision_group.data_content_type 
_pdbx_audit_revision_group.group 
1 2 'Structure model' 'Version format compliance' 
2 3 'Structure model' 'Version format compliance' 
3 4 'Structure model' 'Database references'       
4 5 'Structure model' 'Database references'       
5 5 'Structure model' 'Derived calculations'      
6 6 'Structure model' 'Data collection'           
7 7 'Structure model' 'Refinement description'    
# 
loop_
_pdbx_audit_revision_category.ordinal 
_pdbx_audit_revision_category.revision_ordinal 
_pdbx_audit_revision_category.data_content_type 
_pdbx_audit_revision_category.category 
1 5 'Structure model' database_2                    
2 5 'Structure model' struct_ref_seq_dif            
3 5 'Structure model' struct_site                   
4 6 'Structure model' chem_comp_atom                
5 6 'Structure model' chem_comp_bond                
6 7 'Structure model' pdbx_initial_refinement_model 
# 
loop_
_pdbx_audit_revision_item.ordinal 
_pdbx_audit_revision_item.revision_ordinal 
_pdbx_audit_revision_item.data_content_type 
_pdbx_audit_revision_item.item 
1 5 'Structure model' '_database_2.pdbx_DOI'                
2 5 'Structure model' '_database_2.pdbx_database_accession' 
3 5 'Structure model' '_struct_ref_seq_dif.details'         
4 5 'Structure model' '_struct_site.pdbx_auth_asym_id'      
5 5 'Structure model' '_struct_site.pdbx_auth_comp_id'      
6 5 'Structure model' '_struct_site.pdbx_auth_seq_id'       
# 
_pdbx_database_status.status_code                     REL 
_pdbx_database_status.entry_id                        4UPJ 
_pdbx_database_status.recvd_initial_deposition_date   1996-03-04 
_pdbx_database_status.deposit_site                    ? 
_pdbx_database_status.process_site                    BNL 
_pdbx_database_status.SG_entry                        . 
_pdbx_database_status.status_code_sf                  ? 
_pdbx_database_status.status_code_mr                  ? 
_pdbx_database_status.status_code_cs                  ? 
_pdbx_database_status.methods_development_category    ? 
_pdbx_database_status.pdb_format_compatible           Y 
_pdbx_database_status.status_code_nmr_data            ? 
# 
loop_
_audit_author.name 
_audit_author.pdbx_ordinal 
'Watenpaugh, K.D.'  1 
'Mulichak, A.M.'    2 
'Janakiraman, M.N.' 3 
# 
_citation.id                        primary 
_citation.title                     
;Structure-based design of novel HIV protease inhibitors: carboxamide-containing 4-hydroxycoumarins and 4-hydroxy-2-pyrones as potent nonpeptidic inhibitors.
;
_citation.journal_abbrev            J.Med.Chem. 
_citation.journal_volume            38 
_citation.page_first                3624 
_citation.page_last                 3637 
_citation.year                      1995 
_citation.journal_id_ASTM           JMCMAR 
_citation.country                   US 
_citation.journal_id_ISSN           0022-2623 
_citation.journal_id_CSD            0151 
_citation.book_publisher            ? 
_citation.pdbx_database_id_PubMed   7658450 
_citation.pdbx_database_id_DOI      10.1021/jm00018a023 
# 
loop_
_citation_author.citation_id 
_citation_author.name 
_citation_author.ordinal 
_citation_author.identifier_ORCID 
primary 'Thaisrivongs, S.'  1  ? 
primary 'Watenpaugh, K.D.'  2  ? 
primary 'Howe, W.J.'        3  ? 
primary 'Tomich, P.K.'      4  ? 
primary 'Dolak, L.A.'       5  ? 
primary 'Chong, K.-T.'      6  ? 
primary 'Tomich, C.-S.C.'   7  ? 
primary 'Tomasselli, A.G.'  8  ? 
primary 'Turner, S.R.'      9  ? 
primary 'Strohbach, J.W.'   10 ? 
primary 'Mulichak, A.M.'    11 ? 
primary 'Janakiraman, M.N.' 12 ? 
primary 'Moon, J.B.'        13 ? 
primary 'Lynn, J.C.'        14 ? 
primary 'Horng, M.-M.'      15 ? 
primary 'Hinshaw, R.R.'     16 ? 
primary 'Curry, K.A.'       17 ? 
primary 'Rothrock, D.J.'    18 ? 
# 
loop_
_entity.id 
_entity.type 
_entity.src_method 
_entity.pdbx_description 
_entity.formula_weight 
_entity.pdbx_number_of_molecules 
_entity.pdbx_ec 
_entity.pdbx_mutation 
_entity.pdbx_fragment 
_entity.details 
1 polymer     man 'HIV-2 PROTEASE'                                                                                           
10712.315 2   3.4.23.16 K57L ? ? 
2 non-polymer syn '({3-[1-(4-HYDROXY-2-OXO-2H-CHROMEN-3-YL)-PROPYL]-PHENYLCARBAMOYL}-METHYL)-CARBAMIC ACID TERT-BUTYL ESTER' 
452.500   1   ?         ?    ? ? 
3 water       nat water                                                                                                      
18.015    176 ?         ?    ? ? 
# 
_entity_poly.entity_id                      1 
_entity_poly.type                           'polypeptide(L)' 
_entity_poly.nstd_linkage                   no 
_entity_poly.nstd_monomer                   no 
_entity_poly.pdbx_seq_one_letter_code       
;PQFSLWKRPVVTAYIEGQPVEVLLDTGADDSIVAGIELGNNYSPKIVGGIGGFINTLEYKNVEIEVLNKKVRATIMTGDT
PINIFGRNILTALGMSLNL
;
_entity_poly.pdbx_seq_one_letter_code_can   
;PQFSLWKRPVVTAYIEGQPVEVLLDTGADDSIVAGIELGNNYSPKIVGGIGGFINTLEYKNVEIEVLNKKVRATIMTGDT
PINIFGRNILTALGMSLNL
;
_entity_poly.pdbx_strand_id                 A,B 
_entity_poly.pdbx_target_identifier         ? 
# 
loop_
_pdbx_entity_nonpoly.entity_id 
_pdbx_entity_nonpoly.name 
_pdbx_entity_nonpoly.comp_id 
2 '({3-[1-(4-HYDROXY-2-OXO-2H-CHROMEN-3-YL)-PROPYL]-PHENYLCARBAMOYL}-METHYL)-CARBAMIC ACID TERT-BUTYL ESTER' U04 
3 water                                                                                                      HOH 
# 
loop_
_entity_poly_seq.entity_id 
_entity_poly_seq.num 
_entity_poly_seq.mon_id 
_entity_poly_seq.hetero 
1 1  PRO n 
1 2  GLN n 
1 3  PHE n 
1 4  SER n 
1 5  LEU n 
1 6  TRP n 
1 7  LYS n 
1 8  ARG n 
1 9  PRO n 
1 10 VAL n 
1 11 VAL n 
1 12 THR n 
1 13 ALA n 
1 14 TYR n 
1 15 ILE n 
1 16 GLU n 
1 17 GLY n 
1 18 GLN n 
1 19 PRO n 
1 20 VAL n 
1 21 GLU n 
1 22 VAL n 
1 23 LEU n 
1 24 LEU n 
1 25 ASP n 
1 26 THR n 
1 27 GLY n 
1 28 ALA n 
1 29 ASP n 
1 30 ASP n 
1 31 SER n 
1 32 ILE n 
1 33 VAL n 
1 34 ALA n 
1 35 GLY n 
1 36 ILE n 
1 37 GLU n 
1 38 LEU n 
1 39 GLY n 
1 40 ASN n 
1 41 ASN n 
1 42 TYR n 
1 43 SER n 
1 44 PRO n 
1 45 LYS n 
1 46 ILE n 
1 47 VAL n 
1 48 GLY n 
1 49 GLY n 
1 50 ILE n 
1 51 GLY n 
1 52 GLY n 
1 53 PHE n 
1 54 ILE n 
1 55 ASN n 
1 56 THR n 
1 57 LEU n 
1 58 GLU n 
1 59 TYR n 
1 60 LYS n 
1 61 ASN n 
1 62 VAL n 
1 63 GLU n 
1 64 ILE n 
1 65 GLU n 
1 66 VAL n 
1 67 LEU n 
1 68 ASN n 
1 69 LYS n 
1 70 LYS n 
1 71 VAL n 
1 72 ARG n 
1 73 ALA n 
1 74 THR n 
1 75 ILE n 
1 76 MET n 
1 77 THR n 
1 78 GLY n 
1 79 ASP n 
1 80 THR n 
1 81 PRO n 
1 82 ILE n 
1 83 ASN n 
1 84 ILE n 
1 85 PHE n 
1 86 GLY n 
1 87 ARG n 
1 88 ASN n 
1 89 ILE n 
1 90 LEU n 
1 91 THR n 
1 92 ALA n 
1 93 LEU n 
1 94 GLY n 
1 95 MET n 
1 96 SER n 
1 97 LEU n 
1 98 ASN n 
1 99 LEU n 
# 
_entity_src_gen.entity_id                          1 
_entity_src_gen.pdbx_src_id                        1 
_entity_src_gen.pdbx_alt_source_flag               sample 
_entity_src_gen.pdbx_seq_type                      ? 
_entity_src_gen.pdbx_beg_seq_num                   ? 
_entity_src_gen.pdbx_end_seq_num                   ? 
_entity_src_gen.gene_src_common_name               ? 
_entity_src_gen.gene_src_genus                     Lentivirus 
_entity_src_gen.pdbx_gene_src_gene                 ? 
_entity_src_gen.gene_src_species                   ? 
_entity_src_gen.gene_src_strain                    ? 
_entity_src_gen.gene_src_tissue                    ? 
_entity_src_gen.gene_src_tissue_fraction           ? 
_entity_src_gen.gene_src_details                   ? 
_entity_src_gen.pdbx_gene_src_fragment             ? 
_entity_src_gen.pdbx_gene_src_scientific_name      'Human immunodeficiency virus 2' 
_entity_src_gen.pdbx_gene_src_ncbi_taxonomy_id     11709 
_entity_src_gen.pdbx_gene_src_variant              ? 
_entity_src_gen.pdbx_gene_src_cell_line            ? 
_entity_src_gen.pdbx_gene_src_atcc                 ? 
_entity_src_gen.pdbx_gene_src_organ                ? 
_entity_src_gen.pdbx_gene_src_organelle            ? 
_entity_src_gen.pdbx_gene_src_cell                 ? 
_entity_src_gen.pdbx_gene_src_cellular_location    ? 
_entity_src_gen.host_org_common_name               ? 
_entity_src_gen.pdbx_host_org_scientific_name      'Escherichia coli' 
_entity_src_gen.pdbx_host_org_ncbi_taxonomy_id     562 
_entity_src_gen.host_org_genus                     Escherichia 
_entity_src_gen.pdbx_host_org_gene                 ? 
_entity_src_gen.pdbx_host_org_organ                ? 
_entity_src_gen.host_org_species                   ? 
_entity_src_gen.pdbx_host_org_tissue               ? 
_entity_src_gen.pdbx_host_org_tissue_fraction      ? 
_entity_src_gen.pdbx_host_org_strain               ? 
_entity_src_gen.pdbx_host_org_variant              ? 
_entity_src_gen.pdbx_host_org_cell_line            ? 
_entity_src_gen.pdbx_host_org_atcc                 ? 
_entity_src_gen.pdbx_host_org_culture_collection   ? 
_entity_src_gen.pdbx_host_org_cell                 ? 
_entity_src_gen.pdbx_host_org_organelle            ? 
_entity_src_gen.pdbx_host_org_cellular_location    ? 
_entity_src_gen.pdbx_host_org_vector_type          ? 
_entity_src_gen.pdbx_host_org_vector               ? 
_entity_src_gen.host_org_details                   ? 
_entity_src_gen.expression_system_id               ? 
_entity_src_gen.plasmid_name                       ? 
_entity_src_gen.plasmid_details                    ? 
_entity_src_gen.pdbx_description                   ? 
# 
loop_
_chem_comp.id 
_chem_comp.type 
_chem_comp.mon_nstd_flag 
_chem_comp.name 
_chem_comp.pdbx_synonyms 
_chem_comp.formula 
_chem_comp.formula_weight 
ALA 'L-peptide linking' y ALANINE ?       'C3 H7 N O2'     89.093  
ARG 'L-peptide linking' y ARGININE ?       'C6 H15 N4 O2 1' 175.209 
ASN 'L-peptide linking' y ASPARAGINE ?       'C4 H8 N2 O3'    132.118 
ASP 'L-peptide linking' y 'ASPARTIC ACID' ?       'C4 H7 N O4'     133.103 
GLN 'L-peptide linking' y GLUTAMINE ?       'C5 H10 N2 O3'   146.144 
GLU 'L-peptide linking' y 'GLUTAMIC ACID' ?       'C5 H9 N O4'     147.129 
GLY 'peptide linking'   y GLYCINE ?       'C2 H5 N O2'     75.067  
HOH non-polymer         . WATER ?       'H2 O'           18.015  
ILE 'L-peptide linking' y ISOLEUCINE ?       'C6 H13 N O2'    131.173 
LEU 'L-peptide linking' y LEUCINE ?       'C6 H13 N O2'    131.173 
LYS 'L-peptide linking' y LYSINE ?       'C6 H15 N2 O2 1' 147.195 
MET 'L-peptide linking' y METHIONINE ?       'C5 H11 N O2 S'  149.211 
PHE 'L-peptide linking' y PHENYLALANINE ?       'C9 H11 N O2'    165.189 
PRO 'L-peptide linking' y PROLINE ?       'C5 H9 N O2'     115.130 
SER 'L-peptide linking' y SERINE ?       'C3 H7 N O3'     105.093 
THR 'L-peptide linking' y THREONINE ?       'C4 H9 N O3'     119.119 
TRP 'L-peptide linking' y TRYPTOPHAN ?       'C11 H12 N2 O2'  204.225 
TYR 'L-peptide linking' y TYROSINE ?       'C9 H11 N O3'    181.189 
U04 non-polymer         . 
'({3-[1-(4-HYDROXY-2-OXO-2H-CHROMEN-3-YL)-PROPYL]-PHENYLCARBAMOYL}-METHYL)-CARBAMIC ACID TERT-BUTYL ESTER' U097410 'C25 H28 N2 O6' 
452.500 
VAL 'L-peptide linking' y VALINE ?       'C5 H11 N O2'    117.146 
# 
loop_
_pdbx_poly_seq_scheme.asym_id 
_pdbx_poly_seq_scheme.entity_id 
_pdbx_poly_seq_scheme.seq_id 
_pdbx_poly_seq_scheme.mon_id 
_pdbx_poly_seq_scheme.ndb_seq_num 
_pdbx_poly_seq_scheme.pdb_seq_num 
_pdbx_poly_seq_scheme.auth_seq_num 
_pdbx_poly_seq_scheme.pdb_mon_id 
_pdbx_poly_seq_scheme.auth_mon_id 
_pdbx_poly_seq_scheme.pdb_strand_id 
_pdbx_poly_seq_scheme.pdb_ins_code 
_pdbx_poly_seq_scheme.hetero 
A 1 1  PRO 1  1  1  PRO PRO A . n 
A 1 2  GLN 2  2  2  GLN GLN A . n 
A 1 3  PHE 3  3  3  PHE PHE A . n 
A 1 4  SER 4  4  4  SER SER A . n 
A 1 5  LEU 5  5  5  LEU LEU A . n 
A 1 6  TRP 6  6  6  TRP TRP A . n 
A 1 7  LYS 7  7  7  LYS LYS A . n 
A 1 8  ARG 8  8  8  ARG ARG A . n 
A 1 9  PRO 9  9  9  PRO PRO A . n 
A 1 10 VAL 10 10 10 VAL VAL A . n 
A 1 11 VAL 11 11 11 VAL VAL A . n 
A 1 12 THR 12 12 12 THR THR A . n 
A 1 13 ALA 13 13 13 ALA ALA A . n 
A 1 14 TYR 14 14 14 TYR TYR A . n 
A 1 15 ILE 15 15 15 ILE ILE A . n 
A 1 16 GLU 16 16 16 GLU GLU A . n 
A 1 17 GLY 17 17 17 GLY GLY A . n 
A 1 18 GLN 18 18 18 GLN GLN A . n 
A 1 19 PRO 19 19 19 PRO PRO A . n 
A 1 20 VAL 20 20 20 VAL VAL A . n 
A 1 21 GLU 21 21 21 GLU GLU A . n 
A 1 22 VAL 22 22 22 VAL VAL A . n 
A 1 23 LEU 23 23 23 LEU LEU A . n 
A 1 24 LEU 24 24 24 LEU LEU A . n 
A 1 25 ASP 25 25 25 ASP ASP A . n 
A 1 26 THR 26 26 26 THR THR A . n 
A 1 27 GLY 27 27 27 GLY GLY A . n 
A 1 28 ALA 28 28 28 ALA ALA A . n 
A 1 29 ASP 29 29 29 ASP ASP A . n 
A 1 30 ASP 30 30 30 ASP ASP A . n 
A 1 31 SER 31 31 31 SER SER A . n 
A 1 32 ILE 32 32 32 ILE ILE A . n 
A 1 33 VAL 33 33 33 VAL VAL A . n 
A 1 34 ALA 34 34 34 ALA ALA A . n 
A 1 35 GLY 35 35 35 GLY GLY A . n 
A 1 36 ILE 36 36 36 ILE ILE A . n 
A 1 37 GLU 37 37 37 GLU GLU A . n 
A 1 38 LEU 38 38 38 LEU LEU A . n 
A 1 39 GLY 39 39 39 GLY GLY A . n 
A 1 40 ASN 40 40 40 ASN ASN A . n 
A 1 41 ASN 41 41 41 ASN ASN A . n 
A 1 42 TYR 42 42 42 TYR TYR A . n 
A 1 43 SER 43 43 43 SER SER A . n 
A 1 44 PRO 44 44 44 PRO PRO A . n 
A 1 45 LYS 45 45 45 LYS LYS A . n 
A 1 46 ILE 46 46 46 ILE ILE A . n 
A 1 47 VAL 47 47 47 VAL VAL A . n 
A 1 48 GLY 48 48 48 GLY GLY A . n 
A 1 49 GLY 49 49 49 GLY GLY A . n 
A 1 50 ILE 50 50 50 ILE ILE A . n 
A 1 51 GLY 51 51 51 GLY GLY A . n 
A 1 52 GLY 52 52 52 GLY GLY A . n 
A 1 53 PHE 53 53 53 PHE PHE A . n 
A 1 54 ILE 54 54 54 ILE ILE A . n 
A 1 55 ASN 55 55 55 ASN ASN A . n 
A 1 56 THR 56 56 56 THR THR A . n 
A 1 57 LEU 57 57 57 LEU LEU A . n 
A 1 58 GLU 58 58 58 GLU GLU A . n 
A 1 59 TYR 59 59 59 TYR TYR A . n 
A 1 60 LYS 60 60 60 LYS LYS A . n 
A 1 61 ASN 61 61 61 ASN ASN A . n 
A 1 62 VAL 62 62 62 VAL VAL A . n 
A 1 63 GLU 63 63 63 GLU GLU A . n 
A 1 64 ILE 64 64 64 ILE ILE A . n 
A 1 65 GLU 65 65 65 GLU GLU A . n 
A 1 66 VAL 66 66 66 VAL VAL A . n 
A 1 67 LEU 67 67 67 LEU LEU A . n 
A 1 68 ASN 68 68 68 ASN ASN A . n 
A 1 69 LYS 69 69 69 LYS LYS A . n 
A 1 70 LYS 70 70 70 LYS LYS A . n 
A 1 71 VAL 71 71 71 VAL VAL A . n 
A 1 72 ARG 72 72 72 ARG ARG A . n 
A 1 73 ALA 73 73 73 ALA ALA A . n 
A 1 74 THR 74 74 74 THR THR A . n 
A 1 75 ILE 75 75 75 ILE ILE A . n 
A 1 76 MET 76 76 76 MET MET A . n 
A 1 77 THR 77 77 77 THR THR A . n 
A 1 78 GLY 78 78 78 GLY GLY A . n 
A 1 79 ASP 79 79 79 ASP ASP A . n 
A 1 80 THR 80 80 80 THR THR A . n 
A 1 81 PRO 81 81 81 PRO PRO A . n 
A 1 82 ILE 82 82 82 ILE ILE A . n 
A 1 83 ASN 83 83 83 ASN ASN A . n 
A 1 84 ILE 84 84 84 ILE ILE A . n 
A 1 85 PHE 85 85 85 PHE PHE A . n 
A 1 86 GLY 86 86 86 GLY GLY A . n 
A 1 87 ARG 87 87 87 ARG ARG A . n 
A 1 88 ASN 88 88 88 ASN ASN A . n 
A 1 89 ILE 89 89 89 ILE ILE A . n 
A 1 90 LEU 90 90 90 LEU LEU A . n 
A 1 91 THR 91 91 91 THR THR A . n 
A 1 92 ALA 92 92 92 ALA ALA A . n 
A 1 93 LEU 93 93 93 LEU LEU A . n 
A 1 94 GLY 94 94 94 GLY GLY A . n 
A 1 95 MET 95 95 95 MET MET A . n 
A 1 96 SER 96 96 96 SER SER A . n 
A 1 97 LEU 97 97 97 LEU LEU A . n 
A 1 98 ASN 98 98 98 ASN ASN A . n 
A 1 99 LEU 99 99 99 LEU LEU A . n 
B 1 1  PRO 1  1  1  PRO PRO B . n 
B 1 2  GLN 2  2  2  GLN GLN B . n 
B 1 3  PHE 3  3  3  PHE PHE B . n 
B 1 4  SER 4  4  4  SER SER B . n 
B 1 5  LEU 5  5  5  LEU LEU B . n 
B 1 6  TRP 6  6  6  TRP TRP B . n 
B 1 7  LYS 7  7  7  LYS LYS B . n 
B 1 8  ARG 8  8  8  ARG ARG B . n 
B 1 9  PRO 9  9  9  PRO PRO B . n 
B 1 10 VAL 10 10 10 VAL VAL B . n 
B 1 11 VAL 11 11 11 VAL VAL B . n 
B 1 12 THR 12 12 12 THR THR B . n 
B 1 13 ALA 13 13 13 ALA ALA B . n 
B 1 14 TYR 14 14 14 TYR TYR B . n 
B 1 15 ILE 15 15 15 ILE ILE B . n 
B 1 16 GLU 16 16 16 GLU GLU B . n 
B 1 17 GLY 17 17 17 GLY GLY B . n 
B 1 18 GLN 18 18 18 GLN GLN B . n 
B 1 19 PRO 19 19 19 PRO PRO B . n 
B 1 20 VAL 20 20 20 VAL VAL B . n 
B 1 21 GLU 21 21 21 GLU GLU B . n 
B 1 22 VAL 22 22 22 VAL VAL B . n 
B 1 23 LEU 23 23 23 LEU LEU B . n 
B 1 24 LEU 24 24 24 LEU LEU B . n 
B 1 25 ASP 25 25 25 ASP ASP B . n 
B 1 26 THR 26 26 26 THR THR B . n 
B 1 27 GLY 27 27 27 GLY GLY B . n 
B 1 28 ALA 28 28 28 ALA ALA B . n 
B 1 29 ASP 29 29 29 ASP ASP B . n 
B 1 30 ASP 30 30 30 ASP ASP B . n 
B 1 31 SER 31 31 31 SER SER B . n 
B 1 32 ILE 32 32 32 ILE ILE B . n 
B 1 33 VAL 33 33 33 VAL VAL B . n 
B 1 34 ALA 34 34 34 ALA ALA B . n 
B 1 35 GLY 35 35 35 GLY GLY B . n 
B 1 36 ILE 36 36 36 ILE ILE B . n 
B 1 37 GLU 37 37 37 GLU GLU B . n 
B 1 38 LEU 38 38 38 LEU LEU B . n 
B 1 39 GLY 39 39 39 GLY GLY B . n 
B 1 40 ASN 40 40 40 ASN ASN B . n 
B 1 41 ASN 41 41 41 ASN ASN B . n 
B 1 42 TYR 42 42 42 TYR TYR B . n 
B 1 43 SER 43 43 43 SER SER B . n 
B 1 44 PRO 44 44 44 PRO PRO B . n 
B 1 45 LYS 45 45 45 LYS LYS B . n 
B 1 46 ILE 46 46 46 ILE ILE B . n 
B 1 47 VAL 47 47 47 VAL VAL B . n 
B 1 48 GLY 48 48 48 GLY GLY B . n 
B 1 49 GLY 49 49 49 GLY GLY B . n 
B 1 50 ILE 50 50 50 ILE ILE B . n 
B 1 51 GLY 51 51 51 GLY GLY B . n 
B 1 52 GLY 52 52 52 GLY GLY B . n 
B 1 53 PHE 53 53 53 PHE PHE B . n 
B 1 54 ILE 54 54 54 ILE ILE B . n 
B 1 55 ASN 55 55 55 ASN ASN B . n 
B 1 56 THR 56 56 56 THR THR B . n 
B 1 57 LEU 57 57 57 LEU LEU B . n 
B 1 58 GLU 58 58 58 GLU GLU B . n 
B 1 59 TYR 59 59 59 TYR TYR B . n 
B 1 60 LYS 60 60 60 LYS LYS B . n 
B 1 61 ASN 61 61 61 ASN ASN B . n 
B 1 62 VAL 62 62 62 VAL VAL B . n 
B 1 63 GLU 63 63 63 GLU GLU B . n 
B 1 64 ILE 64 64 64 ILE ILE B . n 
B 1 65 GLU 65 65 65 GLU GLU B . n 
B 1 66 VAL 66 66 66 VAL VAL B . n 
B 1 67 LEU 67 67 67 LEU LEU B . n 
B 1 68 ASN 68 68 68 ASN ASN B . n 
B 1 69 LYS 69 69 69 LYS LYS B . n 
B 1 70 LYS 70 70 70 LYS LYS B . n 
B 1 71 VAL 71 71 71 VAL VAL B . n 
B 1 72 ARG 72 72 72 ARG ARG B . n 
B 1 73 ALA 73 73 73 ALA ALA B . n 
B 1 74 THR 74 74 74 THR THR B . n 
B 1 75 ILE 75 75 75 ILE ILE B . n 
B 1 76 MET 76 76 76 MET MET B . n 
B 1 77 THR 77 77 77 THR THR B . n 
B 1 78 GLY 78 78 78 GLY GLY B . n 
B 1 79 ASP 79 79 79 ASP ASP B . n 
B 1 80 THR 80 80 80 THR THR B . n 
B 1 81 PRO 81 81 81 PRO PRO B . n 
B 1 82 ILE 82 82 82 ILE ILE B . n 
B 1 83 ASN 83 83 83 ASN ASN B . n 
B 1 84 ILE 84 84 84 ILE ILE B . n 
B 1 85 PHE 85 85 85 PHE PHE B . n 
B 1 86 GLY 86 86 86 GLY GLY B . n 
B 1 87 ARG 87 87 87 ARG ARG B . n 
B 1 88 ASN 88 88 88 ASN ASN B . n 
B 1 89 ILE 89 89 89 ILE ILE B . n 
B 1 90 LEU 90 90 90 LEU LEU B . n 
B 1 91 THR 91 91 91 THR THR B . n 
B 1 92 ALA 92 92 92 ALA ALA B . n 
B 1 93 LEU 93 93 93 LEU LEU B . n 
B 1 94 GLY 94 94 94 GLY GLY B . n 
B 1 95 MET 95 95 95 MET MET B . n 
B 1 96 SER 96 96 96 SER SER B . n 
B 1 97 LEU 97 97 97 LEU LEU B . n 
B 1 98 ASN 98 98 98 ASN ASN B . n 
B 1 99 LEU 99 99 99 LEU LEU B . n 
# 
loop_
_pdbx_nonpoly_scheme.asym_id 
_pdbx_nonpoly_scheme.entity_id 
_pdbx_nonpoly_scheme.mon_id 
_pdbx_nonpoly_scheme.ndb_seq_num 
_pdbx_nonpoly_scheme.pdb_seq_num 
_pdbx_nonpoly_scheme.auth_seq_num 
_pdbx_nonpoly_scheme.pdb_mon_id 
_pdbx_nonpoly_scheme.auth_mon_id 
_pdbx_nonpoly_scheme.pdb_strand_id 
_pdbx_nonpoly_scheme.pdb_ins_code 
C 2 U04 1  100 1   U04 U04 A . 
D 3 HOH 1  302 302 HOH HOH A . 
D 3 HOH 2  303 303 HOH HOH A . 
D 3 HOH 3  304 304 HOH HOH A . 
D 3 HOH 4  307 307 HOH HOH A . 
D 3 HOH 5  310 310 HOH HOH A . 
D 3 HOH 6  311 311 HOH HOH A . 
D 3 HOH 7  314 314 HOH HOH A . 
D 3 HOH 8  315 315 HOH HOH A . 
D 3 HOH 9  316 316 HOH HOH A . 
D 3 HOH 10 317 317 HOH HOH A . 
D 3 HOH 11 318 318 HOH HOH A . 
D 3 HOH 12 319 319 HOH HOH A . 
D 3 HOH 13 320 320 HOH HOH A . 
D 3 HOH 14 323 323 HOH HOH A . 
D 3 HOH 15 325 325 HOH HOH A . 
D 3 HOH 16 326 326 HOH HOH A . 
D 3 HOH 17 330 330 HOH HOH A . 
D 3 HOH 18 331 331 HOH HOH A . 
D 3 HOH 19 332 332 HOH HOH A . 
D 3 HOH 20 340 340 HOH HOH A . 
D 3 HOH 21 341 341 HOH HOH A . 
D 3 HOH 22 342 342 HOH HOH A . 
D 3 HOH 23 343 343 HOH HOH A . 
D 3 HOH 24 344 344 HOH HOH A . 
D 3 HOH 25 345 345 HOH HOH A . 
D 3 HOH 26 346 346 HOH HOH A . 
D 3 HOH 27 347 347 HOH HOH A . 
D 3 HOH 28 348 348 HOH HOH A . 
D 3 HOH 29 349 349 HOH HOH A . 
D 3 HOH 30 351 351 HOH HOH A . 
D 3 HOH 31 360 360 HOH HOH A . 
D 3 HOH 32 361 361 HOH HOH A . 
D 3 HOH 33 362 362 HOH HOH A . 
D 3 HOH 34 364 364 HOH HOH A . 
D 3 HOH 35 365 365 HOH HOH A . 
D 3 HOH 36 367 367 HOH HOH A . 
D 3 HOH 37 368 368 HOH HOH A . 
D 3 HOH 38 369 369 HOH HOH A . 
D 3 HOH 39 370 370 HOH HOH A . 
D 3 HOH 40 371 371 HOH HOH A . 
D 3 HOH 41 372 372 HOH HOH A . 
D 3 HOH 42 374 374 HOH HOH A . 
D 3 HOH 43 375 375 HOH HOH A . 
D 3 HOH 44 379 379 HOH HOH A . 
D 3 HOH 45 401 401 HOH HOH A . 
D 3 HOH 46 402 402 HOH HOH A . 
D 3 HOH 47 403 403 HOH HOH A . 
D 3 HOH 48 404 404 HOH HOH A . 
D 3 HOH 49 405 405 HOH HOH A . 
D 3 HOH 50 406 406 HOH HOH A . 
D 3 HOH 51 407 407 HOH HOH A . 
D 3 HOH 52 408 408 HOH HOH A . 
D 3 HOH 53 414 414 HOH HOH A . 
D 3 HOH 54 415 415 HOH HOH A . 
D 3 HOH 55 416 416 HOH HOH A . 
D 3 HOH 56 417 417 HOH HOH A . 
D 3 HOH 57 421 421 HOH HOH A . 
D 3 HOH 58 422 422 HOH HOH A . 
D 3 HOH 59 423 423 HOH HOH A . 
D 3 HOH 60 424 424 HOH HOH A . 
D 3 HOH 61 428 428 HOH HOH A . 
D 3 HOH 62 430 430 HOH HOH A . 
D 3 HOH 63 431 431 HOH HOH A . 
D 3 HOH 64 433 433 HOH HOH A . 
D 3 HOH 65 434 434 HOH HOH A . 
D 3 HOH 66 435 435 HOH HOH A . 
D 3 HOH 67 437 437 HOH HOH A . 
D 3 HOH 68 440 440 HOH HOH A . 
D 3 HOH 69 441 441 HOH HOH A . 
D 3 HOH 70 442 442 HOH HOH A . 
D 3 HOH 71 444 444 HOH HOH A . 
D 3 HOH 72 445 445 HOH HOH A . 
D 3 HOH 73 446 446 HOH HOH A . 
D 3 HOH 74 447 447 HOH HOH A . 
D 3 HOH 75 458 458 HOH HOH A . 
D 3 HOH 76 459 459 HOH HOH A . 
D 3 HOH 77 460 460 HOH HOH A . 
D 3 HOH 78 461 461 HOH HOH A . 
D 3 HOH 79 462 462 HOH HOH A . 
D 3 HOH 80 468 468 HOH HOH A . 
D 3 HOH 81 470 470 HOH HOH A . 
D 3 HOH 82 471 471 HOH HOH A . 
D 3 HOH 83 472 472 HOH HOH A . 
D 3 HOH 84 473 473 HOH HOH A . 
D 3 HOH 85 474 474 HOH HOH A . 
D 3 HOH 86 475 475 HOH HOH A . 
D 3 HOH 87 480 480 HOH HOH A . 
D 3 HOH 88 481 481 HOH HOH A . 
E 3 HOH 1  301 301 HOH HOH B . 
E 3 HOH 2  305 305 HOH HOH B . 
E 3 HOH 3  308 308 HOH HOH B . 
E 3 HOH 4  309 309 HOH HOH B . 
E 3 HOH 5  312 312 HOH HOH B . 
E 3 HOH 6  313 313 HOH HOH B . 
E 3 HOH 7  321 321 HOH HOH B . 
E 3 HOH 8  322 322 HOH HOH B . 
E 3 HOH 9  324 324 HOH HOH B . 
E 3 HOH 10 327 327 HOH HOH B . 
E 3 HOH 11 328 328 HOH HOH B . 
E 3 HOH 12 329 329 HOH HOH B . 
E 3 HOH 13 333 333 HOH HOH B . 
E 3 HOH 14 334 334 HOH HOH B . 
E 3 HOH 15 335 335 HOH HOH B . 
E 3 HOH 16 336 336 HOH HOH B . 
E 3 HOH 17 337 337 HOH HOH B . 
E 3 HOH 18 338 338 HOH HOH B . 
E 3 HOH 19 339 339 HOH HOH B . 
E 3 HOH 20 350 350 HOH HOH B . 
E 3 HOH 21 352 352 HOH HOH B . 
E 3 HOH 22 353 353 HOH HOH B . 
E 3 HOH 23 354 354 HOH HOH B . 
E 3 HOH 24 355 355 HOH HOH B . 
E 3 HOH 25 356 356 HOH HOH B . 
E 3 HOH 26 357 357 HOH HOH B . 
E 3 HOH 27 358 358 HOH HOH B . 
E 3 HOH 28 359 359 HOH HOH B . 
E 3 HOH 29 363 363 HOH HOH B . 
E 3 HOH 30 366 366 HOH HOH B . 
E 3 HOH 31 376 376 HOH HOH B . 
E 3 HOH 32 377 377 HOH HOH B . 
E 3 HOH 33 378 378 HOH HOH B . 
E 3 HOH 34 380 380 HOH HOH B . 
E 3 HOH 35 381 381 HOH HOH B . 
E 3 HOH 36 382 382 HOH HOH B . 
E 3 HOH 37 383 383 HOH HOH B . 
E 3 HOH 38 384 384 HOH HOH B . 
E 3 HOH 39 385 385 HOH HOH B . 
E 3 HOH 40 386 386 HOH HOH B . 
E 3 HOH 41 387 387 HOH HOH B . 
E 3 HOH 42 388 388 HOH HOH B . 
E 3 HOH 43 389 389 HOH HOH B . 
E 3 HOH 44 390 390 HOH HOH B . 
E 3 HOH 45 391 391 HOH HOH B . 
E 3 HOH 46 392 392 HOH HOH B . 
E 3 HOH 47 393 393 HOH HOH B . 
E 3 HOH 48 394 394 HOH HOH B . 
E 3 HOH 49 395 395 HOH HOH B . 
E 3 HOH 50 396 396 HOH HOH B . 
E 3 HOH 51 397 397 HOH HOH B . 
E 3 HOH 52 398 398 HOH HOH B . 
E 3 HOH 53 399 399 HOH HOH B . 
E 3 HOH 54 400 400 HOH HOH B . 
E 3 HOH 55 409 409 HOH HOH B . 
E 3 HOH 56 410 410 HOH HOH B . 
E 3 HOH 57 411 411 HOH HOH B . 
E 3 HOH 58 412 412 HOH HOH B . 
E 3 HOH 59 413 413 HOH HOH B . 
E 3 HOH 60 418 418 HOH HOH B . 
E 3 HOH 61 419 419 HOH HOH B . 
E 3 HOH 62 425 425 HOH HOH B . 
E 3 HOH 63 426 426 HOH HOH B . 
E 3 HOH 64 427 427 HOH HOH B . 
E 3 HOH 65 429 429 HOH HOH B . 
E 3 HOH 66 432 432 HOH HOH B . 
E 3 HOH 67 439 439 HOH HOH B . 
E 3 HOH 68 443 443 HOH HOH B . 
E 3 HOH 69 448 448 HOH HOH B . 
E 3 HOH 70 449 449 HOH HOH B . 
E 3 HOH 71 452 452 HOH HOH B . 
E 3 HOH 72 453 453 HOH HOH B . 
E 3 HOH 73 454 454 HOH HOH B . 
E 3 HOH 74 455 455 HOH HOH B . 
E 3 HOH 75 456 456 HOH HOH B . 
E 3 HOH 76 457 457 HOH HOH B . 
E 3 HOH 77 463 463 HOH HOH B . 
E 3 HOH 78 464 464 HOH HOH B . 
E 3 HOH 79 465 465 HOH HOH B . 
E 3 HOH 80 466 466 HOH HOH B . 
E 3 HOH 81 467 467 HOH HOH B . 
E 3 HOH 82 477 477 HOH HOH B . 
E 3 HOH 83 479 479 HOH HOH B . 
E 3 HOH 84 482 482 HOH HOH B . 
E 3 HOH 85 483 483 HOH HOH B . 
E 3 HOH 86 484 484 HOH HOH B . 
E 3 HOH 87 485 485 HOH HOH B . 
E 3 HOH 88 486 486 HOH HOH B . 
# 
loop_
_software.name 
_software.classification 
_software.version 
_software.citation_id 
_software.pdbx_ordinal 
MERLOT phasing          . ? 1 
CEDAR  refinement       . ? 2 
XENGEN 'data reduction' . ? 3 
XENGEN 'data scaling'   . ? 4 
# 
_cell.entry_id           4UPJ 
_cell.length_a           31.128 
_cell.length_b           45.312 
_cell.length_c           132.735 
_cell.angle_alpha        90.00 
_cell.angle_beta         90.00 
_cell.angle_gamma        90.00 
_cell.Z_PDB              8 
_cell.pdbx_unique_axis   ? 
_cell.length_a_esd       ? 
_cell.length_b_esd       ? 
_cell.length_c_esd       ? 
_cell.angle_alpha_esd    ? 
_cell.angle_beta_esd     ? 
_cell.angle_gamma_esd    ? 
# 
_symmetry.entry_id                         4UPJ 
_symmetry.space_group_name_H-M             'P 21 21 21' 
_symmetry.pdbx_full_space_group_name_H-M   ? 
_symmetry.cell_setting                     ? 
_symmetry.Int_Tables_number                19 
_symmetry.space_group_name_Hall            ? 
# 
_exptl.entry_id          4UPJ 
_exptl.method            'X-RAY DIFFRACTION' 
_exptl.crystals_number   1 
# 
_exptl_crystal.id                    1 
_exptl_crystal.density_meas          ? 
_exptl_crystal.density_Matthews      2.18 
_exptl_crystal.density_percent_sol   43.67 
_exptl_crystal.description           ? 
_exptl_crystal.F_000                 ? 
_exptl_crystal.preparation           ? 
# 
_exptl_crystal_grow.crystal_id      1 
_exptl_crystal_grow.method          ? 
_exptl_crystal_grow.temp            ? 
_exptl_crystal_grow.temp_details    ? 
_exptl_crystal_grow.pH              5.0 
_exptl_crystal_grow.pdbx_pH_range   ? 
_exptl_crystal_grow.pdbx_details    'pH 5.0' 
# 
_diffrn.id                     1 
_diffrn.ambient_temp           298 
_diffrn.ambient_temp_details   ? 
_diffrn.crystal_id             1 
# 
_diffrn_detector.diffrn_id              1 
_diffrn_detector.detector               'AREA DETECTOR' 
_diffrn_detector.type                   SIEMENS 
_diffrn_detector.pdbx_collection_date   1992-08-24 
_diffrn_detector.details                ? 
# 
_diffrn_radiation.diffrn_id                        1 
_diffrn_radiation.wavelength_id                    1 
_diffrn_radiation.pdbx_monochromatic_or_laue_m_l   M 
_diffrn_radiation.monochromator                    'GRAPHITE(002)' 
_diffrn_radiation.pdbx_diffrn_protocol             ? 
_diffrn_radiation.pdbx_scattering_type             x-ray 
# 
_diffrn_radiation_wavelength.id           1 
_diffrn_radiation_wavelength.wavelength   1.5418 
_diffrn_radiation_wavelength.wt           1.0 
# 
_diffrn_source.diffrn_id                   1 
_diffrn_source.source                      'ROTATING ANODE' 
_diffrn_source.type                        SIEMENS 
_diffrn_source.pdbx_synchrotron_site       ? 
_diffrn_source.pdbx_synchrotron_beamline   ? 
_diffrn_source.pdbx_wavelength             1.5418 
_diffrn_source.pdbx_wavelength_list        ? 
# 
_reflns.entry_id                     4UPJ 
_reflns.observed_criterion_sigma_I   0.0 
_reflns.observed_criterion_sigma_F   ? 
_reflns.d_resolution_low             10.0 
_reflns.d_resolution_high            1.9 
_reflns.number_obs                   12378 
_reflns.number_all                   ? 
_reflns.percent_possible_obs         78.6 
_reflns.pdbx_Rmerge_I_obs            0.1110000 
_reflns.pdbx_Rsym_value              ? 
_reflns.pdbx_netI_over_sigmaI        8.8 
_reflns.B_iso_Wilson_estimate        ? 
_reflns.pdbx_redundancy              4. 
_reflns.pdbx_ordinal                 1 
_reflns.pdbx_diffrn_id               1 
_reflns.R_free_details               ? 
_reflns.limit_h_max                  ? 
_reflns.limit_h_min                  ? 
_reflns.limit_k_max                  ? 
_reflns.limit_k_min                  ? 
_reflns.limit_l_max                  ? 
_reflns.limit_l_min                  ? 
_reflns.observed_criterion_F_max     ? 
_reflns.observed_criterion_F_min     ? 
_reflns.pdbx_chi_squared             ? 
_reflns.pdbx_scaling_rejects         ? 
# 
_reflns_shell.d_res_high             1.9 
_reflns_shell.d_res_low              2.0 
_reflns_shell.percent_possible_all   56.6 
_reflns_shell.Rmerge_I_obs           0.4070000 
_reflns_shell.pdbx_Rsym_value        ? 
_reflns_shell.meanI_over_sigI_obs    2.1 
_reflns_shell.pdbx_redundancy        2.6 
_reflns_shell.pdbx_ordinal           1 
_reflns_shell.pdbx_diffrn_id         1 
_reflns_shell.percent_possible_obs   ? 
_reflns_shell.number_unique_all      ? 
_reflns_shell.number_measured_all    ? 
_reflns_shell.number_measured_obs    ? 
_reflns_shell.number_unique_obs      ? 
_reflns_shell.pdbx_chi_squared       ? 
# 
_refine.entry_id                                 4UPJ 
_refine.ls_number_reflns_obs                     10697 
_refine.ls_number_reflns_all                     ? 
_refine.pdbx_ls_sigma_I                          ? 
_refine.pdbx_ls_sigma_F                          2.0 
_refine.pdbx_data_cutoff_high_absF               ? 
_refine.pdbx_data_cutoff_low_absF                ? 
_refine.pdbx_data_cutoff_high_rms_absF           ? 
_refine.ls_d_res_low                             10.0 
_refine.ls_d_res_high                            1.9 
_refine.ls_percent_reflns_obs                    ? 
_refine.ls_R_factor_obs                          ? 
_refine.ls_R_factor_all                          ? 
_refine.ls_R_factor_R_work                       0.2060000 
_refine.ls_R_factor_R_free                       ? 
_refine.ls_R_factor_R_free_error                 ? 
_refine.ls_R_factor_R_free_error_details         ? 
_refine.ls_percent_reflns_R_free                 ? 
_refine.ls_number_reflns_R_free                  ? 
_refine.ls_number_parameters                     ? 
_refine.ls_number_restraints                     ? 
_refine.occupancy_min                            ? 
_refine.occupancy_max                            ? 
_refine.B_iso_mean                               ? 
_refine.aniso_B[1][1]                            ? 
_refine.aniso_B[2][2]                            ? 
_refine.aniso_B[3][3]                            ? 
_refine.aniso_B[1][2]                            ? 
_refine.aniso_B[1][3]                            ? 
_refine.aniso_B[2][3]                            ? 
_refine.solvent_model_details                    ? 
_refine.solvent_model_param_ksol                 ? 
_refine.solvent_model_param_bsol                 ? 
_refine.pdbx_ls_cross_valid_method               ? 
_refine.details                                  'THERE IS NO ELECTRON DENSITY BEYOND CB OF RESIDUE GLU 37.' 
_refine.pdbx_starting_model                      'EARLIER STRUCTURE' 
_refine.pdbx_method_to_determine_struct          'MOLECULAR REPLACEMENT' 
_refine.pdbx_isotropic_thermal_model             ? 
_refine.pdbx_stereochemistry_target_values       ? 
_refine.pdbx_stereochem_target_val_spec_case     ? 
_refine.pdbx_R_Free_selection_details            ? 
_refine.pdbx_overall_ESU_R                       ? 
_refine.pdbx_overall_ESU_R_Free                  ? 
_refine.overall_SU_ML                            ? 
_refine.overall_SU_B                             ? 
_refine.pdbx_refine_id                           'X-RAY DIFFRACTION' 
_refine.pdbx_diffrn_id                           1 
_refine.ls_redundancy_reflns_obs                 ? 
_refine.pdbx_overall_phase_error                 ? 
_refine.B_iso_min                                ? 
_refine.B_iso_max                                ? 
_refine.correlation_coeff_Fo_to_Fc               ? 
_refine.correlation_coeff_Fo_to_Fc_free          ? 
_refine.pdbx_solvent_vdw_probe_radii             ? 
_refine.pdbx_solvent_ion_probe_radii             ? 
_refine.pdbx_solvent_shrinkage_radii             ? 
_refine.overall_SU_R_Cruickshank_DPI             ? 
_refine.overall_SU_R_free                        ? 
_refine.ls_wR_factor_R_free                      ? 
_refine.ls_wR_factor_R_work                      ? 
_refine.overall_FOM_free_R_set                   ? 
_refine.overall_FOM_work_R_set                   ? 
_refine.pdbx_TLS_residual_ADP_flag               ? 
_refine.pdbx_overall_SU_R_free_Cruickshank_DPI   ? 
_refine.pdbx_overall_SU_R_Blow_DPI               ? 
_refine.pdbx_overall_SU_R_free_Blow_DPI          ? 
# 
_refine_hist.pdbx_refine_id                   'X-RAY DIFFRACTION' 
_refine_hist.cycle_id                         LAST 
_refine_hist.pdbx_number_atoms_protein        1508 
_refine_hist.pdbx_number_atoms_nucleic_acid   0 
_refine_hist.pdbx_number_atoms_ligand         33 
_refine_hist.number_atoms_solvent             176 
_refine_hist.number_atoms_total               1717 
_refine_hist.d_res_high                       1.9 
_refine_hist.d_res_low                        10.0 
# 
loop_
_refine_ls_restr.type 
_refine_ls_restr.dev_ideal 
_refine_ls_restr.dev_ideal_target 
_refine_ls_restr.weight 
_refine_ls_restr.number 
_refine_ls_restr.pdbx_refine_id 
_refine_ls_restr.pdbx_restraint_function 
o_bond_d                0.018 ? ? ? 'X-RAY DIFFRACTION' ? 
o_bond_d_na             ?     ? ? ? 'X-RAY DIFFRACTION' ? 
o_bond_d_prot           ?     ? ? ? 'X-RAY DIFFRACTION' ? 
o_angle_d               ?     ? ? ? 'X-RAY DIFFRACTION' ? 
o_angle_d_na            ?     ? ? ? 'X-RAY DIFFRACTION' ? 
o_angle_d_prot          ?     ? ? ? 'X-RAY DIFFRACTION' ? 
o_angle_deg             2.582 ? ? ? 'X-RAY DIFFRACTION' ? 
o_angle_deg_na          ?     ? ? ? 'X-RAY DIFFRACTION' ? 
o_angle_deg_prot        ?     ? ? ? 'X-RAY DIFFRACTION' ? 
o_dihedral_angle_d      ?     ? ? ? 'X-RAY DIFFRACTION' ? 
o_dihedral_angle_d_na   ?     ? ? ? 'X-RAY DIFFRACTION' ? 
o_dihedral_angle_d_prot ?     ? ? ? 'X-RAY DIFFRACTION' ? 
o_improper_angle_d      ?     ? ? ? 'X-RAY DIFFRACTION' ? 
o_improper_angle_d_na   ?     ? ? ? 'X-RAY DIFFRACTION' ? 
o_improper_angle_d_prot ?     ? ? ? 'X-RAY DIFFRACTION' ? 
o_mcbond_it             ?     ? ? ? 'X-RAY DIFFRACTION' ? 
o_mcangle_it            ?     ? ? ? 'X-RAY DIFFRACTION' ? 
o_scbond_it             ?     ? ? ? 'X-RAY DIFFRACTION' ? 
o_scangle_it            ?     ? ? ? 'X-RAY DIFFRACTION' ? 
# 
_struct.entry_id                  4UPJ 
_struct.title                     
;HUMAN IMMUNODEFICIENCY VIRUS TYPE 2 PROTEASE MUTANT WITH LYS 57 REPLACED BY LEU (K57L) COMPLEX WITH U097410 [4-HYDROXY-3-[1-[3-[[[[(TERT-BUTYLOXYCARBONYL) AMINOMETHYL]CARBONYL]AMINO]PHENYL]PROPYL]COUMARIN
;
_struct.pdbx_model_details        ? 
_struct.pdbx_CASP_flag            ? 
_struct.pdbx_model_type_details   ? 
# 
_struct_keywords.entry_id        4UPJ 
_struct_keywords.pdbx_keywords   'HYDROLASE (ACID PROTEASE)' 
_struct_keywords.text            'HYDROLASE (ACID PROTEASE)' 
# 
loop_
_struct_asym.id 
_struct_asym.pdbx_blank_PDB_chainid_flag 
_struct_asym.pdbx_modified 
_struct_asym.entity_id 
_struct_asym.details 
A N N 1 ? 
B N N 1 ? 
C N N 2 ? 
D N N 3 ? 
E N N 3 ? 
# 
_struct_ref.id                         1 
_struct_ref.db_name                    UNP 
_struct_ref.db_code                    POL_HV2RO 
_struct_ref.entity_id                  1 
_struct_ref.pdbx_db_accession          P04584 
_struct_ref.pdbx_align_begin           1 
_struct_ref.pdbx_seq_one_letter_code   
;TGRFFRTGPLGKEAPQLPRGPSSAGADTNSTPSGSSSGSTGEIYAAREKTERAERETIQGSDRGLTAPRAGGDTIQGATN
RGLAAPQFSLWKRPVVTAYIEGQPVEVLLDTGADDSIVAGIELGNNYSPKIVGGIGGFINTKEYKNVEIEVLNKKVRATI
MTGDTPINIFGRNILTALGMSLNLPVAKVEPIKIMLKPGKDGPKLRQWPLTKEKIEALKEICEKMEKEGQLEEAPPTNPY
NTPTFAIKKKDKNKWRMLIDFRELNKVTQDFTEIQLGIPHPAGLAKKRRITVLDVGDAYFSIPLHEDFRPYTAFTLPSVN
NAEPGKRYIYKVLPQGWKGSPAIFQHTMRQVLEPFRKANKDVIIIQYMDDILIASDRTDLEHDRVVLQLKELLNGLGFST
PDEKFQKDPPYHWMGYELWPTKWKLQKIQLPQKEIWTVNDIQKLVGVLNWAAQLYPGIKTKHLCRLIRGKMTLTEEVQWT
ELAEAELEENRIILSQEQEGHYYQEEKELEATVQKDQENQWTYKIHQEEKILKVGKYAKVKNTHTNGIRLLAQVVQKIGK
EALVIWGRIPKFHLPVEREIWEQWWDNYWQVTWIPDWDFVSTPPLVRLAFNLVGDPIPGAETFYTDGSCNRQSKEGKAGY
VTDRGKDKVKKLEQTTNQQAELEAFAMALTDSGPKVNIIVDSQYVMGISASQPTESESKIVNQIIEEMIKKEAIYVAWVP
AHKGIGGNQEVDHLVSQGIRQVLFLEKIEPAQEEHEKYHSNVKELSHKFGIPNLVARQIVNSCAQCQQKGEAIHGQVNAE
LGTWQMDCTHLEGKIIIVAVHVASGFIEAEVIPQESGRQTALFLLKLASRWPITHLHTDNGANFTSQEVKMVAWWIGIEQ
SFGVPYNPQSQGVVEAMNHHLKNQISRIREQANTIETIVLMAIHCMNFKRRGGIGDMTPSERLINMITTEQEIQFLQAKN
SKLKDFRVYFREGRDQLWKGPGELLWKGEGAVLVKVGTDIKIIPRRKAKIIRDYGGRQEMDSGSHLEGAREDGEMA
;
_struct_ref.pdbx_db_isoform            ? 
# 
loop_
_struct_ref_seq.align_id 
_struct_ref_seq.ref_id 
_struct_ref_seq.pdbx_PDB_id_code 
_struct_ref_seq.pdbx_strand_id 
_struct_ref_seq.seq_align_beg 
_struct_ref_seq.pdbx_seq_align_beg_ins_code 
_struct_ref_seq.seq_align_end 
_struct_ref_seq.pdbx_seq_align_end_ins_code 
_struct_ref_seq.pdbx_db_accession 
_struct_ref_seq.db_align_beg 
_struct_ref_seq.pdbx_db_align_beg_ins_code 
_struct_ref_seq.db_align_end 
_struct_ref_seq.pdbx_db_align_end_ins_code 
_struct_ref_seq.pdbx_auth_seq_align_beg 
_struct_ref_seq.pdbx_auth_seq_align_end 
1 1 4UPJ A 1 ? 99 ? P04584 86 ? 184 ? 1 99 
2 1 4UPJ B 1 ? 99 ? P04584 86 ? 184 ? 1 99 
# 
loop_
_struct_ref_seq_dif.align_id 
_struct_ref_seq_dif.pdbx_pdb_id_code 
_struct_ref_seq_dif.mon_id 
_struct_ref_seq_dif.pdbx_pdb_strand_id 
_struct_ref_seq_dif.seq_num 
_struct_ref_seq_dif.pdbx_pdb_ins_code 
_struct_ref_seq_dif.pdbx_seq_db_name 
_struct_ref_seq_dif.pdbx_seq_db_accession_code 
_struct_ref_seq_dif.db_mon_id 
_struct_ref_seq_dif.pdbx_seq_db_seq_num 
_struct_ref_seq_dif.details 
_struct_ref_seq_dif.pdbx_auth_seq_num 
_struct_ref_seq_dif.pdbx_ordinal 
1 4UPJ LEU A 57 ? UNP P04584 LYS 142 'engineered mutation' 57 1 
2 4UPJ LEU B 57 ? UNP P04584 LYS 142 'engineered mutation' 57 2 
# 
_pdbx_struct_assembly.id                   1 
_pdbx_struct_assembly.details              author_and_software_defined_assembly 
_pdbx_struct_assembly.method_details       PISA 
_pdbx_struct_assembly.oligomeric_details   dimeric 
_pdbx_struct_assembly.oligomeric_count     2 
# 
loop_
_pdbx_struct_assembly_prop.biol_id 
_pdbx_struct_assembly_prop.type 
_pdbx_struct_assembly_prop.value 
_pdbx_struct_assembly_prop.details 
1 'ABSA (A^2)' 4420 ? 
1 MORE         -25  ? 
1 'SSA (A^2)'  9460 ? 
# 
_pdbx_struct_assembly_gen.assembly_id       1 
_pdbx_struct_assembly_gen.oper_expression   1 
_pdbx_struct_assembly_gen.asym_id_list      A,B,C,D,E 
# 
_pdbx_struct_oper_list.id                   1 
_pdbx_struct_oper_list.type                 'identity operation' 
_pdbx_struct_oper_list.name                 1_555 
_pdbx_struct_oper_list.symmetry_operation   x,y,z 
_pdbx_struct_oper_list.matrix[1][1]         1.0000000000 
_pdbx_struct_oper_list.matrix[1][2]         0.0000000000 
_pdbx_struct_oper_list.matrix[1][3]         0.0000000000 
_pdbx_struct_oper_list.vector[1]            0.0000000000 
_pdbx_struct_oper_list.matrix[2][1]         0.0000000000 
_pdbx_struct_oper_list.matrix[2][2]         1.0000000000 
_pdbx_struct_oper_list.matrix[2][3]         0.0000000000 
_pdbx_struct_oper_list.vector[2]            0.0000000000 
_pdbx_struct_oper_list.matrix[3][1]         0.0000000000 
_pdbx_struct_oper_list.matrix[3][2]         0.0000000000 
_pdbx_struct_oper_list.matrix[3][3]         1.0000000000 
_pdbx_struct_oper_list.vector[3]            0.0000000000 
# 
_struct_biol.id        1 
_struct_biol.details   ? 
# 
loop_
_struct_conf.conf_type_id 
_struct_conf.id 
_struct_conf.pdbx_PDB_helix_id 
_struct_conf.beg_label_comp_id 
_struct_conf.beg_label_asym_id 
_struct_conf.beg_label_seq_id 
_struct_conf.pdbx_beg_PDB_ins_code 
_struct_conf.end_label_comp_id 
_struct_conf.end_label_asym_id 
_struct_conf.end_label_seq_id 
_struct_conf.pdbx_end_PDB_ins_code 
_struct_conf.beg_auth_comp_id 
_struct_conf.beg_auth_asym_id 
_struct_conf.beg_auth_seq_id 
_struct_conf.end_auth_comp_id 
_struct_conf.end_auth_asym_id 
_struct_conf.end_auth_seq_id 
_struct_conf.pdbx_PDB_helix_class 
_struct_conf.details 
_struct_conf.pdbx_PDB_helix_length 
HELX_P HELX_P1 H1 GLY A 86 ? LEU A 93 ? GLY A 86 LEU A 93 1 ? 8 
HELX_P HELX_P2 H2 GLY B 86 ? LEU B 93 ? GLY B 86 LEU B 93 1 ? 8 
# 
_struct_conf_type.id          HELX_P 
_struct_conf_type.criteria    ? 
_struct_conf_type.reference   ? 
# 
loop_
_struct_sheet.id 
_struct_sheet.type 
_struct_sheet.number_strands 
_struct_sheet.details 
S1 ? 4 ? 
S2 ? 4 ? 
S3 ? 4 ? 
# 
loop_
_struct_sheet_order.sheet_id 
_struct_sheet_order.range_id_1 
_struct_sheet_order.range_id_2 
_struct_sheet_order.offset 
_struct_sheet_order.sense 
S1 1 2 ? anti-parallel 
S1 2 3 ? anti-parallel 
S1 3 4 ? anti-parallel 
S2 1 2 ? anti-parallel 
S2 2 3 ? anti-parallel 
S2 3 4 ? anti-parallel 
S3 1 2 ? anti-parallel 
S3 2 3 ? anti-parallel 
S3 3 4 ? anti-parallel 
# 
loop_
_struct_sheet_range.sheet_id 
_struct_sheet_range.id 
_struct_sheet_range.beg_label_comp_id 
_struct_sheet_range.beg_label_asym_id 
_struct_sheet_range.beg_label_seq_id 
_struct_sheet_range.pdbx_beg_PDB_ins_code 
_struct_sheet_range.end_label_comp_id 
_struct_sheet_range.end_label_asym_id 
_struct_sheet_range.end_label_seq_id 
_struct_sheet_range.pdbx_end_PDB_ins_code 
_struct_sheet_range.beg_auth_comp_id 
_struct_sheet_range.beg_auth_asym_id 
_struct_sheet_range.beg_auth_seq_id 
_struct_sheet_range.end_auth_comp_id 
_struct_sheet_range.end_auth_asym_id 
_struct_sheet_range.end_auth_seq_id 
S1 1 PRO A 1  ? PHE A 3  ? PRO A 1  PHE A 3  
S1 2 MET B 95 ? LEU B 99 ? MET B 95 LEU B 99 
S1 3 MET A 95 ? LEU A 99 ? MET A 95 LEU A 99 
S1 4 PRO B 1  ? SER B 4  ? PRO B 1  SER B 4  
S2 1 GLN A 18 ? LEU A 24 ? GLN A 18 LEU A 24 
S2 2 ALA A 13 ? PRO A 19 ? ALA A 13 PRO A 19 
S2 3 VAL A 62 ? GLU A 65 ? VAL A 62 GLU A 65 
S2 4 LYS A 69 ? ALA A 73 ? LYS A 69 ALA A 73 
S3 1 GLN B 18 ? LEU B 24 ? GLN B 18 LEU B 24 
S3 2 ALA B 13 ? PRO B 19 ? ALA B 13 PRO B 19 
S3 3 VAL B 62 ? GLU B 65 ? VAL B 62 GLU B 65 
S3 4 LYS B 69 ? ALA B 73 ? LYS B 69 ALA B 73 
# 
loop_
_pdbx_struct_sheet_hbond.sheet_id 
_pdbx_struct_sheet_hbond.range_id_1 
_pdbx_struct_sheet_hbond.range_id_2 
_pdbx_struct_sheet_hbond.range_1_label_atom_id 
_pdbx_struct_sheet_hbond.range_1_label_comp_id 
_pdbx_struct_sheet_hbond.range_1_label_asym_id 
_pdbx_struct_sheet_hbond.range_1_label_seq_id 
_pdbx_struct_sheet_hbond.range_1_PDB_ins_code 
_pdbx_struct_sheet_hbond.range_1_auth_atom_id 
_pdbx_struct_sheet_hbond.range_1_auth_comp_id 
_pdbx_struct_sheet_hbond.range_1_auth_asym_id 
_pdbx_struct_sheet_hbond.range_1_auth_seq_id 
_pdbx_struct_sheet_hbond.range_2_label_atom_id 
_pdbx_struct_sheet_hbond.range_2_label_comp_id 
_pdbx_struct_sheet_hbond.range_2_label_asym_id 
_pdbx_struct_sheet_hbond.range_2_label_seq_id 
_pdbx_struct_sheet_hbond.range_2_PDB_ins_code 
_pdbx_struct_sheet_hbond.range_2_auth_atom_id 
_pdbx_struct_sheet_hbond.range_2_auth_comp_id 
_pdbx_struct_sheet_hbond.range_2_auth_asym_id 
_pdbx_struct_sheet_hbond.range_2_auth_seq_id 
S1 1 2 O PHE A 3  ? O PHE A 3  N LEU B 97 ? N LEU B 97 
S1 2 3 O ASN B 98 ? O ASN B 98 N SER A 96 ? N SER A 96 
S1 3 4 O LEU A 97 ? O LEU A 97 N PHE B 3  ? N PHE B 3  
S2 1 2 O VAL A 20 ? O VAL A 20 N ALA A 13 ? N ALA A 13 
S2 2 3 O TYR A 14 ? O TYR A 14 N GLU A 65 ? N GLU A 65 
S2 3 4 O ILE A 64 ? O ILE A 64 N VAL A 71 ? N VAL A 71 
S3 1 2 O VAL B 20 ? O VAL B 20 N ALA B 13 ? N ALA B 13 
S3 2 3 O TYR B 14 ? O TYR B 14 N GLU B 65 ? N GLU B 65 
S3 3 4 O ILE B 64 ? O ILE B 64 N VAL B 71 ? N VAL B 71 
# 
_struct_site.id                   AC1 
_struct_site.pdbx_evidence_code   Software 
_struct_site.pdbx_auth_asym_id    A 
_struct_site.pdbx_auth_comp_id    U04 
_struct_site.pdbx_auth_seq_id     100 
_struct_site.pdbx_auth_ins_code   ? 
_struct_site.pdbx_num_residues    18 
_struct_site.details              'BINDING SITE FOR RESIDUE U04 A 100' 
# 
loop_
_struct_site_gen.id 
_struct_site_gen.site_id 
_struct_site_gen.pdbx_num_res 
_struct_site_gen.label_comp_id 
_struct_site_gen.label_asym_id 
_struct_site_gen.label_seq_id 
_struct_site_gen.pdbx_auth_ins_code 
_struct_site_gen.auth_comp_id 
_struct_site_gen.auth_asym_id 
_struct_site_gen.auth_seq_id 
_struct_site_gen.label_atom_id 
_struct_site_gen.label_alt_id 
_struct_site_gen.symmetry 
_struct_site_gen.details 
1  AC1 18 PRO A 1  ? PRO A 1   . ? 1_455 ? 
2  AC1 18 ASP A 25 ? ASP A 25  . ? 1_555 ? 
3  AC1 18 ALA A 28 ? ALA A 28  . ? 1_555 ? 
4  AC1 18 ASP A 29 ? ASP A 29  . ? 1_555 ? 
5  AC1 18 ASP A 30 ? ASP A 30  . ? 1_555 ? 
6  AC1 18 VAL A 47 ? VAL A 47  . ? 1_555 ? 
7  AC1 18 GLY A 48 ? GLY A 48  . ? 1_555 ? 
8  AC1 18 GLY A 49 ? GLY A 49  . ? 1_555 ? 
9  AC1 18 ILE A 50 ? ILE A 50  . ? 1_555 ? 
10 AC1 18 ILE A 82 ? ILE A 82  . ? 1_555 ? 
11 AC1 18 ILE A 84 ? ILE A 84  . ? 1_555 ? 
12 AC1 18 HOH D .  ? HOH A 434 . ? 1_455 ? 
13 AC1 18 ARG B 8  ? ARG B 8   . ? 1_555 ? 
14 AC1 18 ASP B 25 ? ASP B 25  . ? 1_555 ? 
15 AC1 18 GLY B 27 ? GLY B 27  . ? 1_555 ? 
16 AC1 18 GLY B 49 ? GLY B 49  . ? 1_555 ? 
17 AC1 18 ILE B 50 ? ILE B 50  . ? 1_555 ? 
18 AC1 18 ILE B 84 ? ILE B 84  . ? 1_555 ? 
# 
loop_
_pdbx_validate_torsion.id 
_pdbx_validate_torsion.PDB_model_num 
_pdbx_validate_torsion.auth_comp_id 
_pdbx_validate_torsion.auth_asym_id 
_pdbx_validate_torsion.auth_seq_id 
_pdbx_validate_torsion.PDB_ins_code 
_pdbx_validate_torsion.label_alt_id 
_pdbx_validate_torsion.phi 
_pdbx_validate_torsion.psi 
1 1 ASN A 41 ? ? -101.09 70.36 
2 1 ASN B 41 ? ? -110.15 75.81 
# 
_pdbx_entry_details.entry_id                 4UPJ 
_pdbx_entry_details.compound_details         ? 
_pdbx_entry_details.source_details           ? 
_pdbx_entry_details.nonpolymer_details       
;REGARDING RESIDUE U04 [THE INHIBITOR]:  ATOMS OA2 AND OA3
ARE, RESPECTIVELY, THE CARBONYL OXYGEN AND RING OXYGEN OF
THE LACTONIC FUNCTION.  THE ATOM OA9 IS THE HYDROXYLIC
OXYGEN OF THE COUMARIN TEMPLATE.
;
_pdbx_entry_details.sequence_details         ? 
_pdbx_entry_details.has_ligand_of_interest   ? 
# 
loop_
_chem_comp_atom.comp_id 
_chem_comp_atom.atom_id 
_chem_comp_atom.type_symbol 
_chem_comp_atom.pdbx_aromatic_flag 
_chem_comp_atom.pdbx_stereo_config 
_chem_comp_atom.pdbx_ordinal 
ALA N    N N N 1   
ALA CA   C N S 2   
ALA C    C N N 3   
ALA O    O N N 4   
ALA CB   C N N 5   
ALA OXT  O N N 6   
ALA H    H N N 7   
ALA H2   H N N 8   
ALA HA   H N N 9   
ALA HB1  H N N 10  
ALA HB2  H N N 11  
ALA HB3  H N N 12  
ALA HXT  H N N 13  
ARG N    N N N 14  
ARG CA   C N S 15  
ARG C    C N N 16  
ARG O    O N N 17  
ARG CB   C N N 18  
ARG CG   C N N 19  
ARG CD   C N N 20  
ARG NE   N N N 21  
ARG CZ   C N N 22  
ARG NH1  N N N 23  
ARG NH2  N N N 24  
ARG OXT  O N N 25  
ARG H    H N N 26  
ARG H2   H N N 27  
ARG HA   H N N 28  
ARG HB2  H N N 29  
ARG HB3  H N N 30  
ARG HG2  H N N 31  
ARG HG3  H N N 32  
ARG HD2  H N N 33  
ARG HD3  H N N 34  
ARG HE   H N N 35  
ARG HH11 H N N 36  
ARG HH12 H N N 37  
ARG HH21 H N N 38  
ARG HH22 H N N 39  
ARG HXT  H N N 40  
ASN N    N N N 41  
ASN CA   C N S 42  
ASN C    C N N 43  
ASN O    O N N 44  
ASN CB   C N N 45  
ASN CG   C N N 46  
ASN OD1  O N N 47  
ASN ND2  N N N 48  
ASN OXT  O N N 49  
ASN H    H N N 50  
ASN H2   H N N 51  
ASN HA   H N N 52  
ASN HB2  H N N 53  
ASN HB3  H N N 54  
ASN HD21 H N N 55  
ASN HD22 H N N 56  
ASN HXT  H N N 57  
ASP N    N N N 58  
ASP CA   C N S 59  
ASP C    C N N 60  
ASP O    O N N 61  
ASP CB   C N N 62  
ASP CG   C N N 63  
ASP OD1  O N N 64  
ASP OD2  O N N 65  
ASP OXT  O N N 66  
ASP H    H N N 67  
ASP H2   H N N 68  
ASP HA   H N N 69  
ASP HB2  H N N 70  
ASP HB3  H N N 71  
ASP HD2  H N N 72  
ASP HXT  H N N 73  
GLN N    N N N 74  
GLN CA   C N S 75  
GLN C    C N N 76  
GLN O    O N N 77  
GLN CB   C N N 78  
GLN CG   C N N 79  
GLN CD   C N N 80  
GLN OE1  O N N 81  
GLN NE2  N N N 82  
GLN OXT  O N N 83  
GLN H    H N N 84  
GLN H2   H N N 85  
GLN HA   H N N 86  
GLN HB2  H N N 87  
GLN HB3  H N N 88  
GLN HG2  H N N 89  
GLN HG3  H N N 90  
GLN HE21 H N N 91  
GLN HE22 H N N 92  
GLN HXT  H N N 93  
GLU N    N N N 94  
GLU CA   C N S 95  
GLU C    C N N 96  
GLU O    O N N 97  
GLU CB   C N N 98  
GLU CG   C N N 99  
GLU CD   C N N 100 
GLU OE1  O N N 101 
GLU OE2  O N N 102 
GLU OXT  O N N 103 
GLU H    H N N 104 
GLU H2   H N N 105 
GLU HA   H N N 106 
GLU HB2  H N N 107 
GLU HB3  H N N 108 
GLU HG2  H N N 109 
GLU HG3  H N N 110 
GLU HE2  H N N 111 
GLU HXT  H N N 112 
GLY N    N N N 113 
GLY CA   C N N 114 
GLY C    C N N 115 
GLY O    O N N 116 
GLY OXT  O N N 117 
GLY H    H N N 118 
GLY H2   H N N 119 
GLY HA2  H N N 120 
GLY HA3  H N N 121 
GLY HXT  H N N 122 
HOH O    O N N 123 
HOH H1   H N N 124 
HOH H2   H N N 125 
ILE N    N N N 126 
ILE CA   C N S 127 
ILE C    C N N 128 
ILE O    O N N 129 
ILE CB   C N S 130 
ILE CG1  C N N 131 
ILE CG2  C N N 132 
ILE CD1  C N N 133 
ILE OXT  O N N 134 
ILE H    H N N 135 
ILE H2   H N N 136 
ILE HA   H N N 137 
ILE HB   H N N 138 
ILE HG12 H N N 139 
ILE HG13 H N N 140 
ILE HG21 H N N 141 
ILE HG22 H N N 142 
ILE HG23 H N N 143 
ILE HD11 H N N 144 
ILE HD12 H N N 145 
ILE HD13 H N N 146 
ILE HXT  H N N 147 
LEU N    N N N 148 
LEU CA   C N S 149 
LEU C    C N N 150 
LEU O    O N N 151 
LEU CB   C N N 152 
LEU CG   C N N 153 
LEU CD1  C N N 154 
LEU CD2  C N N 155 
LEU OXT  O N N 156 
LEU H    H N N 157 
LEU H2   H N N 158 
LEU HA   H N N 159 
LEU HB2  H N N 160 
LEU HB3  H N N 161 
LEU HG   H N N 162 
LEU HD11 H N N 163 
LEU HD12 H N N 164 
LEU HD13 H N N 165 
LEU HD21 H N N 166 
LEU HD22 H N N 167 
LEU HD23 H N N 168 
LEU HXT  H N N 169 
LYS N    N N N 170 
LYS CA   C N S 171 
LYS C    C N N 172 
LYS O    O N N 173 
LYS CB   C N N 174 
LYS CG   C N N 175 
LYS CD   C N N 176 
LYS CE   C N N 177 
LYS NZ   N N N 178 
LYS OXT  O N N 179 
LYS H    H N N 180 
LYS H2   H N N 181 
LYS HA   H N N 182 
LYS HB2  H N N 183 
LYS HB3  H N N 184 
LYS HG2  H N N 185 
LYS HG3  H N N 186 
LYS HD2  H N N 187 
LYS HD3  H N N 188 
LYS HE2  H N N 189 
LYS HE3  H N N 190 
LYS HZ1  H N N 191 
LYS HZ2  H N N 192 
LYS HZ3  H N N 193 
LYS HXT  H N N 194 
MET N    N N N 195 
MET CA   C N S 196 
MET C    C N N 197 
MET O    O N N 198 
MET CB   C N N 199 
MET CG   C N N 200 
MET SD   S N N 201 
MET CE   C N N 202 
MET OXT  O N N 203 
MET H    H N N 204 
MET H2   H N N 205 
MET HA   H N N 206 
MET HB2  H N N 207 
MET HB3  H N N 208 
MET HG2  H N N 209 
MET HG3  H N N 210 
MET HE1  H N N 211 
MET HE2  H N N 212 
MET HE3  H N N 213 
MET HXT  H N N 214 
PHE N    N N N 215 
PHE CA   C N S 216 
PHE C    C N N 217 
PHE O    O N N 218 
PHE CB   C N N 219 
PHE CG   C Y N 220 
PHE CD1  C Y N 221 
PHE CD2  C Y N 222 
PHE CE1  C Y N 223 
PHE CE2  C Y N 224 
PHE CZ   C Y N 225 
PHE OXT  O N N 226 
PHE H    H N N 227 
PHE H2   H N N 228 
PHE HA   H N N 229 
PHE HB2  H N N 230 
PHE HB3  H N N 231 
PHE HD1  H N N 232 
PHE HD2  H N N 233 
PHE HE1  H N N 234 
PHE HE2  H N N 235 
PHE HZ   H N N 236 
PHE HXT  H N N 237 
PRO N    N N N 238 
PRO CA   C N S 239 
PRO C    C N N 240 
PRO O    O N N 241 
PRO CB   C N N 242 
PRO CG   C N N 243 
PRO CD   C N N 244 
PRO OXT  O N N 245 
PRO H    H N N 246 
PRO HA   H N N 247 
PRO HB2  H N N 248 
PRO HB3  H N N 249 
PRO HG2  H N N 250 
PRO HG3  H N N 251 
PRO HD2  H N N 252 
PRO HD3  H N N 253 
PRO HXT  H N N 254 
SER N    N N N 255 
SER CA   C N S 256 
SER C    C N N 257 
SER O    O N N 258 
SER CB   C N N 259 
SER OG   O N N 260 
SER OXT  O N N 261 
SER H    H N N 262 
SER H2   H N N 263 
SER HA   H N N 264 
SER HB2  H N N 265 
SER HB3  H N N 266 
SER HG   H N N 267 
SER HXT  H N N 268 
THR N    N N N 269 
THR CA   C N S 270 
THR C    C N N 271 
THR O    O N N 272 
THR CB   C N R 273 
THR OG1  O N N 274 
THR CG2  C N N 275 
THR OXT  O N N 276 
THR H    H N N 277 
THR H2   H N N 278 
THR HA   H N N 279 
THR HB   H N N 280 
THR HG1  H N N 281 
THR HG21 H N N 282 
THR HG22 H N N 283 
THR HG23 H N N 284 
THR HXT  H N N 285 
TRP N    N N N 286 
TRP CA   C N S 287 
TRP C    C N N 288 
TRP O    O N N 289 
TRP CB   C N N 290 
TRP CG   C Y N 291 
TRP CD1  C Y N 292 
TRP CD2  C Y N 293 
TRP NE1  N Y N 294 
TRP CE2  C Y N 295 
TRP CE3  C Y N 296 
TRP CZ2  C Y N 297 
TRP CZ3  C Y N 298 
TRP CH2  C Y N 299 
TRP OXT  O N N 300 
TRP H    H N N 301 
TRP H2   H N N 302 
TRP HA   H N N 303 
TRP HB2  H N N 304 
TRP HB3  H N N 305 
TRP HD1  H N N 306 
TRP HE1  H N N 307 
TRP HE3  H N N 308 
TRP HZ2  H N N 309 
TRP HZ3  H N N 310 
TRP HH2  H N N 311 
TRP HXT  H N N 312 
TYR N    N N N 313 
TYR CA   C N S 314 
TYR C    C N N 315 
TYR O    O N N 316 
TYR CB   C N N 317 
TYR CG   C Y N 318 
TYR CD1  C Y N 319 
TYR CD2  C Y N 320 
TYR CE1  C Y N 321 
TYR CE2  C Y N 322 
TYR CZ   C Y N 323 
TYR OH   O N N 324 
TYR OXT  O N N 325 
TYR H    H N N 326 
TYR H2   H N N 327 
TYR HA   H N N 328 
TYR HB2  H N N 329 
TYR HB3  H N N 330 
TYR HD1  H N N 331 
TYR HD2  H N N 332 
TYR HE1  H N N 333 
TYR HE2  H N N 334 
TYR HH   H N N 335 
TYR HXT  H N N 336 
U04 CA   C Y N 337 
U04 CA2  C Y N 338 
U04 CA3  C Y N 339 
U04 CA4  C Y N 340 
U04 CA5  C Y N 341 
U04 CA6  C Y N 342 
U04 CA7  C Y N 343 
U04 CA8  C Y N 344 
U04 CA9  C Y N 345 
U04 CB   C N R 346 
U04 CB1  C Y N 347 
U04 CB2  C Y N 348 
U04 CB3  C Y N 349 
U04 CB4  C Y N 350 
U04 CB5  C Y N 351 
U04 CB6  C Y N 352 
U04 CB7  C N N 353 
U04 CB8  C N N 354 
U04 CG1  C N N 355 
U04 CG2  C N N 356 
U04 CG3  C N N 357 
U04 CG4  C N N 358 
U04 CG5  C N N 359 
U04 CG6  C N N 360 
U04 CG7  C N N 361 
U04 NB5  N N N 362 
U04 NG2  N N N 363 
U04 OA2  O N N 364 
U04 OA3  O Y N 365 
U04 OA9  O N N 366 
U04 OG1  O N N 367 
U04 OG3  O N N 368 
U04 OG4  O N N 369 
U04 HA4  H N N 370 
U04 HA5  H N N 371 
U04 HA6  H N N 372 
U04 HA7  H N N 373 
U04 HB   H N N 374 
U04 HB2  H N N 375 
U04 HB3  H N N 376 
U04 HB4  H N N 377 
U04 HB6  H N N 378 
U04 HB71 H N N 379 
U04 HB72 H N N 380 
U04 HB81 H N N 381 
U04 HB82 H N N 382 
U04 HB83 H N N 383 
U04 HG21 H N N 384 
U04 HG22 H N N 385 
U04 HG51 H N N 386 
U04 HG52 H N N 387 
U04 HG53 H N N 388 
U04 HG61 H N N 389 
U04 HG62 H N N 390 
U04 HG63 H N N 391 
U04 HG71 H N N 392 
U04 HG72 H N N 393 
U04 HG73 H N N 394 
U04 HN5  H N N 395 
U04 HN2  H N N 396 
U04 HO9  H N N 397 
VAL N    N N N 398 
VAL CA   C N S 399 
VAL C    C N N 400 
VAL O    O N N 401 
VAL CB   C N N 402 
VAL CG1  C N N 403 
VAL CG2  C N N 404 
VAL OXT  O N N 405 
VAL H    H N N 406 
VAL H2   H N N 407 
VAL HA   H N N 408 
VAL HB   H N N 409 
VAL HG11 H N N 410 
VAL HG12 H N N 411 
VAL HG13 H N N 412 
VAL HG21 H N N 413 
VAL HG22 H N N 414 
VAL HG23 H N N 415 
VAL HXT  H N N 416 
# 
loop_
_chem_comp_bond.comp_id 
_chem_comp_bond.atom_id_1 
_chem_comp_bond.atom_id_2 
_chem_comp_bond.value_order 
_chem_comp_bond.pdbx_aromatic_flag 
_chem_comp_bond.pdbx_stereo_config 
_chem_comp_bond.pdbx_ordinal 
ALA N   CA   sing N N 1   
ALA N   H    sing N N 2   
ALA N   H2   sing N N 3   
ALA CA  C    sing N N 4   
ALA CA  CB   sing N N 5   
ALA CA  HA   sing N N 6   
ALA C   O    doub N N 7   
ALA C   OXT  sing N N 8   
ALA CB  HB1  sing N N 9   
ALA CB  HB2  sing N N 10  
ALA CB  HB3  sing N N 11  
ALA OXT HXT  sing N N 12  
ARG N   CA   sing N N 13  
ARG N   H    sing N N 14  
ARG N   H2   sing N N 15  
ARG CA  C    sing N N 16  
ARG CA  CB   sing N N 17  
ARG CA  HA   sing N N 18  
ARG C   O    doub N N 19  
ARG C   OXT  sing N N 20  
ARG CB  CG   sing N N 21  
ARG CB  HB2  sing N N 22  
ARG CB  HB3  sing N N 23  
ARG CG  CD   sing N N 24  
ARG CG  HG2  sing N N 25  
ARG CG  HG3  sing N N 26  
ARG CD  NE   sing N N 27  
ARG CD  HD2  sing N N 28  
ARG CD  HD3  sing N N 29  
ARG NE  CZ   sing N N 30  
ARG NE  HE   sing N N 31  
ARG CZ  NH1  sing N N 32  
ARG CZ  NH2  doub N N 33  
ARG NH1 HH11 sing N N 34  
ARG NH1 HH12 sing N N 35  
ARG NH2 HH21 sing N N 36  
ARG NH2 HH22 sing N N 37  
ARG OXT HXT  sing N N 38  
ASN N   CA   sing N N 39  
ASN N   H    sing N N 40  
ASN N   H2   sing N N 41  
ASN CA  C    sing N N 42  
ASN CA  CB   sing N N 43  
ASN CA  HA   sing N N 44  
ASN C   O    doub N N 45  
ASN C   OXT  sing N N 46  
ASN CB  CG   sing N N 47  
ASN CB  HB2  sing N N 48  
ASN CB  HB3  sing N N 49  
ASN CG  OD1  doub N N 50  
ASN CG  ND2  sing N N 51  
ASN ND2 HD21 sing N N 52  
ASN ND2 HD22 sing N N 53  
ASN OXT HXT  sing N N 54  
ASP N   CA   sing N N 55  
ASP N   H    sing N N 56  
ASP N   H2   sing N N 57  
ASP CA  C    sing N N 58  
ASP CA  CB   sing N N 59  
ASP CA  HA   sing N N 60  
ASP C   O    doub N N 61  
ASP C   OXT  sing N N 62  
ASP CB  CG   sing N N 63  
ASP CB  HB2  sing N N 64  
ASP CB  HB3  sing N N 65  
ASP CG  OD1  doub N N 66  
ASP CG  OD2  sing N N 67  
ASP OD2 HD2  sing N N 68  
ASP OXT HXT  sing N N 69  
GLN N   CA   sing N N 70  
GLN N   H    sing N N 71  
GLN N   H2   sing N N 72  
GLN CA  C    sing N N 73  
GLN CA  CB   sing N N 74  
GLN CA  HA   sing N N 75  
GLN C   O    doub N N 76  
GLN C   OXT  sing N N 77  
GLN CB  CG   sing N N 78  
GLN CB  HB2  sing N N 79  
GLN CB  HB3  sing N N 80  
GLN CG  CD   sing N N 81  
GLN CG  HG2  sing N N 82  
GLN CG  HG3  sing N N 83  
GLN CD  OE1  doub N N 84  
GLN CD  NE2  sing N N 85  
GLN NE2 HE21 sing N N 86  
GLN NE2 HE22 sing N N 87  
GLN OXT HXT  sing N N 88  
GLU N   CA   sing N N 89  
GLU N   H    sing N N 90  
GLU N   H2   sing N N 91  
GLU CA  C    sing N N 92  
GLU CA  CB   sing N N 93  
GLU CA  HA   sing N N 94  
GLU C   O    doub N N 95  
GLU C   OXT  sing N N 96  
GLU CB  CG   sing N N 97  
GLU CB  HB2  sing N N 98  
GLU CB  HB3  sing N N 99  
GLU CG  CD   sing N N 100 
GLU CG  HG2  sing N N 101 
GLU CG  HG3  sing N N 102 
GLU CD  OE1  doub N N 103 
GLU CD  OE2  sing N N 104 
GLU OE2 HE2  sing N N 105 
GLU OXT HXT  sing N N 106 
GLY N   CA   sing N N 107 
GLY N   H    sing N N 108 
GLY N   H2   sing N N 109 
GLY CA  C    sing N N 110 
GLY CA  HA2  sing N N 111 
GLY CA  HA3  sing N N 112 
GLY C   O    doub N N 113 
GLY C   OXT  sing N N 114 
GLY OXT HXT  sing N N 115 
HOH O   H1   sing N N 116 
HOH O   H2   sing N N 117 
ILE N   CA   sing N N 118 
ILE N   H    sing N N 119 
ILE N   H2   sing N N 120 
ILE CA  C    sing N N 121 
ILE CA  CB   sing N N 122 
ILE CA  HA   sing N N 123 
ILE C   O    doub N N 124 
ILE C   OXT  sing N N 125 
ILE CB  CG1  sing N N 126 
ILE CB  CG2  sing N N 127 
ILE CB  HB   sing N N 128 
ILE CG1 CD1  sing N N 129 
ILE CG1 HG12 sing N N 130 
ILE CG1 HG13 sing N N 131 
ILE CG2 HG21 sing N N 132 
ILE CG2 HG22 sing N N 133 
ILE CG2 HG23 sing N N 134 
ILE CD1 HD11 sing N N 135 
ILE CD1 HD12 sing N N 136 
ILE CD1 HD13 sing N N 137 
ILE OXT HXT  sing N N 138 
LEU N   CA   sing N N 139 
LEU N   H    sing N N 140 
LEU N   H2   sing N N 141 
LEU CA  C    sing N N 142 
LEU CA  CB   sing N N 143 
LEU CA  HA   sing N N 144 
LEU C   O    doub N N 145 
LEU C   OXT  sing N N 146 
LEU CB  CG   sing N N 147 
LEU CB  HB2  sing N N 148 
LEU CB  HB3  sing N N 149 
LEU CG  CD1  sing N N 150 
LEU CG  CD2  sing N N 151 
LEU CG  HG   sing N N 152 
LEU CD1 HD11 sing N N 153 
LEU CD1 HD12 sing N N 154 
LEU CD1 HD13 sing N N 155 
LEU CD2 HD21 sing N N 156 
LEU CD2 HD22 sing N N 157 
LEU CD2 HD23 sing N N 158 
LEU OXT HXT  sing N N 159 
LYS N   CA   sing N N 160 
LYS N   H    sing N N 161 
LYS N   H2   sing N N 162 
LYS CA  C    sing N N 163 
LYS CA  CB   sing N N 164 
LYS CA  HA   sing N N 165 
LYS C   O    doub N N 166 
LYS C   OXT  sing N N 167 
LYS CB  CG   sing N N 168 
LYS CB  HB2  sing N N 169 
LYS CB  HB3  sing N N 170 
LYS CG  CD   sing N N 171 
LYS CG  HG2  sing N N 172 
LYS CG  HG3  sing N N 173 
LYS CD  CE   sing N N 174 
LYS CD  HD2  sing N N 175 
LYS CD  HD3  sing N N 176 
LYS CE  NZ   sing N N 177 
LYS CE  HE2  sing N N 178 
LYS CE  HE3  sing N N 179 
LYS NZ  HZ1  sing N N 180 
LYS NZ  HZ2  sing N N 181 
LYS NZ  HZ3  sing N N 182 
LYS OXT HXT  sing N N 183 
MET N   CA   sing N N 184 
MET N   H    sing N N 185 
MET N   H2   sing N N 186 
MET CA  C    sing N N 187 
MET CA  CB   sing N N 188 
MET CA  HA   sing N N 189 
MET C   O    doub N N 190 
MET C   OXT  sing N N 191 
MET CB  CG   sing N N 192 
MET CB  HB2  sing N N 193 
MET CB  HB3  sing N N 194 
MET CG  SD   sing N N 195 
MET CG  HG2  sing N N 196 
MET CG  HG3  sing N N 197 
MET SD  CE   sing N N 198 
MET CE  HE1  sing N N 199 
MET CE  HE2  sing N N 200 
MET CE  HE3  sing N N 201 
MET OXT HXT  sing N N 202 
PHE N   CA   sing N N 203 
PHE N   H    sing N N 204 
PHE N   H2   sing N N 205 
PHE CA  C    sing N N 206 
PHE CA  CB   sing N N 207 
PHE CA  HA   sing N N 208 
PHE C   O    doub N N 209 
PHE C   OXT  sing N N 210 
PHE CB  CG   sing N N 211 
PHE CB  HB2  sing N N 212 
PHE CB  HB3  sing N N 213 
PHE CG  CD1  doub Y N 214 
PHE CG  CD2  sing Y N 215 
PHE CD1 CE1  sing Y N 216 
PHE CD1 HD1  sing N N 217 
PHE CD2 CE2  doub Y N 218 
PHE CD2 HD2  sing N N 219 
PHE CE1 CZ   doub Y N 220 
PHE CE1 HE1  sing N N 221 
PHE CE2 CZ   sing Y N 222 
PHE CE2 HE2  sing N N 223 
PHE CZ  HZ   sing N N 224 
PHE OXT HXT  sing N N 225 
PRO N   CA   sing N N 226 
PRO N   CD   sing N N 227 
PRO N   H    sing N N 228 
PRO CA  C    sing N N 229 
PRO CA  CB   sing N N 230 
PRO CA  HA   sing N N 231 
PRO C   O    doub N N 232 
PRO C   OXT  sing N N 233 
PRO CB  CG   sing N N 234 
PRO CB  HB2  sing N N 235 
PRO CB  HB3  sing N N 236 
PRO CG  CD   sing N N 237 
PRO CG  HG2  sing N N 238 
PRO CG  HG3  sing N N 239 
PRO CD  HD2  sing N N 240 
PRO CD  HD3  sing N N 241 
PRO OXT HXT  sing N N 242 
SER N   CA   sing N N 243 
SER N   H    sing N N 244 
SER N   H2   sing N N 245 
SER CA  C    sing N N 246 
SER CA  CB   sing N N 247 
SER CA  HA   sing N N 248 
SER C   O    doub N N 249 
SER C   OXT  sing N N 250 
SER CB  OG   sing N N 251 
SER CB  HB2  sing N N 252 
SER CB  HB3  sing N N 253 
SER OG  HG   sing N N 254 
SER OXT HXT  sing N N 255 
THR N   CA   sing N N 256 
THR N   H    sing N N 257 
THR N   H2   sing N N 258 
THR CA  C    sing N N 259 
THR CA  CB   sing N N 260 
THR CA  HA   sing N N 261 
THR C   O    doub N N 262 
THR C   OXT  sing N N 263 
THR CB  OG1  sing N N 264 
THR CB  CG2  sing N N 265 
THR CB  HB   sing N N 266 
THR OG1 HG1  sing N N 267 
THR CG2 HG21 sing N N 268 
THR CG2 HG22 sing N N 269 
THR CG2 HG23 sing N N 270 
THR OXT HXT  sing N N 271 
TRP N   CA   sing N N 272 
TRP N   H    sing N N 273 
TRP N   H2   sing N N 274 
TRP CA  C    sing N N 275 
TRP CA  CB   sing N N 276 
TRP CA  HA   sing N N 277 
TRP C   O    doub N N 278 
TRP C   OXT  sing N N 279 
TRP CB  CG   sing N N 280 
TRP CB  HB2  sing N N 281 
TRP CB  HB3  sing N N 282 
TRP CG  CD1  doub Y N 283 
TRP CG  CD2  sing Y N 284 
TRP CD1 NE1  sing Y N 285 
TRP CD1 HD1  sing N N 286 
TRP CD2 CE2  doub Y N 287 
TRP CD2 CE3  sing Y N 288 
TRP NE1 CE2  sing Y N 289 
TRP NE1 HE1  sing N N 290 
TRP CE2 CZ2  sing Y N 291 
TRP CE3 CZ3  doub Y N 292 
TRP CE3 HE3  sing N N 293 
TRP CZ2 CH2  doub Y N 294 
TRP CZ2 HZ2  sing N N 295 
TRP CZ3 CH2  sing Y N 296 
TRP CZ3 HZ3  sing N N 297 
TRP CH2 HH2  sing N N 298 
TRP OXT HXT  sing N N 299 
TYR N   CA   sing N N 300 
TYR N   H    sing N N 301 
TYR N   H2   sing N N 302 
TYR CA  C    sing N N 303 
TYR CA  CB   sing N N 304 
TYR CA  HA   sing N N 305 
TYR C   O    doub N N 306 
TYR C   OXT  sing N N 307 
TYR CB  CG   sing N N 308 
TYR CB  HB2  sing N N 309 
TYR CB  HB3  sing N N 310 
TYR CG  CD1  doub Y N 311 
TYR CG  CD2  sing Y N 312 
TYR CD1 CE1  sing Y N 313 
TYR CD1 HD1  sing N N 314 
TYR CD2 CE2  doub Y N 315 
TYR CD2 HD2  sing N N 316 
TYR CE1 CZ   doub Y N 317 
TYR CE1 HE1  sing N N 318 
TYR CE2 CZ   sing Y N 319 
TYR CE2 HE2  sing N N 320 
TYR CZ  OH   sing N N 321 
TYR OH  HH   sing N N 322 
TYR OXT HXT  sing N N 323 
U04 CA  CA2  sing Y N 324 
U04 CA  CA9  doub Y N 325 
U04 CA  CB   sing N N 326 
U04 CA2 OA2  doub N N 327 
U04 CA2 OA3  sing Y N 328 
U04 CA3 CA4  doub Y N 329 
U04 CA3 CA8  sing Y N 330 
U04 CA3 OA3  sing Y N 331 
U04 CA4 CA5  sing Y N 332 
U04 CA4 HA4  sing N N 333 
U04 CA5 CA6  doub Y N 334 
U04 CA5 HA5  sing N N 335 
U04 CA6 CA7  sing Y N 336 
U04 CA6 HA6  sing N N 337 
U04 CA7 CA8  doub Y N 338 
U04 CA7 HA7  sing N N 339 
U04 CA8 CA9  sing Y N 340 
U04 CA9 OA9  sing N N 341 
U04 CB  CB1  sing N N 342 
U04 CB  CB7  sing N N 343 
U04 CB  HB   sing N N 344 
U04 CB1 CB2  doub Y N 345 
U04 CB1 CB6  sing Y N 346 
U04 CB2 CB3  sing Y N 347 
U04 CB2 HB2  sing N N 348 
U04 CB3 CB4  doub Y N 349 
U04 CB3 HB3  sing N N 350 
U04 CB4 CB5  sing Y N 351 
U04 CB4 HB4  sing N N 352 
U04 CB5 CB6  doub Y N 353 
U04 CB5 NB5  sing N N 354 
U04 CB6 HB6  sing N N 355 
U04 CB7 CB8  sing N N 356 
U04 CB7 HB71 sing N N 357 
U04 CB7 HB72 sing N N 358 
U04 CB8 HB81 sing N N 359 
U04 CB8 HB82 sing N N 360 
U04 CB8 HB83 sing N N 361 
U04 CG1 CG2  sing N N 362 
U04 CG1 NB5  sing N N 363 
U04 CG1 OG1  doub N N 364 
U04 CG2 NG2  sing N N 365 
U04 CG2 HG21 sing N N 366 
U04 CG2 HG22 sing N N 367 
U04 CG3 NG2  sing N N 368 
U04 CG3 OG3  doub N N 369 
U04 CG3 OG4  sing N N 370 
U04 CG4 CG5  sing N N 371 
U04 CG4 CG6  sing N N 372 
U04 CG4 CG7  sing N N 373 
U04 CG4 OG4  sing N N 374 
U04 CG5 HG51 sing N N 375 
U04 CG5 HG52 sing N N 376 
U04 CG5 HG53 sing N N 377 
U04 CG6 HG61 sing N N 378 
U04 CG6 HG62 sing N N 379 
U04 CG6 HG63 sing N N 380 
U04 CG7 HG71 sing N N 381 
U04 CG7 HG72 sing N N 382 
U04 CG7 HG73 sing N N 383 
U04 NB5 HN5  sing N N 384 
U04 NG2 HN2  sing N N 385 
U04 OA9 HO9  sing N N 386 
VAL N   CA   sing N N 387 
VAL N   H    sing N N 388 
VAL N   H2   sing N N 389 
VAL CA  C    sing N N 390 
VAL CA  CB   sing N N 391 
VAL CA  HA   sing N N 392 
VAL C   O    doub N N 393 
VAL C   OXT  sing N N 394 
VAL CB  CG1  sing N N 395 
VAL CB  CG2  sing N N 396 
VAL CB  HB   sing N N 397 
VAL CG1 HG11 sing N N 398 
VAL CG1 HG12 sing N N 399 
VAL CG1 HG13 sing N N 400 
VAL CG2 HG21 sing N N 401 
VAL CG2 HG22 sing N N 402 
VAL CG2 HG23 sing N N 403 
VAL OXT HXT  sing N N 404 
# 
_pdbx_initial_refinement_model.accession_code   ? 
_pdbx_initial_refinement_model.id               1 
_pdbx_initial_refinement_model.entity_id_list   ? 
_pdbx_initial_refinement_model.type             'experimental model' 
_pdbx_initial_refinement_model.source_name      Other 
_pdbx_initial_refinement_model.details          'EARLIER STRUCTURE' 
# 
_atom_sites.entry_id                    4UPJ 
_atom_sites.fract_transf_matrix[1][1]   -0.02811897 
_atom_sites.fract_transf_matrix[1][2]   0.01550704 
_atom_sites.fract_transf_matrix[1][3]   0.00093332 
_atom_sites.fract_transf_matrix[2][1]   0.00998499 
_atom_sites.fract_transf_matrix[2][2]   0.01850855 
_atom_sites.fract_transf_matrix[2][3]   -0.00669135 
_atom_sites.fract_transf_matrix[3][1]   -0.00128623 
_atom_sites.fract_transf_matrix[3][2]   -0.00190043 
_atom_sites.fract_transf_matrix[3][3]   -0.00717601 
_atom_sites.fract_transf_vector[1]      0.152330 
_atom_sites.fract_transf_vector[2]      0.489400 
_atom_sites.fract_transf_vector[3]      0.147182 
# 
loop_
_atom_type.symbol 
C 
N 
O 
S 
# 
loop_
_atom_site.group_PDB 
_atom_site.id 
_atom_site.type_symbol 
_atom_site.label_atom_id 
_atom_site.label_alt_id 
_atom_site.label_comp_id 
_atom_site.label_asym_id 
_atom_site.label_entity_id 
_atom_site.label_seq_id 
_atom_site.pdbx_PDB_ins_code 
_atom_site.Cartn_x 
_atom_site.Cartn_y 
_atom_site.Cartn_z 
_atom_site.occupancy 
_atom_site.B_iso_or_equiv 
_atom_site.pdbx_formal_charge 
_atom_site.auth_seq_id 
_atom_site.auth_comp_id 
_atom_site.auth_asym_id 
_atom_site.auth_atom_id 
_atom_site.pdbx_PDB_model_num 
ATOM   1    N N   . PRO A 1 1  ? -13.203 11.802  -4.953  1.00 39.10 ? 1   PRO A N   1 
ATOM   2    C CA  . PRO A 1 1  ? -13.602 11.516  -3.564  1.00 37.40 ? 1   PRO A CA  1 
ATOM   3    C C   . PRO A 1 1  ? -12.477 11.625  -2.560  1.00 35.50 ? 1   PRO A C   1 
ATOM   4    O O   . PRO A 1 1  ? -11.465 10.926  -2.650  1.00 33.40 ? 1   PRO A O   1 
ATOM   5    C CB  . PRO A 1 1  ? -14.209 10.132  -3.577  1.00 37.50 ? 1   PRO A CB  1 
ATOM   6    C CG  . PRO A 1 1  ? -15.002 10.229  -4.873  1.00 38.40 ? 1   PRO A CG  1 
ATOM   7    C CD  . PRO A 1 1  ? -14.041 10.999  -5.864  1.00 40.60 ? 1   PRO A CD  1 
ATOM   8    N N   . GLN A 1 2  ? -12.629 12.596  -1.672  1.00 33.80 ? 2   GLN A N   1 
ATOM   9    C CA  . GLN A 1 2  ? -11.681 12.830  -0.609  1.00 31.40 ? 2   GLN A CA  1 
ATOM   10   C C   . GLN A 1 2  ? -11.729 11.505  0.081   1.00 30.70 ? 2   GLN A C   1 
ATOM   11   O O   . GLN A 1 2  ? -12.819 10.938  0.226   1.00 30.40 ? 2   GLN A O   1 
ATOM   12   C CB  . GLN A 1 2  ? -12.254 13.834  0.370   1.00 31.20 ? 2   GLN A CB  1 
ATOM   13   C CG  . GLN A 1 2  ? -11.263 14.280  1.403   1.00 31.10 ? 2   GLN A CG  1 
ATOM   14   C CD  . GLN A 1 2  ? -10.367 15.327  0.837   1.00 32.10 ? 2   GLN A CD  1 
ATOM   15   O OE1 . GLN A 1 2  ? -10.603 15.808  -0.281  1.00 33.30 ? 2   GLN A OE1 1 
ATOM   16   N NE2 . GLN A 1 2  ? -9.329  15.707  1.583   1.00 33.90 ? 2   GLN A NE2 1 
ATOM   17   N N   . PHE A 1 3  ? -10.577 10.989  0.471   1.00 28.40 ? 3   PHE A N   1 
ATOM   18   C CA  . PHE A 1 3  ? -10.562 9.726   1.165   1.00 28.00 ? 3   PHE A CA  1 
ATOM   19   C C   . PHE A 1 3  ? -10.083 9.818   2.589   1.00 27.60 ? 3   PHE A C   1 
ATOM   20   O O   . PHE A 1 3  ? -8.894  9.962   2.839   1.00 30.30 ? 3   PHE A O   1 
ATOM   21   C CB  . PHE A 1 3  ? -9.723  8.681   0.430   1.00 29.50 ? 3   PHE A CB  1 
ATOM   22   C CG  . PHE A 1 3  ? -10.445 8.019   -0.715  1.00 30.50 ? 3   PHE A CG  1 
ATOM   23   C CD1 . PHE A 1 3  ? -11.426 7.061   -0.470  1.00 29.40 ? 3   PHE A CD1 1 
ATOM   24   C CD2 . PHE A 1 3  ? -10.156 8.372   -2.029  1.00 29.30 ? 3   PHE A CD2 1 
ATOM   25   C CE1 . PHE A 1 3  ? -12.112 6.475   -1.510  1.00 29.50 ? 3   PHE A CE1 1 
ATOM   26   C CE2 . PHE A 1 3  ? -10.833 7.796   -3.078  1.00 28.80 ? 3   PHE A CE2 1 
ATOM   27   C CZ  . PHE A 1 3  ? -11.819 6.841   -2.821  1.00 31.00 ? 3   PHE A CZ  1 
ATOM   28   N N   . SER A 1 4  ? -11.025 9.834   3.519   1.00 26.30 ? 4   SER A N   1 
ATOM   29   C CA  . SER A 1 4  ? -10.712 9.806   4.932   1.00 24.20 ? 4   SER A CA  1 
ATOM   30   C C   . SER A 1 4  ? -10.341 8.320   4.975   1.00 22.80 ? 4   SER A C   1 
ATOM   31   O O   . SER A 1 4  ? -11.108 7.477   4.478   1.00 22.60 ? 4   SER A O   1 
ATOM   32   C CB  . SER A 1 4  ? -11.988 10.037  5.725   1.00 23.10 ? 4   SER A CB  1 
ATOM   33   O OG  . SER A 1 4  ? -11.711 10.395  7.062   1.00 25.40 ? 4   SER A OG  1 
ATOM   34   N N   . LEU A 1 5  ? -9.188  7.985   5.539   1.00 20.50 ? 5   LEU A N   1 
ATOM   35   C CA  . LEU A 1 5  ? -8.741  6.592   5.554   1.00 19.60 ? 5   LEU A CA  1 
ATOM   36   C C   . LEU A 1 5  ? -9.343  5.695   6.639   1.00 18.20 ? 5   LEU A C   1 
ATOM   37   O O   . LEU A 1 5  ? -8.856  4.597   6.898   1.00 14.70 ? 5   LEU A O   1 
ATOM   38   C CB  . LEU A 1 5  ? -7.211  6.552   5.579   1.00 17.00 ? 5   LEU A CB  1 
ATOM   39   C CG  . LEU A 1 5  ? -6.555  7.313   4.420   1.00 18.40 ? 5   LEU A CG  1 
ATOM   40   C CD1 . LEU A 1 5  ? -5.060  7.448   4.627   1.00 14.90 ? 5   LEU A CD1 1 
ATOM   41   C CD2 . LEU A 1 5  ? -6.869  6.627   3.103   1.00 16.40 ? 5   LEU A CD2 1 
ATOM   42   N N   . TRP A 1 6  ? -10.448 6.142   7.215   1.00 18.20 ? 6   TRP A N   1 
ATOM   43   C CA  . TRP A 1 6  ? -11.143 5.407   8.255   1.00 17.70 ? 6   TRP A CA  1 
ATOM   44   C C   . TRP A 1 6  ? -11.741 4.123   7.738   1.00 19.00 ? 6   TRP A C   1 
ATOM   45   O O   . TRP A 1 6  ? -11.892 3.144   8.471   1.00 20.40 ? 6   TRP A O   1 
ATOM   46   C CB  . TRP A 1 6  ? -12.218 6.305   8.833   1.00 18.10 ? 6   TRP A CB  1 
ATOM   47   C CG  . TRP A 1 6  ? -11.582 7.358   9.594   1.00 15.50 ? 6   TRP A CG  1 
ATOM   48   C CD1 . TRP A 1 6  ? -11.434 8.653   9.232   1.00 15.70 ? 6   TRP A CD1 1 
ATOM   49   C CD2 . TRP A 1 6  ? -10.907 7.199   10.837  1.00 16.10 ? 6   TRP A CD2 1 
ATOM   50   N NE1 . TRP A 1 6  ? -10.704 9.324   10.174  1.00 16.80 ? 6   TRP A NE1 1 
ATOM   51   C CE2 . TRP A 1 6  ? -10.364 8.446   11.176  1.00 16.80 ? 6   TRP A CE2 1 
ATOM   52   C CE3 . TRP A 1 6  ? -10.703 6.121   11.698  1.00 15.00 ? 6   TRP A CE3 1 
ATOM   53   C CZ2 . TRP A 1 6  ? -9.642  8.652   12.332  1.00 13.60 ? 6   TRP A CZ2 1 
ATOM   54   C CZ3 . TRP A 1 6  ? -9.991  6.321   12.842  1.00 16.00 ? 6   TRP A CZ3 1 
ATOM   55   C CH2 . TRP A 1 6  ? -9.466  7.578   13.155  1.00 16.30 ? 6   TRP A CH2 1 
ATOM   56   N N   . LYS A 1 7  ? -12.077 4.153   6.459   1.00 19.80 ? 7   LYS A N   1 
ATOM   57   C CA  . LYS A 1 7  ? -12.652 3.036   5.739   1.00 20.50 ? 7   LYS A CA  1 
ATOM   58   C C   . LYS A 1 7  ? -11.574 2.708   4.683   1.00 18.60 ? 7   LYS A C   1 
ATOM   59   O O   . LYS A 1 7  ? -10.992 3.607   4.075   1.00 18.90 ? 7   LYS A O   1 
ATOM   60   C CB  . LYS A 1 7  ? -13.957 3.528   5.082   1.00 22.50 ? 7   LYS A CB  1 
ATOM   61   C CG  . LYS A 1 7  ? -14.925 2.460   4.573   1.00 25.60 ? 7   LYS A CG  1 
ATOM   62   C CD  . LYS A 1 7  ? -15.975 3.077   3.661   1.00 27.10 ? 7   LYS A CD  1 
ATOM   63   C CE  . LYS A 1 7  ? -15.358 3.505   2.314   1.00 33.80 ? 7   LYS A CE  1 
ATOM   64   N NZ  . LYS A 1 7  ? -16.292 4.293   1.436   1.00 30.50 ? 7   LYS A NZ  1 
ATOM   65   N N   . ARG A 1 8  ? -11.260 1.436   4.518   1.00 17.50 ? 8   ARG A N   1 
ATOM   66   C CA  . ARG A 1 8  ? -10.264 0.989   3.553   1.00 17.60 ? 8   ARG A CA  1 
ATOM   67   C C   . ARG A 1 8  ? -10.492 1.666   2.193   1.00 16.80 ? 8   ARG A C   1 
ATOM   68   O O   . ARG A 1 8  ? -11.610 1.642   1.692   1.00 16.60 ? 8   ARG A O   1 
ATOM   69   C CB  . ARG A 1 8  ? -10.419 -0.519  3.407   1.00 18.30 ? 8   ARG A CB  1 
ATOM   70   C CG  . ARG A 1 8  ? -9.375  -1.163  2.576   1.00 21.50 ? 8   ARG A CG  1 
ATOM   71   C CD  . ARG A 1 8  ? -9.560  -2.662  2.576   1.00 24.50 ? 8   ARG A CD  1 
ATOM   72   N NE  . ARG A 1 8  ? -9.593  -3.192  3.933   1.00 24.60 ? 8   ARG A NE  1 
ATOM   73   C CZ  . ARG A 1 8  ? -8.874  -4.221  4.347   1.00 24.50 ? 8   ARG A CZ  1 
ATOM   74   N NH1 . ARG A 1 8  ? -8.049  -4.841  3.526   1.00 26.60 ? 8   ARG A NH1 1 
ATOM   75   N NH2 . ARG A 1 8  ? -8.998  -4.641  5.587   1.00 26.20 ? 8   ARG A NH2 1 
ATOM   76   N N   . PRO A 1 9  ? -9.435  2.234   1.554   1.00 17.30 ? 9   PRO A N   1 
ATOM   77   C CA  . PRO A 1 9  ? -9.637  2.891   0.251   1.00 16.80 ? 9   PRO A CA  1 
ATOM   78   C C   . PRO A 1 9  ? -9.919  1.951   -0.936  1.00 17.70 ? 9   PRO A C   1 
ATOM   79   O O   . PRO A 1 9  ? -9.124  1.842   -1.875  1.00 18.00 ? 9   PRO A O   1 
ATOM   80   C CB  . PRO A 1 9  ? -8.353  3.709   0.077   1.00 15.20 ? 9   PRO A CB  1 
ATOM   81   C CG  . PRO A 1 9  ? -7.335  2.910   0.769   1.00 14.60 ? 9   PRO A CG  1 
ATOM   82   C CD  . PRO A 1 9  ? -8.048  2.417   2.020   1.00 15.80 ? 9   PRO A CD  1 
ATOM   83   N N   . VAL A 1 10 ? -11.071 1.290   -0.893  1.00 18.40 ? 10  VAL A N   1 
ATOM   84   C CA  . VAL A 1 10 ? -11.497 0.364   -1.930  1.00 17.50 ? 10  VAL A CA  1 
ATOM   85   C C   . VAL A 1 10 ? -12.506 1.037   -2.839  1.00 18.40 ? 10  VAL A C   1 
ATOM   86   O O   . VAL A 1 10 ? -13.439 1.678   -2.364  1.00 20.80 ? 10  VAL A O   1 
ATOM   87   C CB  . VAL A 1 10 ? -12.131 -0.873  -1.311  1.00 17.30 ? 10  VAL A CB  1 
ATOM   88   C CG1 . VAL A 1 10 ? -12.583 -1.822  -2.392  1.00 19.20 ? 10  VAL A CG1 1 
ATOM   89   C CG2 . VAL A 1 10 ? -11.152 -1.545  -0.393  1.00 13.80 ? 10  VAL A CG2 1 
ATOM   90   N N   . VAL A 1 11 ? -12.340 0.863   -4.143  1.00 17.50 ? 11  VAL A N   1 
ATOM   91   C CA  . VAL A 1 11 ? -13.211 1.490   -5.123  1.00 18.00 ? 11  VAL A CA  1 
ATOM   92   C C   . VAL A 1 11 ? -13.484 0.552   -6.293  1.00 17.20 ? 11  VAL A C   1 
ATOM   93   O O   . VAL A 1 11 ? -12.827 -0.473  -6.434  1.00 16.40 ? 11  VAL A O   1 
ATOM   94   C CB  . VAL A 1 11 ? -12.545 2.787   -5.673  1.00 16.60 ? 11  VAL A CB  1 
ATOM   95   C CG1 . VAL A 1 11 ? -11.308 2.449   -6.476  1.00 19.90 ? 11  VAL A CG1 1 
ATOM   96   C CG2 . VAL A 1 11 ? -13.506 3.564   -6.519  1.00 18.40 ? 11  VAL A CG2 1 
ATOM   97   N N   . THR A 1 12 ? -14.509 0.869   -7.080  1.00 17.50 ? 12  THR A N   1 
ATOM   98   C CA  . THR A 1 12 ? -14.833 0.087   -8.268  1.00 15.80 ? 12  THR A CA  1 
ATOM   99   C C   . THR A 1 12 ? -14.340 0.896   -9.466  1.00 15.30 ? 12  THR A C   1 
ATOM   100  O O   . THR A 1 12 ? -14.640 2.087   -9.577  1.00 15.00 ? 12  THR A O   1 
ATOM   101  C CB  . THR A 1 12 ? -16.322 -0.118  -8.422  1.00 13.90 ? 12  THR A CB  1 
ATOM   102  O OG1 . THR A 1 12 ? -16.833 -0.757  -7.250  1.00 16.70 ? 12  THR A OG1 1 
ATOM   103  C CG2 . THR A 1 12 ? -16.603 -0.968  -9.640  1.00 13.10 ? 12  THR A CG2 1 
ATOM   104  N N   . ALA A 1 13 ? -13.565 0.255   -10.338 1.00 14.40 ? 13  ALA A N   1 
ATOM   105  C CA  . ALA A 1 13 ? -13.015 0.902   -11.518 1.00 15.10 ? 13  ALA A CA  1 
ATOM   106  C C   . ALA A 1 13 ? -13.360 0.062   -12.711 1.00 14.30 ? 13  ALA A C   1 
ATOM   107  O O   . ALA A 1 13 ? -13.836 -1.056  -12.553 1.00 17.70 ? 13  ALA A O   1 
ATOM   108  C CB  . ALA A 1 13 ? -11.516 1.026   -11.395 1.00 11.40 ? 13  ALA A CB  1 
ATOM   109  N N   . TYR A 1 14 ? -13.173 0.627   -13.898 1.00 16.20 ? 14  TYR A N   1 
ATOM   110  C CA  . TYR A 1 14 ? -13.430 -0.063  -15.159 1.00 16.50 ? 14  TYR A CA  1 
ATOM   111  C C   . TYR A 1 14 ? -12.075 -0.156  -15.859 1.00 15.90 ? 14  TYR A C   1 
ATOM   112  O O   . TYR A 1 14 ? -11.460 0.869   -16.162 1.00 15.10 ? 14  TYR A O   1 
ATOM   113  C CB  . TYR A 1 14 ? -14.385 0.735   -16.053 1.00 16.70 ? 14  TYR A CB  1 
ATOM   114  C CG  . TYR A 1 14 ? -15.798 0.841   -15.552 1.00 19.40 ? 14  TYR A CG  1 
ATOM   115  C CD1 . TYR A 1 14 ? -16.648 -0.249  -15.576 1.00 21.30 ? 14  TYR A CD1 1 
ATOM   116  C CD2 . TYR A 1 14 ? -16.301 2.053   -15.091 1.00 22.30 ? 14  TYR A CD2 1 
ATOM   117  C CE1 . TYR A 1 14 ? -17.963 -0.143  -15.144 1.00 22.50 ? 14  TYR A CE1 1 
ATOM   118  C CE2 . TYR A 1 14 ? -17.608 2.166   -14.661 1.00 23.70 ? 14  TYR A CE2 1 
ATOM   119  C CZ  . TYR A 1 14 ? -18.432 1.062   -14.702 1.00 22.60 ? 14  TYR A CZ  1 
ATOM   120  O OH  . TYR A 1 14 ? -19.746 1.180   -14.335 1.00 22.60 ? 14  TYR A OH  1 
ATOM   121  N N   . ILE A 1 15 ? -11.592 -1.382  -16.048 1.00 16.60 ? 15  ILE A N   1 
ATOM   122  C CA  . ILE A 1 15 ? -10.317 -1.655  -16.709 1.00 17.20 ? 15  ILE A CA  1 
ATOM   123  C C   . ILE A 1 15 ? -10.693 -2.153  -18.083 1.00 18.40 ? 15  ILE A C   1 
ATOM   124  O O   . ILE A 1 15 ? -10.987 -3.319  -18.254 1.00 19.60 ? 15  ILE A O   1 
ATOM   125  C CB  . ILE A 1 15 ? -9.546  -2.760  -15.991 1.00 14.70 ? 15  ILE A CB  1 
ATOM   126  C CG1 . ILE A 1 15 ? -9.142  -2.261  -14.619 1.00 15.50 ? 15  ILE A CG1 1 
ATOM   127  C CG2 . ILE A 1 15 ? -8.310  -3.141  -16.759 1.00 13.00 ? 15  ILE A CG2 1 
ATOM   128  C CD1 . ILE A 1 15 ? -8.420  -3.291  -13.817 1.00 19.50 ? 15  ILE A CD1 1 
ATOM   129  N N   . GLU A 1 16 ? -10.718 -1.256  -19.055 1.00 21.80 ? 16  GLU A N   1 
ATOM   130  C CA  . GLU A 1 16 ? -11.110 -1.605  -20.415 1.00 23.00 ? 16  GLU A CA  1 
ATOM   131  C C   . GLU A 1 16 ? -12.559 -2.089  -20.412 1.00 23.30 ? 16  GLU A C   1 
ATOM   132  O O   . GLU A 1 16 ? -12.872 -3.147  -20.979 1.00 24.70 ? 16  GLU A O   1 
ATOM   133  C CB  . GLU A 1 16 ? -10.183 -2.677  -20.990 1.00 23.20 ? 16  GLU A CB  1 
ATOM   134  C CG  . GLU A 1 16 ? -8.825  -2.148  -21.447 1.00 22.40 ? 16  GLU A CG  1 
ATOM   135  C CD  . GLU A 1 16 ? -8.885  -1.416  -22.769 1.00 23.20 ? 16  GLU A CD  1 
ATOM   136  O OE1 . GLU A 1 16 ? -9.927  -1.504  -23.447 1.00 23.20 ? 16  GLU A OE1 1 
ATOM   137  O OE2 . GLU A 1 16 ? -7.894  -0.742  -23.140 1.00 25.40 ? 16  GLU A OE2 1 
ATOM   138  N N   . GLY A 1 17 ? -13.425 -1.325  -19.744 1.00 22.30 ? 17  GLY A N   1 
ATOM   139  C CA  . GLY A 1 17 ? -14.838 -1.662  -19.675 1.00 21.90 ? 17  GLY A CA  1 
ATOM   140  C C   . GLY A 1 17 ? -15.324 -2.687  -18.663 1.00 22.10 ? 17  GLY A C   1 
ATOM   141  O O   . GLY A 1 17 ? -16.524 -2.729  -18.364 1.00 22.50 ? 17  GLY A O   1 
ATOM   142  N N   . GLN A 1 18 ? -14.443 -3.572  -18.208 1.00 22.10 ? 18  GLN A N   1 
ATOM   143  C CA  . GLN A 1 18 ? -14.821 -4.571  -17.211 1.00 22.80 ? 18  GLN A CA  1 
ATOM   144  C C   . GLN A 1 18 ? -14.630 -3.966  -15.822 1.00 22.20 ? 18  GLN A C   1 
ATOM   145  O O   . GLN A 1 18 ? -13.591 -3.371  -15.538 1.00 21.10 ? 18  GLN A O   1 
ATOM   146  C CB  . GLN A 1 18 ? -14.023 -5.868  -17.395 1.00 22.30 ? 18  GLN A CB  1 
ATOM   147  C CG  . GLN A 1 18 ? -12.605 -5.679  -17.950 1.00 27.50 ? 18  GLN A CG  1 
ATOM   148  C CD  . GLN A 1 18 ? -12.055 -6.927  -18.634 1.00 26.70 ? 18  GLN A CD  1 
ATOM   149  O OE1 . GLN A 1 18 ? -12.366 -8.042  -18.242 1.00 29.80 ? 18  GLN A OE1 1 
ATOM   150  N NE2 . GLN A 1 18 ? -11.240 -6.738  -19.672 1.00 26.10 ? 18  GLN A NE2 1 
ATOM   151  N N   . PRO A 1 19 ? -15.685 -3.989  -14.982 1.00 22.10 ? 19  PRO A N   1 
ATOM   152  C CA  . PRO A 1 19 ? -15.593 -3.429  -13.633 1.00 21.90 ? 19  PRO A CA  1 
ATOM   153  C C   . PRO A 1 19 ? -14.845 -4.360  -12.673 1.00 20.80 ? 19  PRO A C   1 
ATOM   154  O O   . PRO A 1 19 ? -15.021 -5.587  -12.696 1.00 20.60 ? 19  PRO A O   1 
ATOM   155  C CB  . PRO A 1 19 ? -17.063 -3.230  -13.263 1.00 22.70 ? 19  PRO A CB  1 
ATOM   156  C CG  . PRO A 1 19 ? -17.706 -4.396  -13.885 1.00 22.60 ? 19  PRO A CG  1 
ATOM   157  C CD  . PRO A 1 19 ? -17.052 -4.476  -15.247 1.00 22.10 ? 19  PRO A CD  1 
ATOM   158  N N   . VAL A 1 20 ? -14.034 -3.764  -11.811 1.00 19.00 ? 20  VAL A N   1 
ATOM   159  C CA  . VAL A 1 20 ? -13.227 -4.505  -10.862 1.00 19.90 ? 20  VAL A CA  1 
ATOM   160  C C   . VAL A 1 20 ? -13.147 -3.647  -9.598  1.00 19.70 ? 20  VAL A C   1 
ATOM   161  O O   . VAL A 1 20 ? -13.191 -2.425  -9.687  1.00 20.40 ? 20  VAL A O   1 
ATOM   162  C CB  . VAL A 1 20 ? -11.766 -4.662  -11.401 1.00 20.80 ? 20  VAL A CB  1 
ATOM   163  C CG1 . VAL A 1 20 ? -10.942 -5.492  -10.457 1.00 21.90 ? 20  VAL A CG1 1 
ATOM   164  C CG2 . VAL A 1 20 ? -11.752 -5.257  -12.794 1.00 19.10 ? 20  VAL A CG2 1 
ATOM   165  N N   . GLU A 1 21 ? -13.050 -4.283  -8.436  1.00 17.90 ? 21  GLU A N   1 
ATOM   166  C CA  . GLU A 1 21 ? -12.922 -3.584  -7.168  1.00 17.40 ? 21  GLU A CA  1 
ATOM   167  C C   . GLU A 1 21 ? -11.425 -3.523  -6.926  1.00 15.50 ? 21  GLU A C   1 
ATOM   168  O O   . GLU A 1 21 ? -10.773 -4.562  -6.917  1.00 18.30 ? 21  GLU A O   1 
ATOM   169  C CB  . GLU A 1 21 ? -13.540 -4.400  -6.039  1.00 20.60 ? 21  GLU A CB  1 
ATOM   170  C CG  . GLU A 1 21 ? -15.041 -4.290  -5.889  1.00 25.20 ? 21  GLU A CG  1 
ATOM   171  C CD  . GLU A 1 21 ? -15.504 -4.566  -4.460  1.00 26.40 ? 21  GLU A CD  1 
ATOM   172  O OE1 . GLU A 1 21 ? -14.815 -4.122  -3.513  1.00 26.00 ? 21  GLU A OE1 1 
ATOM   173  O OE2 . GLU A 1 21 ? -16.568 -5.204  -4.279  1.00 27.80 ? 21  GLU A OE2 1 
ATOM   174  N N   . VAL A 1 22 ? -10.873 -2.339  -6.713  1.00 13.40 ? 22  VAL A N   1 
ATOM   175  C CA  . VAL A 1 22 ? -9.441  -2.208  -6.495  1.00 12.90 ? 22  VAL A CA  1 
ATOM   176  C C   . VAL A 1 22 ? -9.116  -1.406  -5.244  1.00 13.80 ? 22  VAL A C   1 
ATOM   177  O O   . VAL A 1 22 ? -9.888  -0.576  -4.801  1.00 13.70 ? 22  VAL A O   1 
ATOM   178  C CB  . VAL A 1 22 ? -8.732  -1.522  -7.688  1.00 14.00 ? 22  VAL A CB  1 
ATOM   179  C CG1 . VAL A 1 22 ? -8.858  -2.357  -8.957  1.00 12.20 ? 22  VAL A CG1 1 
ATOM   180  C CG2 . VAL A 1 22 ? -9.306  -0.140  -7.909  1.00 12.70 ? 22  VAL A CG2 1 
ATOM   181  N N   . LEU A 1 23 ? -7.937  -1.645  -4.700  1.00 14.20 ? 23  LEU A N   1 
ATOM   182  C CA  . LEU A 1 23 ? -7.475  -0.965  -3.508  1.00 13.30 ? 23  LEU A CA  1 
ATOM   183  C C   . LEU A 1 23 ? -6.493  0.138   -3.903  1.00 14.40 ? 23  LEU A C   1 
ATOM   184  O O   . LEU A 1 23 ? -5.558  -0.110  -4.662  1.00 16.30 ? 23  LEU A O   1 
ATOM   185  C CB  . LEU A 1 23 ? -6.774  -1.987  -2.613  1.00 13.50 ? 23  LEU A CB  1 
ATOM   186  C CG  . LEU A 1 23 ? -6.185  -1.591  -1.267  1.00 14.10 ? 23  LEU A CG  1 
ATOM   187  C CD1 . LEU A 1 23 ? -7.295  -1.392  -0.278  1.00 13.20 ? 23  LEU A CD1 1 
ATOM   188  C CD2 . LEU A 1 23 ? -5.244  -2.687  -0.807  1.00 15.60 ? 23  LEU A CD2 1 
ATOM   189  N N   . LEU A 1 24 ? -6.718  1.350   -3.418  1.00 12.50 ? 24  LEU A N   1 
ATOM   190  C CA  . LEU A 1 24 ? -5.809  2.444   -3.721  1.00 14.10 ? 24  LEU A CA  1 
ATOM   191  C C   . LEU A 1 24 ? -4.640  2.257   -2.751  1.00 12.80 ? 24  LEU A C   1 
ATOM   192  O O   . LEU A 1 24 ? -4.803  2.383   -1.542  1.00 14.50 ? 24  LEU A O   1 
ATOM   193  C CB  . LEU A 1 24 ? -6.516  3.789   -3.554  1.00 11.10 ? 24  LEU A CB  1 
ATOM   194  C CG  . LEU A 1 24 ? -7.771  3.905   -4.426  1.00 13.10 ? 24  LEU A CG  1 
ATOM   195  C CD1 . LEU A 1 24 ? -8.452  5.237   -4.256  1.00 12.80 ? 24  LEU A CD1 1 
ATOM   196  C CD2 . LEU A 1 24 ? -7.423  3.681   -5.875  1.00 13.10 ? 24  LEU A CD2 1 
ATOM   197  N N   . ASP A 1 25 ? -3.477  1.934   -3.310  1.00 13.80 ? 25  ASP A N   1 
ATOM   198  C CA  . ASP A 1 25 ? -2.259  1.625   -2.556  1.00 13.10 ? 25  ASP A CA  1 
ATOM   199  C C   . ASP A 1 25 ? -1.079  2.583   -2.813  1.00 13.30 ? 25  ASP A C   1 
ATOM   200  O O   . ASP A 1 25 ? -0.396  2.481   -3.828  1.00 10.60 ? 25  ASP A O   1 
ATOM   201  C CB  . ASP A 1 25 ? -1.837  0.200   -2.942  1.00 14.50 ? 25  ASP A CB  1 
ATOM   202  C CG  . ASP A 1 25 ? -0.989  -0.499  -1.894  1.00 15.50 ? 25  ASP A CG  1 
ATOM   203  O OD1 . ASP A 1 25 ? 0.042   0.034   -1.476  1.00 15.10 ? 25  ASP A OD1 1 
ATOM   204  O OD2 . ASP A 1 25 ? -1.331  -1.630  -1.513  1.00 19.20 ? 25  ASP A OD2 1 
ATOM   205  N N   . THR A 1 26 ? -0.823  3.498   -1.883  1.00 13.50 ? 26  THR A N   1 
ATOM   206  C CA  . THR A 1 26 ? 0.294   4.424   -1.999  1.00 14.00 ? 26  THR A CA  1 
ATOM   207  C C   . THR A 1 26 ? 1.652   3.735   -1.788  1.00 15.70 ? 26  THR A C   1 
ATOM   208  O O   . THR A 1 26 ? 2.693   4.353   -1.970  1.00 17.40 ? 26  THR A O   1 
ATOM   209  C CB  . THR A 1 26 ? 0.189   5.564   -0.978  1.00 14.20 ? 26  THR A CB  1 
ATOM   210  O OG1 . THR A 1 26 ? -0.017  5.013   0.324   1.00 15.00 ? 26  THR A OG1 1 
ATOM   211  C CG2 . THR A 1 26 ? -0.954  6.506   -1.311  1.00 14.40 ? 26  THR A CG2 1 
ATOM   212  N N   . GLY A 1 27 ? 1.641   2.475   -1.358  1.00 15.80 ? 27  GLY A N   1 
ATOM   213  C CA  . GLY A 1 27 ? 2.881   1.753   -1.132  1.00 15.50 ? 27  GLY A CA  1 
ATOM   214  C C   . GLY A 1 27 ? 3.388   0.977   -2.329  1.00 15.00 ? 27  GLY A C   1 
ATOM   215  O O   . GLY A 1 27 ? 4.565   0.636   -2.410  1.00 17.80 ? 27  GLY A O   1 
ATOM   216  N N   . ALA A 1 28 ? 2.506   0.706   -3.273  1.00 13.70 ? 28  ALA A N   1 
ATOM   217  C CA  . ALA A 1 28 ? 2.857   -0.055  -4.452  1.00 12.50 ? 28  ALA A CA  1 
ATOM   218  C C   . ALA A 1 28 ? 3.233   0.865   -5.591  1.00 12.20 ? 28  ALA A C   1 
ATOM   219  O O   . ALA A 1 28 ? 2.587   1.876   -5.815  1.00 13.00 ? 28  ALA A O   1 
ATOM   220  C CB  . ALA A 1 28 ? 1.689   -0.929  -4.854  1.00 13.00 ? 28  ALA A CB  1 
ATOM   221  N N   . ASP A 1 29 ? 4.324   0.538   -6.274  1.00 12.80 ? 29  ASP A N   1 
ATOM   222  C CA  . ASP A 1 29 ? 4.786   1.318   -7.418  1.00 13.30 ? 29  ASP A CA  1 
ATOM   223  C C   . ASP A 1 29 ? 3.947   0.927   -8.618  1.00 15.00 ? 29  ASP A C   1 
ATOM   224  O O   . ASP A 1 29 ? 3.704   1.742   -9.511  1.00 17.30 ? 29  ASP A O   1 
ATOM   225  C CB  . ASP A 1 29 ? 6.256   1.003   -7.749  1.00 12.10 ? 29  ASP A CB  1 
ATOM   226  C CG  . ASP A 1 29 ? 7.198   1.160   -6.569  1.00 13.50 ? 29  ASP A CG  1 
ATOM   227  O OD1 . ASP A 1 29 ? 6.774   1.553   -5.474  1.00 19.10 ? 29  ASP A OD1 1 
ATOM   228  O OD2 . ASP A 1 29 ? 8.388   0.863   -6.722  1.00 18.00 ? 29  ASP A OD2 1 
ATOM   229  N N   . ASP A 1 30 ? 3.497   -0.325  -8.628  1.00 13.40 ? 30  ASP A N   1 
ATOM   230  C CA  . ASP A 1 30 ? 2.735   -0.875  -9.738  1.00 15.10 ? 30  ASP A CA  1 
ATOM   231  C C   . ASP A 1 30 ? 1.331   -1.262  -9.371  1.00 13.90 ? 30  ASP A C   1 
ATOM   232  O O   . ASP A 1 30 ? 0.973   -1.297  -8.203  1.00 13.90 ? 30  ASP A O   1 
ATOM   233  C CB  . ASP A 1 30 ? 3.430   -2.118  -10.297 1.00 17.70 ? 30  ASP A CB  1 
ATOM   234  C CG  . ASP A 1 30 ? 4.891   -1.877  -10.586 1.00 20.40 ? 30  ASP A CG  1 
ATOM   235  O OD1 . ASP A 1 30 ? 5.187   -1.002  -11.417 1.00 24.80 ? 30  ASP A OD1 1 
ATOM   236  O OD2 . ASP A 1 30 ? 5.744   -2.559  -9.970  1.00 23.80 ? 30  ASP A OD2 1 
ATOM   237  N N   . SER A 1 31 ? 0.532   -1.560  -10.385 1.00 12.40 ? 31  SER A N   1 
ATOM   238  C CA  . SER A 1 31 ? -0.837  -1.957  -10.144 1.00 14.20 ? 31  SER A CA  1 
ATOM   239  C C   . SER A 1 31 ? -0.942  -3.387  -10.608 1.00 14.10 ? 31  SER A C   1 
ATOM   240  O O   . SER A 1 31 ? -0.385  -3.758  -11.636 1.00 14.20 ? 31  SER A O   1 
ATOM   241  C CB  . SER A 1 31 ? -1.805  -1.075  -10.933 1.00 12.10 ? 31  SER A CB  1 
ATOM   242  O OG  . SER A 1 31 ? -1.710  0.272   -10.533 1.00 11.70 ? 31  SER A OG  1 
ATOM   243  N N   . ILE A 1 32 ? -1.620  -4.212  -9.837  1.00 15.80 ? 32  ILE A N   1 
ATOM   244  C CA  . ILE A 1 32 ? -1.787  -5.590  -10.221 1.00 16.30 ? 32  ILE A CA  1 
ATOM   245  C C   . ILE A 1 32 ? -3.179  -6.088  -9.876  1.00 16.90 ? 32  ILE A C   1 
ATOM   246  O O   . ILE A 1 32 ? -3.665  -5.889  -8.768  1.00 15.30 ? 32  ILE A O   1 
ATOM   247  C CB  . ILE A 1 32 ? -0.686  -6.464  -9.659  1.00 16.10 ? 32  ILE A CB  1 
ATOM   248  C CG1 . ILE A 1 32 ? -1.151  -7.893  -9.659  1.00 15.10 ? 32  ILE A CG1 1 
ATOM   249  C CG2 . ILE A 1 32 ? -0.257  -5.995  -8.299  1.00 16.80 ? 32  ILE A CG2 1 
ATOM   250  C CD1 . ILE A 1 32 ? -0.092  -8.805  -9.405  1.00 21.00 ? 32  ILE A CD1 1 
ATOM   251  N N   . VAL A 1 33 ? -3.839  -6.673  -10.870 1.00 16.80 ? 33  VAL A N   1 
ATOM   252  C CA  . VAL A 1 33 ? -5.202  -7.149  -10.715 1.00 19.60 ? 33  VAL A CA  1 
ATOM   253  C C   . VAL A 1 33 ? -5.427  -8.577  -11.215 1.00 20.90 ? 33  VAL A C   1 
ATOM   254  O O   . VAL A 1 33 ? -4.964  -8.943  -12.303 1.00 23.60 ? 33  VAL A O   1 
ATOM   255  C CB  . VAL A 1 33 ? -6.155  -6.220  -11.488 1.00 20.40 ? 33  VAL A CB  1 
ATOM   256  C CG1 . VAL A 1 33 ? -5.919  -4.783  -11.093 1.00 21.20 ? 33  VAL A CG1 1 
ATOM   257  C CG2 . VAL A 1 33 ? -5.907  -6.347  -12.986 1.00 23.70 ? 33  VAL A CG2 1 
ATOM   258  N N   . ALA A 1 34 ? -6.169  -9.380  -10.455 1.00 21.20 ? 34  ALA A N   1 
ATOM   259  C CA  . ALA A 1 34 ? -6.456  -10.758 -10.868 1.00 22.40 ? 34  ALA A CA  1 
ATOM   260  C C   . ALA A 1 34 ? -7.806  -10.877 -11.555 1.00 22.80 ? 34  ALA A C   1 
ATOM   261  O O   . ALA A 1 34 ? -8.712  -10.078 -11.307 1.00 23.30 ? 34  ALA A O   1 
ATOM   262  C CB  . ALA A 1 34 ? -6.423  -11.689 -9.661  1.00 19.70 ? 34  ALA A CB  1 
ATOM   263  N N   . GLY A 1 35 ? -7.918  -11.833 -12.467 1.00 24.20 ? 35  GLY A N   1 
ATOM   264  C CA  . GLY A 1 35 ? -9.201  -12.085 -13.106 1.00 25.90 ? 35  GLY A CA  1 
ATOM   265  C C   . GLY A 1 35 ? -9.720  -11.417 -14.365 1.00 25.30 ? 35  GLY A C   1 
ATOM   266  O O   . GLY A 1 35 ? -10.840 -11.713 -14.782 1.00 26.20 ? 35  GLY A O   1 
ATOM   267  N N   . ILE A 1 36 ? -8.985  -10.492 -14.956 1.00 23.70 ? 36  ILE A N   1 
ATOM   268  C CA  . ILE A 1 36 ? -9.508  -9.891  -16.166 1.00 23.60 ? 36  ILE A CA  1 
ATOM   269  C C   . ILE A 1 36 ? -8.677  -10.403 -17.318 1.00 22.40 ? 36  ILE A C   1 
ATOM   270  O O   . ILE A 1 36 ? -7.495  -10.702 -17.139 1.00 22.50 ? 36  ILE A O   1 
ATOM   271  C CB  . ILE A 1 36 ? -9.457  -8.344  -16.150 1.00 22.80 ? 36  ILE A CB  1 
ATOM   272  C CG1 . ILE A 1 36 ? -8.070  -7.874  -15.745 1.00 21.70 ? 36  ILE A CG1 1 
ATOM   273  C CG2 . ILE A 1 36 ? -10.513 -7.775  -15.233 1.00 23.10 ? 36  ILE A CG2 1 
ATOM   274  C CD1 . ILE A 1 36 ? -7.850  -6.445  -16.040 1.00 23.70 ? 36  ILE A CD1 1 
ATOM   275  N N   . GLU A 1 37 ? -9.332  -10.592 -18.456 1.00 21.70 ? 37  GLU A N   1 
ATOM   276  C CA  . GLU A 1 37 ? -8.704  -11.048 -19.680 1.00 23.60 ? 37  GLU A CA  1 
ATOM   277  C C   . GLU A 1 37 ? -8.475  -9.781  -20.462 1.00 22.40 ? 37  GLU A C   1 
ATOM   278  O O   . GLU A 1 37 ? -9.411  -9.209  -21.004 1.00 22.90 ? 37  GLU A O   1 
ATOM   279  C CB  . GLU A 1 37 ? -9.627  -11.993 -20.486 1.00 27.70 ? 37  GLU A CB  1 
ATOM   280  C CG  . GLU A 1 37 ? -9.867  -13.409 -19.885 1.00 33.90 ? 37  GLU A CG  1 
ATOM   281  C CD  . GLU A 1 37 ? -8.673  -14.366 -20.012 1.00 34.90 ? 37  GLU A CD  1 
ATOM   282  O OE1 . GLU A 1 37 ? -7.873  -14.217 -20.965 1.00 36.70 ? 37  GLU A OE1 1 
ATOM   283  O OE2 . GLU A 1 37 ? -8.534  -15.280 -19.158 1.00 35.70 ? 37  GLU A OE2 1 
ATOM   284  N N   . LEU A 1 38 ? -7.232  -9.329  -20.503 1.00 21.80 ? 38  LEU A N   1 
ATOM   285  C CA  . LEU A 1 38 ? -6.899  -8.119  -21.215 1.00 20.90 ? 38  LEU A CA  1 
ATOM   286  C C   . LEU A 1 38 ? -6.358  -8.430  -22.588 1.00 22.20 ? 38  LEU A C   1 
ATOM   287  O O   . LEU A 1 38 ? -6.329  -7.558  -23.439 1.00 25.40 ? 38  LEU A O   1 
ATOM   288  C CB  . LEU A 1 38 ? -5.905  -7.275  -20.423 1.00 20.80 ? 38  LEU A CB  1 
ATOM   289  C CG  . LEU A 1 38 ? -6.436  -6.459  -19.242 1.00 20.20 ? 38  LEU A CG  1 
ATOM   290  C CD1 . LEU A 1 38 ? -5.291  -5.888  -18.442 1.00 16.60 ? 38  LEU A CD1 1 
ATOM   291  C CD2 . LEU A 1 38 ? -7.330  -5.341  -19.741 1.00 18.10 ? 38  LEU A CD2 1 
ATOM   292  N N   . GLY A 1 39 ? -5.877  -9.640  -22.822 1.00 21.00 ? 39  GLY A N   1 
ATOM   293  C CA  . GLY A 1 39 ? -5.414  -9.916  -24.163 1.00 22.50 ? 39  GLY A CA  1 
ATOM   294  C C   . GLY A 1 39 ? -4.100  -10.622 -24.362 1.00 22.50 ? 39  GLY A C   1 
ATOM   295  O O   . GLY A 1 39 ? -3.563  -11.256 -23.456 1.00 21.20 ? 39  GLY A O   1 
ATOM   296  N N   . ASN A 1 40 ? -3.591  -10.486 -25.584 1.00 23.40 ? 40  ASN A N   1 
ATOM   297  C CA  . ASN A 1 40 ? -2.357  -11.117 -26.015 1.00 23.50 ? 40  ASN A CA  1 
ATOM   298  C C   . ASN A 1 40 ? -1.169  -10.171 -26.239 1.00 23.90 ? 40  ASN A C   1 
ATOM   299  O O   . ASN A 1 40 ? -0.158  -10.600 -26.798 1.00 25.70 ? 40  ASN A O   1 
ATOM   300  C CB  . ASN A 1 40 ? -2.606  -11.971 -27.273 1.00 24.60 ? 40  ASN A CB  1 
ATOM   301  C CG  . ASN A 1 40 ? -3.472  -13.233 -26.997 1.00 26.80 ? 40  ASN A CG  1 
ATOM   302  O OD1 . ASN A 1 40 ? -3.788  -13.568 -25.848 1.00 27.60 ? 40  ASN A OD1 1 
ATOM   303  N ND2 . ASN A 1 40 ? -3.840  -13.941 -28.069 1.00 28.80 ? 40  ASN A ND2 1 
ATOM   304  N N   . ASN A 1 41 ? -1.272  -8.901  -25.822 1.00 23.40 ? 41  ASN A N   1 
ATOM   305  C CA  . ASN A 1 41 ? -0.144  -7.937  -25.938 1.00 21.90 ? 41  ASN A CA  1 
ATOM   306  C C   . ASN A 1 41 ? 0.478   -7.854  -24.561 1.00 21.30 ? 41  ASN A C   1 
ATOM   307  O O   . ASN A 1 41 ? 0.403   -6.823  -23.889 1.00 21.00 ? 41  ASN A O   1 
ATOM   308  C CB  . ASN A 1 41 ? -0.615  -6.529  -26.275 1.00 22.90 ? 41  ASN A CB  1 
ATOM   309  C CG  . ASN A 1 41 ? -0.530  -6.220  -27.723 1.00 25.70 ? 41  ASN A CG  1 
ATOM   310  O OD1 . ASN A 1 41 ? -1.481  -5.697  -28.293 1.00 29.30 ? 41  ASN A OD1 1 
ATOM   311  N ND2 . ASN A 1 41 ? 0.604   -6.516  -28.343 1.00 25.30 ? 41  ASN A ND2 1 
ATOM   312  N N   . TYR A 1 42 ? 1.141   -8.915  -24.147 1.00 19.80 ? 42  TYR A N   1 
ATOM   313  C CA  . TYR A 1 42 ? 1.675   -8.912  -22.813 1.00 19.10 ? 42  TYR A CA  1 
ATOM   314  C C   . TYR A 1 42 ? 3.128   -9.206  -22.782 1.00 17.90 ? 42  TYR A C   1 
ATOM   315  O O   . TYR A 1 42 ? 3.734   -9.461  -23.797 1.00 19.00 ? 42  TYR A O   1 
ATOM   316  C CB  . TYR A 1 42 ? 0.905   -9.902  -21.940 1.00 18.10 ? 42  TYR A CB  1 
ATOM   317  C CG  . TYR A 1 42 ? 0.916   -11.332 -22.434 1.00 20.50 ? 42  TYR A CG  1 
ATOM   318  C CD1 . TYR A 1 42 ? 1.993   -12.166 -22.178 1.00 20.20 ? 42  TYR A CD1 1 
ATOM   319  C CD2 . TYR A 1 42 ? -0.150  -11.848 -23.159 1.00 20.50 ? 42  TYR A CD2 1 
ATOM   320  C CE1 . TYR A 1 42 ? 2.016   -13.456 -22.629 1.00 21.90 ? 42  TYR A CE1 1 
ATOM   321  C CE2 . TYR A 1 42 ? -0.130  -13.146 -23.617 1.00 22.80 ? 42  TYR A CE2 1 
ATOM   322  C CZ  . TYR A 1 42 ? 0.955   -13.941 -23.351 1.00 24.20 ? 42  TYR A CZ  1 
ATOM   323  O OH  . TYR A 1 42 ? 0.997   -15.233 -23.837 1.00 26.40 ? 42  TYR A OH  1 
ATOM   324  N N   . SER A 1 43 ? 3.662   -9.239  -21.580 1.00 18.10 ? 43  SER A N   1 
ATOM   325  C CA  . SER A 1 43 ? 5.056   -9.495  -21.371 1.00 17.70 ? 43  SER A CA  1 
ATOM   326  C C   . SER A 1 43 ? 5.155   -9.988  -19.937 1.00 18.10 ? 43  SER A C   1 
ATOM   327  O O   . SER A 1 43 ? 4.710   -9.299  -19.030 1.00 18.30 ? 43  SER A O   1 
ATOM   328  C CB  . SER A 1 43 ? 5.796   -8.163  -21.539 1.00 20.50 ? 43  SER A CB  1 
ATOM   329  O OG  . SER A 1 43 ? 7.168   -8.250  -21.203 1.00 24.30 ? 43  SER A OG  1 
ATOM   330  N N   . PRO A 1 44 ? 5.603   -11.240 -19.728 1.00 18.80 ? 44  PRO A N   1 
ATOM   331  C CA  . PRO A 1 44 ? 5.740   -11.795 -18.383 1.00 18.40 ? 44  PRO A CA  1 
ATOM   332  C C   . PRO A 1 44 ? 6.634   -10.896 -17.562 1.00 18.30 ? 44  PRO A C   1 
ATOM   333  O O   . PRO A 1 44 ? 7.720   -10.509 -18.008 1.00 18.40 ? 44  PRO A O   1 
ATOM   334  C CB  . PRO A 1 44 ? 6.453   -13.116 -18.638 1.00 18.10 ? 44  PRO A CB  1 
ATOM   335  C CG  . PRO A 1 44 ? 5.887   -13.535 -19.913 1.00 20.20 ? 44  PRO A CG  1 
ATOM   336  C CD  . PRO A 1 44 ? 5.937   -12.259 -20.733 1.00 20.20 ? 44  PRO A CD  1 
ATOM   337  N N   . LYS A 1 45 ? 6.206   -10.585 -16.354 1.00 17.10 ? 45  LYS A N   1 
ATOM   338  C CA  . LYS A 1 45 ? 6.988   -9.738  -15.499 1.00 17.80 ? 45  LYS A CA  1 
ATOM   339  C C   . LYS A 1 45 ? 6.884   -10.289 -14.109 1.00 17.80 ? 45  LYS A C   1 
ATOM   340  O O   . LYS A 1 45 ? 6.074   -11.182 -13.845 1.00 17.20 ? 45  LYS A O   1 
ATOM   341  C CB  . LYS A 1 45 ? 6.487   -8.308  -15.560 1.00 20.40 ? 45  LYS A CB  1 
ATOM   342  C CG  . LYS A 1 45 ? 6.903   -7.585  -16.834 1.00 22.70 ? 45  LYS A CG  1 
ATOM   343  C CD  . LYS A 1 45 ? 8.285   -6.997  -16.711 1.00 21.70 ? 45  LYS A CD  1 
ATOM   344  C CE  . LYS A 1 45 ? 8.594   -6.102  -17.888 1.00 22.50 ? 45  LYS A CE  1 
ATOM   345  N NZ  . LYS A 1 45 ? 8.617   -6.861  -19.171 1.00 24.80 ? 45  LYS A NZ  1 
ATOM   346  N N   . ILE A 1 46 ? 7.717   -9.772  -13.223 1.00 16.90 ? 46  ILE A N   1 
ATOM   347  C CA  . ILE A 1 46 ? 7.730   -10.229 -11.852 1.00 18.80 ? 46  ILE A CA  1 
ATOM   348  C C   . ILE A 1 46 ? 7.487   -9.032  -10.975 1.00 19.80 ? 46  ILE A C   1 
ATOM   349  O O   . ILE A 1 46 ? 7.971   -7.939  -11.276 1.00 21.00 ? 46  ILE A O   1 
ATOM   350  C CB  . ILE A 1 46 ? 9.112   -10.803 -11.492 1.00 19.80 ? 46  ILE A CB  1 
ATOM   351  C CG1 . ILE A 1 46 ? 9.341   -12.141 -12.202 1.00 21.10 ? 46  ILE A CG1 1 
ATOM   352  C CG2 . ILE A 1 46 ? 9.246   -10.965 -10.002 1.00 21.70 ? 46  ILE A CG2 1 
ATOM   353  C CD1 . ILE A 1 46 ? 8.383   -13.202 -11.782 1.00 19.70 ? 46  ILE A CD1 1 
ATOM   354  N N   . VAL A 1 47 ? 6.667   -9.205  -9.946  1.00 18.50 ? 47  VAL A N   1 
ATOM   355  C CA  . VAL A 1 47 ? 6.429   -8.128  -9.019  1.00 18.50 ? 47  VAL A CA  1 
ATOM   356  C C   . VAL A 1 47 ? 6.705   -8.692  -7.653  1.00 18.10 ? 47  VAL A C   1 
ATOM   357  O O   . VAL A 1 47 ? 6.312   -9.808  -7.331  1.00 18.90 ? 47  VAL A O   1 
ATOM   358  C CB  . VAL A 1 47 ? 5.006   -7.480  -9.138  1.00 18.00 ? 47  VAL A CB  1 
ATOM   359  C CG1 . VAL A 1 47 ? 3.931   -8.522  -9.239  1.00 19.10 ? 47  VAL A CG1 1 
ATOM   360  C CG2 . VAL A 1 47 ? 4.740   -6.598  -7.954  1.00 18.20 ? 47  VAL A CG2 1 
ATOM   361  N N   . GLY A 1 48 ? 7.520   -7.963  -6.916  1.00 18.50 ? 48  GLY A N   1 
ATOM   362  C CA  . GLY A 1 48 ? 7.884   -8.367  -5.582  1.00 19.90 ? 48  GLY A CA  1 
ATOM   363  C C   . GLY A 1 48 ? 7.021   -7.698  -4.559  1.00 20.50 ? 48  GLY A C   1 
ATOM   364  O O   . GLY A 1 48 ? 6.946   -6.477  -4.474  1.00 20.10 ? 48  GLY A O   1 
ATOM   365  N N   . GLY A 1 49 ? 6.321   -8.522  -3.810  1.00 20.40 ? 49  GLY A N   1 
ATOM   366  C CA  . GLY A 1 49 ? 5.450   -8.015  -2.787  1.00 20.90 ? 49  GLY A CA  1 
ATOM   367  C C   . GLY A 1 49 ? 6.200   -8.122  -1.490  1.00 22.40 ? 49  GLY A C   1 
ATOM   368  O O   . GLY A 1 49 ? 7.355   -8.543  -1.458  1.00 22.00 ? 49  GLY A O   1 
ATOM   369  N N   . ILE A 1 50 ? 5.500   -7.818  -0.412  1.00 23.10 ? 50  ILE A N   1 
ATOM   370  C CA  . ILE A 1 50 ? 6.067   -7.853  0.920   1.00 23.70 ? 50  ILE A CA  1 
ATOM   371  C C   . ILE A 1 50 ? 6.369   -9.289  1.371   1.00 22.60 ? 50  ILE A C   1 
ATOM   372  O O   . ILE A 1 50 ? 7.256   -9.517  2.185   1.00 21.60 ? 50  ILE A O   1 
ATOM   373  C CB  . ILE A 1 50 ? 5.097   -7.149  1.911   1.00 25.10 ? 50  ILE A CB  1 
ATOM   374  C CG1 . ILE A 1 50 ? 5.836   -6.790  3.198   1.00 27.40 ? 50  ILE A CG1 1 
ATOM   375  C CG2 . ILE A 1 50 ? 3.905   -8.062  2.239   1.00 27.00 ? 50  ILE A CG2 1 
ATOM   376  C CD1 . ILE A 1 50 ? 7.203   -6.227  2.928   1.00 28.60 ? 50  ILE A CD1 1 
ATOM   377  N N   . GLY A 1 51 ? 5.646   -10.261 0.829   1.00 21.20 ? 51  GLY A N   1 
ATOM   378  C CA  . GLY A 1 51 ? 5.877   -11.638 1.235   1.00 21.20 ? 51  GLY A CA  1 
ATOM   379  C C   . GLY A 1 51 ? 6.630   -12.505 0.240   1.00 19.40 ? 51  GLY A C   1 
ATOM   380  O O   . GLY A 1 51 ? 6.972   -13.653 0.541   1.00 19.00 ? 51  GLY A O   1 
ATOM   381  N N   . GLY A 1 52 ? 6.871   -11.976 -0.952  1.00 17.40 ? 52  GLY A N   1 
ATOM   382  C CA  . GLY A 1 52 ? 7.554   -12.744 -1.965  1.00 16.50 ? 52  GLY A CA  1 
ATOM   383  C C   . GLY A 1 52 ? 7.216   -12.210 -3.331  1.00 15.40 ? 52  GLY A C   1 
ATOM   384  O O   . GLY A 1 52 ? 6.459   -11.263 -3.449  1.00 16.00 ? 52  GLY A O   1 
ATOM   385  N N   . PHE A 1 53 ? 7.696   -12.892 -4.359  1.00 16.60 ? 53  PHE A N   1 
ATOM   386  C CA  . PHE A 1 53 ? 7.507   -12.484 -5.739  1.00 15.20 ? 53  PHE A CA  1 
ATOM   387  C C   . PHE A 1 53 ? 6.510   -13.342 -6.478  1.00 17.30 ? 53  PHE A C   1 
ATOM   388  O O   . PHE A 1 53 ? 6.469   -14.565 -6.301  1.00 16.30 ? 53  PHE A O   1 
ATOM   389  C CB  . PHE A 1 53 ? 8.853   -12.537 -6.466  1.00 14.00 ? 53  PHE A CB  1 
ATOM   390  C CG  . PHE A 1 53 ? 9.859   -11.593 -5.910  1.00 14.50 ? 53  PHE A CG  1 
ATOM   391  C CD1 . PHE A 1 53 ? 10.509  -11.873 -4.717  1.00 15.30 ? 53  PHE A CD1 1 
ATOM   392  C CD2 . PHE A 1 53 ? 10.095  -10.388 -6.527  1.00 17.00 ? 53  PHE A CD2 1 
ATOM   393  C CE1 . PHE A 1 53 ? 11.363  -10.952 -4.126  1.00 18.10 ? 53  PHE A CE1 1 
ATOM   394  C CE2 . PHE A 1 53 ? 10.950  -9.445  -5.947  1.00 20.70 ? 53  PHE A CE2 1 
ATOM   395  C CZ  . PHE A 1 53 ? 11.588  -9.731  -4.741  1.00 17.10 ? 53  PHE A CZ  1 
ATOM   396  N N   . ILE A 1 54 ? 5.709   -12.694 -7.313  1.00 16.60 ? 54  ILE A N   1 
ATOM   397  C CA  . ILE A 1 54 ? 4.729   -13.404 -8.108  1.00 16.80 ? 54  ILE A CA  1 
ATOM   398  C C   . ILE A 1 54 ? 4.932   -13.045 -9.560  1.00 17.60 ? 54  ILE A C   1 
ATOM   399  O O   . ILE A 1 54 ? 5.471   -11.984 -9.874  1.00 17.10 ? 54  ILE A O   1 
ATOM   400  C CB  . ILE A 1 54 ? 3.280   -13.104 -7.677  1.00 14.40 ? 54  ILE A CB  1 
ATOM   401  C CG1 . ILE A 1 54 ? 3.011   -11.608 -7.703  1.00 12.30 ? 54  ILE A CG1 1 
ATOM   402  C CG2 . ILE A 1 54 ? 3.032   -13.636 -6.275  1.00 14.50 ? 54  ILE A CG2 1 
ATOM   403  C CD1 . ILE A 1 54 ? 1.565   -11.304 -7.656  1.00 14.50 ? 54  ILE A CD1 1 
ATOM   404  N N   . ASN A 1 55 ? 4.612   -13.990 -10.434 1.00 19.10 ? 55  ASN A N   1 
ATOM   405  C CA  . ASN A 1 55 ? 4.740   -13.802 -11.867 1.00 18.40 ? 55  ASN A CA  1 
ATOM   406  C C   . ASN A 1 55 ? 3.450   -13.142 -12.283 1.00 17.20 ? 55  ASN A C   1 
ATOM   407  O O   . ASN A 1 55 ? 2.398   -13.446 -11.738 1.00 17.80 ? 55  ASN A O   1 
ATOM   408  C CB  . ASN A 1 55 ? 4.896   -15.135 -12.591 1.00 20.80 ? 55  ASN A CB  1 
ATOM   409  C CG  . ASN A 1 55 ? 6.197   -15.823 -12.268 1.00 23.20 ? 55  ASN A CG  1 
ATOM   410  O OD1 . ASN A 1 55 ? 7.127   -15.820 -13.068 1.00 26.80 ? 55  ASN A OD1 1 
ATOM   411  N ND2 . ASN A 1 55 ? 6.260   -16.452 -11.115 1.00 26.20 ? 55  ASN A ND2 1 
ATOM   412  N N   . THR A 1 56 ? 3.549   -12.231 -13.234 1.00 16.10 ? 56  THR A N   1 
ATOM   413  C CA  . THR A 1 56 ? 2.417   -11.468 -13.709 1.00 15.50 ? 56  THR A CA  1 
ATOM   414  C C   . THR A 1 56 ? 2.622   -11.168 -15.173 1.00 15.60 ? 56  THR A C   1 
ATOM   415  O O   . THR A 1 56 ? 3.714   -11.326 -15.708 1.00 17.10 ? 56  THR A O   1 
ATOM   416  C CB  . THR A 1 56 ? 2.347   -10.114 -12.986 1.00 14.80 ? 56  THR A CB  1 
ATOM   417  O OG1 . THR A 1 56 ? 3.611   -9.455  -13.111 1.00 18.80 ? 56  THR A OG1 1 
ATOM   418  C CG2 . THR A 1 56 ? 2.076   -10.286 -11.538 1.00 13.40 ? 56  THR A CG2 1 
ATOM   419  N N   . LEU A 1 57 ? 1.571   -10.686 -15.816 1.00 17.80 ? 57  LEU A N   1 
ATOM   420  C CA  . LEU A 1 57 ? 1.638   -10.314 -17.214 1.00 15.80 ? 57  LEU A CA  1 
ATOM   421  C C   . LEU A 1 57 ? 1.471   -8.811  -17.220 1.00 15.60 ? 57  LEU A C   1 
ATOM   422  O O   . LEU A 1 57 ? 0.586   -8.282  -16.562 1.00 14.50 ? 57  LEU A O   1 
ATOM   423  C CB  . LEU A 1 57 ? 0.529   -10.990 -18.000 1.00 15.40 ? 57  LEU A CB  1 
ATOM   424  C CG  . LEU A 1 57 ? 0.625   -12.508 -17.994 1.00 13.80 ? 57  LEU A CG  1 
ATOM   425  C CD1 . LEU A 1 57 ? -0.438  -13.038 -18.898 1.00 15.80 ? 57  LEU A CD1 1 
ATOM   426  C CD2 . LEU A 1 57 ? 1.982   -12.977 -18.475 1.00 14.10 ? 57  LEU A CD2 1 
ATOM   427  N N   . GLU A 1 58 ? 2.382   -8.131  -17.898 1.00 15.60 ? 58  GLU A N   1 
ATOM   428  C CA  . GLU A 1 58 ? 2.360   -6.687  -17.984 1.00 15.30 ? 58  GLU A CA  1 
ATOM   429  C C   . GLU A 1 58 ? 1.647   -6.178  -19.232 1.00 15.00 ? 58  GLU A C   1 
ATOM   430  O O   . GLU A 1 58 ? 2.003   -6.546  -20.349 1.00 15.90 ? 58  GLU A O   1 
ATOM   431  C CB  . GLU A 1 58 ? 3.789   -6.154  -17.955 1.00 14.50 ? 58  GLU A CB  1 
ATOM   432  C CG  . GLU A 1 58 ? 3.843   -4.648  -17.955 1.00 17.20 ? 58  GLU A CG  1 
ATOM   433  C CD  . GLU A 1 58 ? 5.188   -4.103  -18.297 1.00 21.80 ? 58  GLU A CD  1 
ATOM   434  O OE1 . GLU A 1 58 ? 5.674   -4.402  -19.409 1.00 24.50 ? 58  GLU A OE1 1 
ATOM   435  O OE2 . GLU A 1 58 ? 5.755   -3.353  -17.473 1.00 22.30 ? 58  GLU A OE2 1 
ATOM   436  N N   . TYR A 1 59 ? 0.627   -5.354  -19.046 1.00 13.60 ? 59  TYR A N   1 
ATOM   437  C CA  . TYR A 1 59 ? -0.104  -4.788  -20.173 1.00 14.80 ? 59  TYR A CA  1 
ATOM   438  C C   . TYR A 1 59 ? 0.117   -3.292  -20.192 1.00 14.70 ? 59  TYR A C   1 
ATOM   439  O O   . TYR A 1 59 ? -0.124  -2.604  -19.202 1.00 13.90 ? 59  TYR A O   1 
ATOM   440  C CB  . TYR A 1 59 ? -1.597  -5.096  -20.092 1.00 13.80 ? 59  TYR A CB  1 
ATOM   441  C CG  . TYR A 1 59 ? -1.925  -6.536  -20.362 1.00 14.10 ? 59  TYR A CG  1 
ATOM   442  C CD1 . TYR A 1 59 ? -2.164  -6.987  -21.648 1.00 15.10 ? 59  TYR A CD1 1 
ATOM   443  C CD2 . TYR A 1 59 ? -1.942  -7.466  -19.336 1.00 14.40 ? 59  TYR A CD2 1 
ATOM   444  C CE1 . TYR A 1 59 ? -2.390  -8.336  -21.902 1.00 15.40 ? 59  TYR A CE1 1 
ATOM   445  C CE2 . TYR A 1 59 ? -2.169  -8.801  -19.590 1.00 14.60 ? 59  TYR A CE2 1 
ATOM   446  C CZ  . TYR A 1 59 ? -2.393  -9.245  -20.869 1.00 16.90 ? 59  TYR A CZ  1 
ATOM   447  O OH  . TYR A 1 59 ? -2.569  -10.591 -21.106 1.00 17.60 ? 59  TYR A OH  1 
ATOM   448  N N   . LYS A 1 60 ? 0.604   -2.806  -21.321 1.00 15.70 ? 60  LYS A N   1 
ATOM   449  C CA  . LYS A 1 60 ? 0.891   -1.393  -21.483 1.00 18.30 ? 60  LYS A CA  1 
ATOM   450  C C   . LYS A 1 60 ? -0.321  -0.676  -22.032 1.00 19.50 ? 60  LYS A C   1 
ATOM   451  O O   . LYS A 1 60 ? -1.169  -1.287  -22.676 1.00 19.80 ? 60  LYS A O   1 
ATOM   452  C CB  . LYS A 1 60 ? 2.041   -1.196  -22.477 1.00 16.80 ? 60  LYS A CB  1 
ATOM   453  C CG  . LYS A 1 60 ? 3.411   -1.674  -22.014 1.00 18.10 ? 60  LYS A CG  1 
ATOM   454  C CD  . LYS A 1 60 ? 4.049   -0.656  -21.108 1.00 18.60 ? 60  LYS A CD  1 
ATOM   455  C CE  . LYS A 1 60 ? 5.560   -0.737  -21.170 1.00 18.30 ? 60  LYS A CE  1 
ATOM   456  N NZ  . LYS A 1 60 ? 6.144   0.133   -20.118 1.00 19.70 ? 60  LYS A NZ  1 
ATOM   457  N N   . ASN A 1 61 ? -0.380  0.627   -21.762 1.00 20.70 ? 61  ASN A N   1 
ATOM   458  C CA  . ASN A 1 61 ? -1.422  1.543   -22.249 1.00 21.20 ? 61  ASN A CA  1 
ATOM   459  C C   . ASN A 1 61 ? -2.863  1.024   -22.234 1.00 21.50 ? 61  ASN A C   1 
ATOM   460  O O   . ASN A 1 61 ? -3.532  1.058   -23.265 1.00 23.10 ? 61  ASN A O   1 
ATOM   461  C CB  . ASN A 1 61 ? -1.056  2.025   -23.663 1.00 21.30 ? 61  ASN A CB  1 
ATOM   462  C CG  . ASN A 1 61 ? 0.411   2.454   -23.778 1.00 23.80 ? 61  ASN A CG  1 
ATOM   463  O OD1 . ASN A 1 61 ? 0.842   3.408   -23.128 1.00 26.00 ? 61  ASN A OD1 1 
ATOM   464  N ND2 . ASN A 1 61 ? 1.187   1.725   -24.578 1.00 23.00 ? 61  ASN A ND2 1 
ATOM   465  N N   . VAL A 1 62 ? -3.349  0.623   -21.061 1.00 18.50 ? 62  VAL A N   1 
ATOM   466  C CA  . VAL A 1 62 ? -4.690  0.096   -20.894 1.00 17.40 ? 62  VAL A CA  1 
ATOM   467  C C   . VAL A 1 62 ? -5.603  1.217   -20.399 1.00 18.60 ? 62  VAL A C   1 
ATOM   468  O O   . VAL A 1 62 ? -5.188  2.033   -19.576 1.00 15.90 ? 62  VAL A O   1 
ATOM   469  C CB  . VAL A 1 62 ? -4.669  -1.025  -19.851 1.00 18.70 ? 62  VAL A CB  1 
ATOM   470  C CG1 . VAL A 1 62 ? -6.058  -1.567  -19.586 1.00 16.70 ? 62  VAL A CG1 1 
ATOM   471  C CG2 . VAL A 1 62 ? -3.736  -2.123  -20.308 1.00 18.20 ? 62  VAL A CG2 1 
ATOM   472  N N   . GLU A 1 63 ? -6.819  1.280   -20.944 1.00 18.40 ? 63  GLU A N   1 
ATOM   473  C CA  . GLU A 1 63 ? -7.805  2.289   -20.565 1.00 20.50 ? 63  GLU A CA  1 
ATOM   474  C C   . GLU A 1 63 ? -8.395  1.938   -19.232 1.00 19.50 ? 63  GLU A C   1 
ATOM   475  O O   . GLU A 1 63 ? -8.981  0.874   -19.051 1.00 17.80 ? 63  GLU A O   1 
ATOM   476  C CB  . GLU A 1 63 ? -8.962  2.410   -21.580 1.00 24.70 ? 63  GLU A CB  1 
ATOM   477  C CG  . GLU A 1 63 ? -10.075 3.376   -21.086 1.00 29.70 ? 63  GLU A CG  1 
ATOM   478  C CD  . GLU A 1 63 ? -11.243 3.546   -22.045 1.00 32.60 ? 63  GLU A CD  1 
ATOM   479  O OE1 . GLU A 1 63 ? -12.025 2.581   -22.242 1.00 35.10 ? 63  GLU A OE1 1 
ATOM   480  O OE2 . GLU A 1 63 ? -11.426 4.672   -22.574 1.00 34.70 ? 63  GLU A OE2 1 
ATOM   481  N N   . ILE A 1 64 ? -8.292  2.873   -18.315 1.00 19.90 ? 64  ILE A N   1 
ATOM   482  C CA  . ILE A 1 64 ? -8.804  2.690   -16.971 1.00 20.40 ? 64  ILE A CA  1 
ATOM   483  C C   . ILE A 1 64 ? -9.667  3.896   -16.630 1.00 20.80 ? 64  ILE A C   1 
ATOM   484  O O   . ILE A 1 64 ? -9.346  5.027   -17.002 1.00 22.10 ? 64  ILE A O   1 
ATOM   485  C CB  . ILE A 1 64 ? -7.643  2.640   -15.950 1.00 18.60 ? 64  ILE A CB  1 
ATOM   486  C CG1 . ILE A 1 64 ? -6.767  1.413   -16.197 1.00 17.70 ? 64  ILE A CG1 1 
ATOM   487  C CG2 . ILE A 1 64 ? -8.188  2.692   -14.527 1.00 19.80 ? 64  ILE A CG2 1 
ATOM   488  C CD1 . ILE A 1 64 ? -5.467  1.437   -15.460 1.00 18.90 ? 64  ILE A CD1 1 
ATOM   489  N N   . GLU A 1 65 ? -10.790 3.651   -15.980 1.00 20.40 ? 65  GLU A N   1 
ATOM   490  C CA  . GLU A 1 65 ? -11.645 4.724   -15.548 1.00 18.80 ? 65  GLU A CA  1 
ATOM   491  C C   . GLU A 1 65 ? -11.886 4.433   -14.092 1.00 18.60 ? 65  GLU A C   1 
ATOM   492  O O   . GLU A 1 65 ? -12.316 3.339   -13.741 1.00 19.50 ? 65  GLU A O   1 
ATOM   493  C CB  . GLU A 1 65 ? -12.972 4.725   -16.294 1.00 21.20 ? 65  GLU A CB  1 
ATOM   494  C CG  . GLU A 1 65 ? -13.823 5.950   -15.986 1.00 21.30 ? 65  GLU A CG  1 
ATOM   495  C CD  . GLU A 1 65 ? -15.232 5.800   -16.497 1.00 23.10 ? 65  GLU A CD  1 
ATOM   496  O OE1 . GLU A 1 65 ? -15.469 6.131   -17.673 1.00 20.60 ? 65  GLU A OE1 1 
ATOM   497  O OE2 . GLU A 1 65 ? -16.086 5.313   -15.727 1.00 23.60 ? 65  GLU A OE2 1 
ATOM   498  N N   . VAL A 1 66 ? -11.487 5.357   -13.237 1.00 17.30 ? 66  VAL A N   1 
ATOM   499  C CA  . VAL A 1 66 ? -11.702 5.216   -11.808 1.00 17.60 ? 66  VAL A CA  1 
ATOM   500  C C   . VAL A 1 66 ? -11.884 6.625   -11.295 1.00 18.30 ? 66  VAL A C   1 
ATOM   501  O O   . VAL A 1 66 ? -11.359 7.560   -11.884 1.00 18.40 ? 66  VAL A O   1 
ATOM   502  C CB  . VAL A 1 66 ? -10.528 4.468   -11.115 1.00 17.40 ? 66  VAL A CB  1 
ATOM   503  C CG1 . VAL A 1 66 ? -9.203  5.073   -11.493 1.00 17.20 ? 66  VAL A CG1 1 
ATOM   504  C CG2 . VAL A 1 66 ? -10.713 4.454   -9.605  1.00 18.00 ? 66  VAL A CG2 1 
ATOM   505  N N   . LEU A 1 67 ? -12.742 6.792   -10.289 1.00 21.50 ? 67  LEU A N   1 
ATOM   506  C CA  . LEU A 1 67 ? -13.028 8.098   -9.690  1.00 22.80 ? 67  LEU A CA  1 
ATOM   507  C C   . LEU A 1 67 ? -13.343 9.153   -10.739 1.00 23.40 ? 67  LEU A C   1 
ATOM   508  O O   . LEU A 1 67 ? -12.912 10.306  -10.640 1.00 22.10 ? 67  LEU A O   1 
ATOM   509  C CB  . LEU A 1 67 ? -11.870 8.585   -8.815  1.00 26.40 ? 67  LEU A CB  1 
ATOM   510  C CG  . LEU A 1 67 ? -11.582 7.885   -7.485  1.00 27.00 ? 67  LEU A CG  1 
ATOM   511  C CD1 . LEU A 1 67 ? -10.479 8.655   -6.771  1.00 28.10 ? 67  LEU A CD1 1 
ATOM   512  C CD2 . LEU A 1 67 ? -12.835 7.812   -6.623  1.00 25.30 ? 67  LEU A CD2 1 
ATOM   513  N N   . ASN A 1 68 ? -14.101 8.718   -11.740 1.00 23.40 ? 68  ASN A N   1 
ATOM   514  C CA  . ASN A 1 68 ? -14.547 9.534   -12.868 1.00 25.20 ? 68  ASN A CA  1 
ATOM   515  C C   . ASN A 1 68 ? -13.535 10.118  -13.846 1.00 23.40 ? 68  ASN A C   1 
ATOM   516  O O   . ASN A 1 68 ? -13.918 10.838  -14.761 1.00 21.70 ? 68  ASN A O   1 
ATOM   517  C CB  . ASN A 1 68 ? -15.531 10.593  -12.402 1.00 25.30 ? 68  ASN A CB  1 
ATOM   518  C CG  . ASN A 1 68 ? -16.830 9.988   -11.966 1.00 27.30 ? 68  ASN A CG  1 
ATOM   519  O OD1 . ASN A 1 68 ? -17.420 9.180   -12.685 1.00 27.50 ? 68  ASN A OD1 1 
ATOM   520  N ND2 . ASN A 1 68 ? -17.270 10.333  -10.766 1.00 29.30 ? 68  ASN A ND2 1 
ATOM   521  N N   . LYS A 1 69 ? -12.261 9.764   -13.690 1.00 23.00 ? 69  LYS A N   1 
ATOM   522  C CA  . LYS A 1 69 ? -11.216 10.231  -14.599 1.00 21.50 ? 69  LYS A CA  1 
ATOM   523  C C   . LYS A 1 69 ? -10.695 9.040   -15.406 1.00 20.10 ? 69  LYS A C   1 
ATOM   524  O O   . LYS A 1 69 ? -10.571 7.948   -14.877 1.00 21.10 ? 69  LYS A O   1 
ATOM   525  C CB  . LYS A 1 69 ? -10.082 10.916  -13.815 1.00 21.50 ? 69  LYS A CB  1 
ATOM   526  C CG  . LYS A 1 69 ? -10.169 12.475  -13.745 1.00 24.50 ? 69  LYS A CG  1 
ATOM   527  C CD  . LYS A 1 69 ? -10.434 13.040  -12.324 1.00 24.20 ? 69  LYS A CD  1 
ATOM   528  C CE  . LYS A 1 69 ? -9.286  12.706  -11.351 1.00 27.10 ? 69  LYS A CE  1 
ATOM   529  N NZ  . LYS A 1 69 ? -9.543  13.013  -9.888  1.00 27.10 ? 69  LYS A NZ  1 
ATOM   530  N N   . LYS A 1 70 ? -10.502 9.214   -16.706 1.00 19.40 ? 70  LYS A N   1 
ATOM   531  C CA  . LYS A 1 70 ? -9.981  8.128   -17.520 1.00 20.20 ? 70  LYS A CA  1 
ATOM   532  C C   . LYS A 1 70 ? -8.485  8.311   -17.637 1.00 20.30 ? 70  LYS A C   1 
ATOM   533  O O   . LYS A 1 70 ? -7.995  9.427   -17.794 1.00 19.90 ? 70  LYS A O   1 
ATOM   534  C CB  . LYS A 1 70 ? -10.580 8.133   -18.919 1.00 20.90 ? 70  LYS A CB  1 
ATOM   535  C CG  . LYS A 1 70 ? -12.067 7.928   -18.969 1.00 24.20 ? 70  LYS A CG  1 
ATOM   536  C CD  . LYS A 1 70 ? -12.523 7.782   -20.411 1.00 27.40 ? 70  LYS A CD  1 
ATOM   537  C CE  . LYS A 1 70 ? -13.630 8.763   -20.728 1.00 26.00 ? 70  LYS A CE  1 
ATOM   538  N NZ  . LYS A 1 70 ? -14.112 8.521   -22.126 1.00 29.00 ? 70  LYS A NZ  1 
ATOM   539  N N   . VAL A 1 71 ? -7.763  7.210   -17.558 1.00 20.90 ? 71  VAL A N   1 
ATOM   540  C CA  . VAL A 1 71 ? -6.315  7.222   -17.659 1.00 22.50 ? 71  VAL A CA  1 
ATOM   541  C C   . VAL A 1 71 ? -5.876  6.013   -18.464 1.00 21.60 ? 71  VAL A C   1 
ATOM   542  O O   . VAL A 1 71 ? -6.687  5.153   -18.768 1.00 22.30 ? 71  VAL A O   1 
ATOM   543  C CB  . VAL A 1 71 ? -5.670  7.176   -16.256 1.00 22.40 ? 71  VAL A CB  1 
ATOM   544  C CG1 . VAL A 1 71 ? -5.829  8.521   -15.562 1.00 24.30 ? 71  VAL A CG1 1 
ATOM   545  C CG2 . VAL A 1 71 ? -6.308  6.114   -15.425 1.00 20.80 ? 71  VAL A CG2 1 
ATOM   546  N N   . ARG A 1 72 ? -4.622  5.997   -18.900 1.00 21.70 ? 72  ARG A N   1 
ATOM   547  C CA  . ARG A 1 72 ? -4.090  4.866   -19.646 1.00 21.10 ? 72  ARG A CA  1 
ATOM   548  C C   . ARG A 1 72 ? -2.842  4.494   -18.929 1.00 19.50 ? 72  ARG A C   1 
ATOM   549  O O   . ARG A 1 72 ? -1.912  5.297   -18.845 1.00 20.70 ? 72  ARG A O   1 
ATOM   550  C CB  . ARG A 1 72 ? -3.741  5.238   -21.084 1.00 21.90 ? 72  ARG A CB  1 
ATOM   551  C CG  . ARG A 1 72 ? -4.875  5.869   -21.829 1.00 23.20 ? 72  ARG A CG  1 
ATOM   552  C CD  . ARG A 1 72 ? -4.731  5.624   -23.295 1.00 26.40 ? 72  ARG A CD  1 
ATOM   553  N NE  . ARG A 1 72 ? -5.347  4.360   -23.671 1.00 29.70 ? 72  ARG A NE  1 
ATOM   554  C CZ  . ARG A 1 72 ? -6.297  4.241   -24.598 1.00 32.20 ? 72  ARG A CZ  1 
ATOM   555  N NH1 . ARG A 1 72 ? -6.748  5.317   -25.248 1.00 33.80 ? 72  ARG A NH1 1 
ATOM   556  N NH2 . ARG A 1 72 ? -6.803  3.044   -24.880 1.00 33.20 ? 72  ARG A NH2 1 
ATOM   557  N N   . ALA A 1 73 ? -2.804  3.286   -18.403 1.00 17.30 ? 73  ALA A N   1 
ATOM   558  C CA  . ALA A 1 73 ? -1.621  2.900   -17.685 1.00 17.50 ? 73  ALA A CA  1 
ATOM   559  C C   . ALA A 1 73 ? -1.296  1.436   -17.814 1.00 16.70 ? 73  ALA A C   1 
ATOM   560  O O   . ALA A 1 73 ? -1.988  0.672   -18.503 1.00 16.30 ? 73  ALA A O   1 
ATOM   561  C CB  . ALA A 1 73 ? -1.750  3.290   -16.230 1.00 16.70 ? 73  ALA A CB  1 
ATOM   562  N N   . THR A 1 74 ? -0.176  1.083   -17.200 1.00 16.00 ? 74  THR A N   1 
ATOM   563  C CA  . THR A 1 74 ? 0.322   -0.272  -17.163 1.00 13.50 ? 74  THR A CA  1 
ATOM   564  C C   . THR A 1 74 ? -0.393  -1.025  -16.035 1.00 12.40 ? 74  THR A C   1 
ATOM   565  O O   . THR A 1 74 ? -0.498  -0.541  -14.910 1.00 10.50 ? 74  THR A O   1 
ATOM   566  C CB  . THR A 1 74 ? 1.836   -0.238  -16.935 1.00 13.10 ? 74  THR A CB  1 
ATOM   567  O OG1 . THR A 1 74 ? 2.442   0.388   -18.073 1.00 13.80 ? 74  THR A OG1 1 
ATOM   568  C CG2 . THR A 1 74 ? 2.412   -1.638  -16.740 1.00 11.30 ? 74  THR A CG2 1 
ATOM   569  N N   . ILE A 1 75 ? -0.949  -2.176  -16.367 1.00 11.60 ? 75  ILE A N   1 
ATOM   570  C CA  . ILE A 1 75 ? -1.640  -2.980  -15.393 1.00 14.30 ? 75  ILE A CA  1 
ATOM   571  C C   . ILE A 1 75 ? -1.015  -4.322  -15.516 1.00 13.10 ? 75  ILE A C   1 
ATOM   572  O O   . ILE A 1 75 ? -0.629  -4.697  -16.594 1.00 16.30 ? 75  ILE A O   1 
ATOM   573  C CB  . ILE A 1 75 ? -3.123  -3.156  -15.759 1.00 16.60 ? 75  ILE A CB  1 
ATOM   574  C CG1 . ILE A 1 75 ? -3.914  -1.907  -15.388 1.00 19.80 ? 75  ILE A CG1 1 
ATOM   575  C CG2 . ILE A 1 75 ? -3.724  -4.364  -15.044 1.00 17.70 ? 75  ILE A CG2 1 
ATOM   576  C CD1 . ILE A 1 75 ? -4.143  -1.755  -13.887 1.00 22.10 ? 75  ILE A CD1 1 
ATOM   577  N N   . MET A 1 76 ? -0.836  -5.017  -14.408 1.00 14.70 ? 76  MET A N   1 
ATOM   578  C CA  . MET A 1 76 ? -0.301  -6.363  -14.457 1.00 15.30 ? 76  MET A CA  1 
ATOM   579  C C   . MET A 1 76 ? -1.354  -7.308  -13.924 1.00 15.00 ? 76  MET A C   1 
ATOM   580  O O   . MET A 1 76 ? -2.018  -7.001  -12.933 1.00 17.20 ? 76  MET A O   1 
ATOM   581  C CB  . MET A 1 76 ? 0.940   -6.469  -13.607 1.00 16.40 ? 76  MET A CB  1 
ATOM   582  C CG  . MET A 1 76 ? 2.219   -6.388  -14.383 1.00 19.80 ? 76  MET A CG  1 
ATOM   583  S SD  . MET A 1 76 ? 3.398   -5.663  -13.319 1.00 24.40 ? 76  MET A SD  1 
ATOM   584  C CE  . MET A 1 76 ? 3.611   -4.125  -14.053 1.00 23.10 ? 76  MET A CE  1 
ATOM   585  N N   . THR A 1 77 ? -1.570  -8.420  -14.619 1.00 14.90 ? 77  THR A N   1 
ATOM   586  C CA  . THR A 1 77 ? -2.539  -9.403  -14.159 1.00 14.90 ? 77  THR A CA  1 
ATOM   587  C C   . THR A 1 77 ? -1.776  -10.600 -13.587 1.00 17.00 ? 77  THR A C   1 
ATOM   588  O O   . THR A 1 77 ? -0.793  -11.081 -14.167 1.00 15.60 ? 77  THR A O   1 
ATOM   589  C CB  . THR A 1 77 ? -3.514  -9.830  -15.260 1.00 15.00 ? 77  THR A CB  1 
ATOM   590  O OG1 . THR A 1 77 ? -2.797  -10.378 -16.375 1.00 15.00 ? 77  THR A OG1 1 
ATOM   591  C CG2 . THR A 1 77 ? -4.334  -8.647  -15.714 1.00 15.80 ? 77  THR A CG2 1 
ATOM   592  N N   . GLY A 1 78 ? -2.156  -11.014 -12.390 1.00 18.20 ? 78  GLY A N   1 
ATOM   593  C CA  . GLY A 1 78 ? -1.475  -12.121 -11.769 1.00 18.70 ? 78  GLY A CA  1 
ATOM   594  C C   . GLY A 1 78 ? -2.298  -12.715 -10.663 1.00 20.60 ? 78  GLY A C   1 
ATOM   595  O O   . GLY A 1 78 ? -3.429  -12.308 -10.427 1.00 19.10 ? 78  GLY A O   1 
ATOM   596  N N   . ASP A 1 79 ? -1.738  -13.701 -9.992  1.00 22.00 ? 79  ASP A N   1 
ATOM   597  C CA  . ASP A 1 79 ? -2.453  -14.346 -8.922  1.00 23.50 ? 79  ASP A CA  1 
ATOM   598  C C   . ASP A 1 79 ? -2.168  -13.516 -7.704  1.00 23.50 ? 79  ASP A C   1 
ATOM   599  O O   . ASP A 1 79 ? -1.215  -13.788 -6.975  1.00 22.90 ? 79  ASP A O   1 
ATOM   600  C CB  . ASP A 1 79 ? -1.955  -15.778 -8.738  1.00 26.00 ? 79  ASP A CB  1 
ATOM   601  C CG  . ASP A 1 79 ? -2.916  -16.624 -7.967  1.00 26.70 ? 79  ASP A CG  1 
ATOM   602  O OD1 . ASP A 1 79 ? -4.105  -16.259 -7.868  1.00 30.40 ? 79  ASP A OD1 1 
ATOM   603  O OD2 . ASP A 1 79 ? -2.495  -17.672 -7.476  1.00 26.80 ? 79  ASP A OD2 1 
ATOM   604  N N   . THR A 1 80 ? -2.967  -12.464 -7.514  1.00 23.40 ? 80  THR A N   1 
ATOM   605  C CA  . THR A 1 80 ? -2.782  -11.563 -6.385  1.00 22.00 ? 80  THR A CA  1 
ATOM   606  C C   . THR A 1 80 ? -3.914  -11.685 -5.380  1.00 22.30 ? 80  THR A C   1 
ATOM   607  O O   . THR A 1 80 ? -5.069  -11.820 -5.770  1.00 24.60 ? 80  THR A O   1 
ATOM   608  C CB  . THR A 1 80 ? -2.644  -10.115 -6.869  1.00 19.30 ? 80  THR A CB  1 
ATOM   609  O OG1 . THR A 1 80 ? -2.444  -9.254  -5.753  1.00 19.00 ? 80  THR A OG1 1 
ATOM   610  C CG2 . THR A 1 80 ? -3.863  -9.684  -7.608  1.00 19.60 ? 80  THR A CG2 1 
ATOM   611  N N   . PRO A 1 81 ? -3.599  -11.642 -4.072  1.00 22.20 ? 81  PRO A N   1 
ATOM   612  C CA  . PRO A 1 81 ? -4.602  -11.750 -3.016  1.00 23.00 ? 81  PRO A CA  1 
ATOM   613  C C   . PRO A 1 81 ? -5.649  -10.640 -3.074  1.00 22.60 ? 81  PRO A C   1 
ATOM   614  O O   . PRO A 1 81 ? -6.822  -10.893 -2.837  1.00 23.90 ? 81  PRO A O   1 
ATOM   615  C CB  . PRO A 1 81 ? -3.765  -11.698 -1.749  1.00 22.50 ? 81  PRO A CB  1 
ATOM   616  C CG  . PRO A 1 81 ? -2.616  -10.852 -2.142  1.00 23.70 ? 81  PRO A CG  1 
ATOM   617  C CD  . PRO A 1 81 ? -2.271  -11.413 -3.478  1.00 23.60 ? 81  PRO A CD  1 
ATOM   618  N N   . ILE A 1 82 ? -5.221  -9.411  -3.351  1.00 23.30 ? 82  ILE A N   1 
ATOM   619  C CA  . ILE A 1 82 ? -6.148  -8.279  -3.473  1.00 23.00 ? 82  ILE A CA  1 
ATOM   620  C C   . ILE A 1 82 ? -5.802  -7.525  -4.757  1.00 19.90 ? 82  ILE A C   1 
ATOM   621  O O   . ILE A 1 82 ? -4.670  -7.615  -5.240  1.00 17.30 ? 82  ILE A O   1 
ATOM   622  C CB  . ILE A 1 82 ? -6.032  -7.258  -2.284  1.00 25.10 ? 82  ILE A CB  1 
ATOM   623  C CG1 . ILE A 1 82 ? -5.045  -7.736  -1.225  1.00 27.10 ? 82  ILE A CG1 1 
ATOM   624  C CG2 . ILE A 1 82 ? -7.406  -7.023  -1.664  1.00 25.50 ? 82  ILE A CG2 1 
ATOM   625  C CD1 . ILE A 1 82 ? -4.856  -6.731  -0.107  1.00 30.20 ? 82  ILE A CD1 1 
ATOM   626  N N   . ASN A 1 83 ? -6.774  -6.846  -5.356  1.00 18.40 ? 83  ASN A N   1 
ATOM   627  C CA  . ASN A 1 83 ? -6.478  -6.068  -6.561  1.00 16.90 ? 83  ASN A CA  1 
ATOM   628  C C   . ASN A 1 83 ? -5.939  -4.725  -6.099  1.00 15.80 ? 83  ASN A C   1 
ATOM   629  O O   . ASN A 1 83 ? -6.529  -4.060  -5.237  1.00 13.80 ? 83  ASN A O   1 
ATOM   630  C CB  . ASN A 1 83 ? -7.710  -5.901  -7.449  1.00 18.60 ? 83  ASN A CB  1 
ATOM   631  C CG  . ASN A 1 83 ? -8.200  -7.217  -8.002  1.00 19.20 ? 83  ASN A CG  1 
ATOM   632  O OD1 . ASN A 1 83 ? -7.442  -8.190  -8.116  1.00 15.20 ? 83  ASN A OD1 1 
ATOM   633  N ND2 . ASN A 1 83 ? -9.493  -7.271  -8.316  1.00 21.30 ? 83  ASN A ND2 1 
ATOM   634  N N   . ILE A 1 84 ? -4.819  -4.320  -6.673  1.00 14.00 ? 84  ILE A N   1 
ATOM   635  C CA  . ILE A 1 84 ? -4.178  -3.109  -6.254  1.00 12.20 ? 84  ILE A CA  1 
ATOM   636  C C   . ILE A 1 84 ? -3.905  -2.126  -7.367  1.00 12.60 ? 84  ILE A C   1 
ATOM   637  O O   . ILE A 1 84 ? -3.465  -2.507  -8.447  1.00 12.20 ? 84  ILE A O   1 
ATOM   638  C CB  . ILE A 1 84 ? -2.854  -3.470  -5.534  1.00 14.30 ? 84  ILE A CB  1 
ATOM   639  C CG1 . ILE A 1 84 ? -3.146  -4.053  -4.154  1.00 11.50 ? 84  ILE A CG1 1 
ATOM   640  C CG2 . ILE A 1 84 ? -1.945  -2.270  -5.428  1.00 16.70 ? 84  ILE A CG2 1 
ATOM   641  C CD1 . ILE A 1 84 ? -1.948  -4.660  -3.490  1.00 16.20 ? 84  ILE A CD1 1 
ATOM   642  N N   . PHE A 1 85 ? -4.244  -0.867  -7.103  1.00 11.20 ? 85  PHE A N   1 
ATOM   643  C CA  . PHE A 1 85 ? -3.990  0.242   -8.006  1.00 13.10 ? 85  PHE A CA  1 
ATOM   644  C C   . PHE A 1 85 ? -2.876  1.024   -7.333  1.00 13.40 ? 85  PHE A C   1 
ATOM   645  O O   . PHE A 1 85 ? -3.088  1.649   -6.287  1.00 11.70 ? 85  PHE A O   1 
ATOM   646  C CB  . PHE A 1 85 ? -5.220  1.128   -8.161  1.00 12.90 ? 85  PHE A CB  1 
ATOM   647  C CG  . PHE A 1 85 ? -5.999  0.852   -9.391  1.00 11.80 ? 85  PHE A CG  1 
ATOM   648  C CD1 . PHE A 1 85 ? -5.766  -0.301  -10.134 1.00 13.70 ? 85  PHE A CD1 1 
ATOM   649  C CD2 . PHE A 1 85 ? -6.959  1.743   -9.818  1.00 11.70 ? 85  PHE A CD2 1 
ATOM   650  C CE1 . PHE A 1 85 ? -6.479  -0.561  -11.285 1.00 13.50 ? 85  PHE A CE1 1 
ATOM   651  C CE2 . PHE A 1 85 ? -7.673  1.499   -10.956 1.00 12.00 ? 85  PHE A CE2 1 
ATOM   652  C CZ  . PHE A 1 85 ? -7.435  0.354   -11.694 1.00 13.70 ? 85  PHE A CZ  1 
ATOM   653  N N   . GLY A 1 86 ? -1.677  0.892   -7.897  1.00 13.90 ? 86  GLY A N   1 
ATOM   654  C CA  . GLY A 1 86 ? -0.484  1.533   -7.377  1.00 12.50 ? 86  GLY A CA  1 
ATOM   655  C C   . GLY A 1 86 ? -0.243  2.963   -7.781  1.00 12.00 ? 86  GLY A C   1 
ATOM   656  O O   . GLY A 1 86 ? -1.070  3.589   -8.426  1.00 10.80 ? 86  GLY A O   1 
ATOM   657  N N   . ARG A 1 87 ? 0.943   3.454   -7.451  1.00 13.60 ? 87  ARG A N   1 
ATOM   658  C CA  . ARG A 1 87 ? 1.300   4.819   -7.723  1.00 13.40 ? 87  ARG A CA  1 
ATOM   659  C C   . ARG A 1 87 ? 1.302   5.210   -9.174  1.00 14.80 ? 87  ARG A C   1 
ATOM   660  O O   . ARG A 1 87 ? 1.017   6.355   -9.508  1.00 15.30 ? 87  ARG A O   1 
ATOM   661  C CB  . ARG A 1 87 ? 2.619   5.168   -7.071  1.00 14.70 ? 87  ARG A CB  1 
ATOM   662  C CG  . ARG A 1 87 ? 2.511   5.363   -5.588  1.00 11.20 ? 87  ARG A CG  1 
ATOM   663  C CD  . ARG A 1 87 ? 3.780   5.934   -5.068  1.00 13.70 ? 87  ARG A CD  1 
ATOM   664  N NE  . ARG A 1 87 ? 4.874   5.001   -5.261  1.00 16.40 ? 87  ARG A NE  1 
ATOM   665  C CZ  . ARG A 1 87 ? 5.944   5.240   -5.999  1.00 17.20 ? 87  ARG A CZ  1 
ATOM   666  N NH1 . ARG A 1 87 ? 6.083   6.394   -6.630  1.00 20.20 ? 87  ARG A NH1 1 
ATOM   667  N NH2 . ARG A 1 87 ? 6.883   4.325   -6.095  1.00 19.90 ? 87  ARG A NH2 1 
ATOM   668  N N   . ASN A 1 88 ? 1.571   4.266   -10.053 1.00 14.40 ? 88  ASN A N   1 
ATOM   669  C CA  . ASN A 1 88 ? 1.566   4.601   -11.460 1.00 13.50 ? 88  ASN A CA  1 
ATOM   670  C C   . ASN A 1 88 ? 0.194   5.109   -11.935 1.00 12.60 ? 88  ASN A C   1 
ATOM   671  O O   . ASN A 1 88 ? 0.130   5.846   -12.906 1.00 14.90 ? 88  ASN A O   1 
ATOM   672  C CB  . ASN A 1 88 ? 2.031   3.408   -12.294 1.00 12.40 ? 88  ASN A CB  1 
ATOM   673  C CG  . ASN A 1 88 ? 1.029   2.282   -12.321 1.00 13.40 ? 88  ASN A CG  1 
ATOM   674  O OD1 . ASN A 1 88 ? 0.626   1.759   -11.286 1.00 14.10 ? 88  ASN A OD1 1 
ATOM   675  N ND2 . ASN A 1 88 ? 0.625   1.895   -13.514 1.00 13.10 ? 88  ASN A ND2 1 
ATOM   676  N N   . ILE A 1 89 ? -0.883  4.741   -11.238 1.00 13.50 ? 89  ILE A N   1 
ATOM   677  C CA  . ILE A 1 89 ? -2.252  5.146   -11.592 1.00 11.30 ? 89  ILE A CA  1 
ATOM   678  C C   . ILE A 1 89 ? -2.686  6.325   -10.737 1.00 12.50 ? 89  ILE A C   1 
ATOM   679  O O   . ILE A 1 89 ? -3.327  7.248   -11.223 1.00 12.00 ? 89  ILE A O   1 
ATOM   680  C CB  . ILE A 1 89 ? -3.255  3.939   -11.478 1.00 12.50 ? 89  ILE A CB  1 
ATOM   681  C CG1 . ILE A 1 89 ? -3.140  3.075   -12.729 1.00 13.20 ? 89  ILE A CG1 1 
ATOM   682  C CG2 . ILE A 1 89 ? -4.714  4.401   -11.340 1.00 12.00 ? 89  ILE A CG2 1 
ATOM   683  C CD1 . ILE A 1 89 ? -3.533  1.656   -12.542 1.00 13.30 ? 89  ILE A CD1 1 
ATOM   684  N N   . LEU A 1 90 ? -2.272  6.328   -9.477  1.00 14.00 ? 90  LEU A N   1 
ATOM   685  C CA  . LEU A 1 90 ? -2.609  7.419   -8.574  1.00 13.80 ? 90  LEU A CA  1 
ATOM   686  C C   . LEU A 1 90 ? -2.044  8.748   -9.084  1.00 15.40 ? 90  LEU A C   1 
ATOM   687  O O   . LEU A 1 90 ? -2.697  9.780   -9.014  1.00 15.80 ? 90  LEU A O   1 
ATOM   688  C CB  . LEU A 1 90 ? -2.094  7.129   -7.157  1.00 13.90 ? 90  LEU A CB  1 
ATOM   689  C CG  . LEU A 1 90 ? -2.681  5.903   -6.460  1.00 12.50 ? 90  LEU A CG  1 
ATOM   690  C CD1 . LEU A 1 90 ? -2.270  5.883   -5.016  1.00 9.10  ? 90  LEU A CD1 1 
ATOM   691  C CD2 . LEU A 1 90 ? -4.198  5.939   -6.585  1.00 10.40 ? 90  LEU A CD2 1 
ATOM   692  N N   . THR A 1 91 ? -0.841  8.723   -9.633  1.00 14.40 ? 91  THR A N   1 
ATOM   693  C CA  . THR A 1 91 ? -0.218  9.929   -10.151 1.00 13.80 ? 91  THR A CA  1 
ATOM   694  C C   . THR A 1 91 ? -0.889  10.407  -11.436 1.00 14.00 ? 91  THR A C   1 
ATOM   695  O O   . THR A 1 91 ? -0.863  11.604  -11.757 1.00 13.20 ? 91  THR A O   1 
ATOM   696  C CB  . THR A 1 91 ? 1.266   9.681   -10.422 1.00 14.60 ? 91  THR A CB  1 
ATOM   697  O OG1 . THR A 1 91 ? 1.421   8.520   -11.247 1.00 14.60 ? 91  THR A OG1 1 
ATOM   698  C CG2 . THR A 1 91 ? 1.978   9.463   -9.124  1.00 12.10 ? 91  THR A CG2 1 
ATOM   699  N N   . ALA A 1 92 ? -1.447  9.459   -12.191 1.00 13.60 ? 92  ALA A N   1 
ATOM   700  C CA  . ALA A 1 92 ? -2.133  9.783   -13.426 1.00 14.30 ? 92  ALA A CA  1 
ATOM   701  C C   . ALA A 1 92 ? -3.498  10.329  -13.103 1.00 14.00 ? 92  ALA A C   1 
ATOM   702  O O   . ALA A 1 92 ? -4.115  10.985  -13.932 1.00 17.60 ? 92  ALA A O   1 
ATOM   703  C CB  . ALA A 1 92 ? -2.239  8.579   -14.334 1.00 11.10 ? 92  ALA A CB  1 
ATOM   704  N N   . LEU A 1 93 ? -3.970  10.065  -11.893 1.00 15.90 ? 93  LEU A N   1 
ATOM   705  C CA  . LEU A 1 93 ? -5.269  10.579  -11.444 1.00 15.00 ? 93  LEU A CA  1 
ATOM   706  C C   . LEU A 1 93 ? -5.076  11.925  -10.766 1.00 15.30 ? 93  LEU A C   1 
ATOM   707  O O   . LEU A 1 93 ? -6.032  12.643  -10.531 1.00 18.20 ? 93  LEU A O   1 
ATOM   708  C CB  . LEU A 1 93 ? -5.952  9.630   -10.451 1.00 14.40 ? 93  LEU A CB  1 
ATOM   709  C CG  . LEU A 1 93 ? -6.354  8.207   -10.828 1.00 14.80 ? 93  LEU A CG  1 
ATOM   710  C CD1 . LEU A 1 93 ? -7.057  7.569   -9.658  1.00 13.80 ? 93  LEU A CD1 1 
ATOM   711  C CD2 . LEU A 1 93 ? -7.237  8.208   -12.047 1.00 16.90 ? 93  LEU A CD2 1 
ATOM   712  N N   . GLY A 1 94 ? -3.837  12.248  -10.418 1.00 15.10 ? 94  GLY A N   1 
ATOM   713  C CA  . GLY A 1 94 ? -3.568  13.517  -9.768  1.00 15.00 ? 94  GLY A CA  1 
ATOM   714  C C   . GLY A 1 94 ? -3.841  13.418  -8.284  1.00 17.20 ? 94  GLY A C   1 
ATOM   715  O O   . GLY A 1 94 ? -4.076  14.423  -7.604  1.00 14.50 ? 94  GLY A O   1 
ATOM   716  N N   . MET A 1 95 ? -3.703  12.197  -7.776  1.00 17.20 ? 95  MET A N   1 
ATOM   717  C CA  . MET A 1 95 ? -3.946  11.889  -6.377  1.00 19.70 ? 95  MET A CA  1 
ATOM   718  C C   . MET A 1 95 ? -2.745  12.133  -5.457  1.00 19.80 ? 95  MET A C   1 
ATOM   719  O O   . MET A 1 95 ? -1.604  11.790  -5.791  1.00 19.60 ? 95  MET A O   1 
ATOM   720  C CB  . MET A 1 95 ? -4.461  10.453  -6.253  1.00 20.10 ? 95  MET A CB  1 
ATOM   721  C CG  . MET A 1 95 ? -5.154  10.175  -4.948  1.00 24.20 ? 95  MET A CG  1 
ATOM   722  S SD  . MET A 1 95 ? -6.179  8.730   -5.087  1.00 28.50 ? 95  MET A SD  1 
ATOM   723  C CE  . MET A 1 95 ? -7.684  9.452   -4.758  1.00 27.20 ? 95  MET A CE  1 
ATOM   724  N N   . SER A 1 96 ? -3.002  12.787  -4.325  1.00 19.90 ? 96  SER A N   1 
ATOM   725  C CA  . SER A 1 96 ? -1.976  13.098  -3.344  1.00 17.70 ? 96  SER A CA  1 
ATOM   726  C C   . SER A 1 96 ? -2.406  12.564  -1.986  1.00 18.70 ? 96  SER A C   1 
ATOM   727  O O   . SER A 1 96 ? -3.543  12.122  -1.812  1.00 17.90 ? 96  SER A O   1 
ATOM   728  C CB  . SER A 1 96 ? -1.771  14.599  -3.254  1.00 19.10 ? 96  SER A CB  1 
ATOM   729  O OG  . SER A 1 96 ? -3.010  15.253  -3.071  1.00 18.40 ? 96  SER A OG  1 
ATOM   730  N N   . LEU A 1 97 ? -1.484  12.621  -1.033  1.00 17.00 ? 97  LEU A N   1 
ATOM   731  C CA  . LEU A 1 97 ? -1.701  12.136  0.315   1.00 17.80 ? 97  LEU A CA  1 
ATOM   732  C C   . LEU A 1 97 ? -1.459  13.307  1.261   1.00 19.30 ? 97  LEU A C   1 
ATOM   733  O O   . LEU A 1 97 ? -0.333  13.794  1.398   1.00 18.40 ? 97  LEU A O   1 
ATOM   734  C CB  . LEU A 1 97 ? -0.734  10.964  0.593   1.00 17.60 ? 97  LEU A CB  1 
ATOM   735  C CG  . LEU A 1 97 ? -0.815  10.142  1.879   1.00 19.20 ? 97  LEU A CG  1 
ATOM   736  C CD1 . LEU A 1 97 ? -2.083  9.303   1.945   1.00 20.00 ? 97  LEU A CD1 1 
ATOM   737  C CD2 . LEU A 1 97 ? 0.411   9.247   1.986   1.00 20.10 ? 97  LEU A CD2 1 
ATOM   738  N N   . ASN A 1 98 ? -2.527  13.776  1.897   1.00 20.40 ? 98  ASN A N   1 
ATOM   739  C CA  . ASN A 1 98 ? -2.417  14.917  2.781   1.00 22.80 ? 98  ASN A CA  1 
ATOM   740  C C   . ASN A 1 98 ? -2.512  14.746  4.295   1.00 24.80 ? 98  ASN A C   1 
ATOM   741  O O   . ASN A 1 98 ? -3.248  13.903  4.815   1.00 24.40 ? 98  ASN A O   1 
ATOM   742  C CB  . ASN A 1 98 ? -3.356  16.017  2.315   1.00 23.90 ? 98  ASN A CB  1 
ATOM   743  C CG  . ASN A 1 98 ? -2.753  16.857  1.197   1.00 26.90 ? 98  ASN A CG  1 
ATOM   744  O OD1 . ASN A 1 98 ? -2.845  16.508  0.013   1.00 25.60 ? 98  ASN A OD1 1 
ATOM   745  N ND2 . ASN A 1 98 ? -2.103  17.953  1.568   1.00 28.40 ? 98  ASN A ND2 1 
ATOM   746  N N   . LEU A 1 99 ? -1.790  15.619  4.990   1.00 25.80 ? 99  LEU A N   1 
ATOM   747  C CA  . LEU A 1 99 ? -1.738  15.647  6.436   1.00 26.70 ? 99  LEU A CA  1 
ATOM   748  C C   . LEU A 1 99 ? -2.207  17.036  6.896   1.00 29.80 ? 99  LEU A C   1 
ATOM   749  O O   . LEU A 1 99 ? -1.781  18.063  6.295   1.00 31.40 ? 99  LEU A O   1 
ATOM   750  C CB  . LEU A 1 99 ? -0.295  15.402  6.891   1.00 27.20 ? 99  LEU A CB  1 
ATOM   751  C CG  . LEU A 1 99 ? -0.069  15.283  8.404   1.00 26.20 ? 99  LEU A CG  1 
ATOM   752  C CD1 . LEU A 1 99 ? -0.565  13.940  8.858   1.00 25.20 ? 99  LEU A CD1 1 
ATOM   753  C CD2 . LEU A 1 99 ? 1.390   15.421  8.743   1.00 24.70 ? 99  LEU A CD2 1 
ATOM   754  O OXT . LEU A 1 99 ? -3.003  17.088  7.856   1.00 29.20 ? 99  LEU A OXT 1 
ATOM   755  N N   . PRO B 1 1  ? 1.454   18.523  5.562   1.00 34.80 ? 1   PRO B N   1 
ATOM   756  C CA  . PRO B 1 1  ? 2.303   17.982  4.484   1.00 34.50 ? 1   PRO B CA  1 
ATOM   757  C C   . PRO B 1 1  ? 1.437   17.314  3.424   1.00 35.00 ? 1   PRO B C   1 
ATOM   758  O O   . PRO B 1 1  ? 0.417   16.712  3.762   1.00 36.40 ? 1   PRO B O   1 
ATOM   759  C CB  . PRO B 1 1  ? 3.232   16.980  5.148   1.00 31.90 ? 1   PRO B CB  1 
ATOM   760  C CG  . PRO B 1 1  ? 3.483   17.669  6.467   1.00 30.00 ? 1   PRO B CG  1 
ATOM   761  C CD  . PRO B 1 1  ? 2.198   18.464  6.836   1.00 33.10 ? 1   PRO B CD  1 
ATOM   762  N N   . GLN B 1 2  ? 1.769   17.557  2.158   1.00 34.40 ? 2   GLN B N   1 
ATOM   763  C CA  . GLN B 1 2  ? 1.064   16.969  1.024   1.00 32.90 ? 2   GLN B CA  1 
ATOM   764  C C   . GLN B 1 2  ? 2.140   16.064  0.474   1.00 32.00 ? 2   GLN B C   1 
ATOM   765  O O   . GLN B 1 2  ? 3.330   16.296  0.712   1.00 33.00 ? 2   GLN B O   1 
ATOM   766  C CB  . GLN B 1 2  ? 0.697   18.045  -0.011  1.00 35.10 ? 2   GLN B CB  1 
ATOM   767  C CG  . GLN B 1 2  ? -0.100  17.545  -1.262  1.00 37.90 ? 2   GLN B CG  1 
ATOM   768  C CD  . GLN B 1 2  ? -1.300  18.452  -1.613  1.00 37.90 ? 2   GLN B CD  1 
ATOM   769  O OE1 . GLN B 1 2  ? -1.481  19.511  -1.002  1.00 37.80 ? 2   GLN B OE1 1 
ATOM   770  N NE2 . GLN B 1 2  ? -2.131  18.023  -2.566  1.00 35.30 ? 2   GLN B NE2 1 
ATOM   771  N N   . PHE B 1 3  ? 1.747   14.985  -0.172  1.00 29.10 ? 3   PHE B N   1 
ATOM   772  C CA  . PHE B 1 3  ? 2.729   14.089  -0.724  1.00 27.70 ? 3   PHE B CA  1 
ATOM   773  C C   . PHE B 1 3  ? 2.267   13.697  -2.103  1.00 26.30 ? 3   PHE B C   1 
ATOM   774  O O   . PHE B 1 3  ? 1.333   12.909  -2.239  1.00 27.20 ? 3   PHE B O   1 
ATOM   775  C CB  . PHE B 1 3  ? 2.825   12.813  0.119   1.00 30.40 ? 3   PHE B CB  1 
ATOM   776  C CG  . PHE B 1 3  ? 3.845   12.871  1.223   1.00 31.70 ? 3   PHE B CG  1 
ATOM   777  C CD1 . PHE B 1 3  ? 3.491   13.324  2.490   1.00 30.60 ? 3   PHE B CD1 1 
ATOM   778  C CD2 . PHE B 1 3  ? 5.150   12.408  1.004   1.00 33.60 ? 3   PHE B CD2 1 
ATOM   779  C CE1 . PHE B 1 3  ? 4.403   13.324  3.523   1.00 32.20 ? 3   PHE B CE1 1 
ATOM   780  C CE2 . PHE B 1 3  ? 6.093   12.397  2.048   1.00 32.20 ? 3   PHE B CE2 1 
ATOM   781  C CZ  . PHE B 1 3  ? 5.709   12.856  3.311   1.00 34.00 ? 3   PHE B CZ  1 
ATOM   782  N N   . SER B 1 4  ? 2.845   14.292  -3.132  1.00 23.90 ? 4   SER B N   1 
ATOM   783  C CA  . SER B 1 4  ? 2.481   13.887  -4.476  1.00 22.20 ? 4   SER B CA  1 
ATOM   784  C C   . SER B 1 4  ? 3.044   12.469  -4.506  1.00 20.00 ? 4   SER B C   1 
ATOM   785  O O   . SER B 1 4  ? 3.988   12.161  -3.782  1.00 22.20 ? 4   SER B O   1 
ATOM   786  C CB  . SER B 1 4  ? 3.149   14.793  -5.522  1.00 22.90 ? 4   SER B CB  1 
ATOM   787  O OG  . SER B 1 4  ? 4.549   14.918  -5.299  1.00 21.10 ? 4   SER B OG  1 
ATOM   788  N N   . LEU B 1 5  ? 2.487   11.601  -5.323  1.00 18.60 ? 5   LEU B N   1 
ATOM   789  C CA  . LEU B 1 5  ? 2.960   10.232  -5.329  1.00 16.20 ? 5   LEU B CA  1 
ATOM   790  C C   . LEU B 1 5  ? 3.965   9.900   -6.415  1.00 16.20 ? 5   LEU B C   1 
ATOM   791  O O   . LEU B 1 5  ? 4.169   8.728   -6.738  1.00 16.60 ? 5   LEU B O   1 
ATOM   792  C CB  . LEU B 1 5  ? 1.755   9.302   -5.363  1.00 13.20 ? 5   LEU B CB  1 
ATOM   793  C CG  . LEU B 1 5  ? 0.811   9.653   -4.204  1.00 11.40 ? 5   LEU B CG  1 
ATOM   794  C CD1 . LEU B 1 5  ? -0.469  8.856   -4.264  1.00 10.60 ? 5   LEU B CD1 1 
ATOM   795  C CD2 . LEU B 1 5  ? 1.524   9.414   -2.878  1.00 12.20 ? 5   LEU B CD2 1 
ATOM   796  N N   . TRP B 1 6  ? 4.596   10.931  -6.972  1.00 15.80 ? 6   TRP B N   1 
ATOM   797  C CA  . TRP B 1 6  ? 5.596   10.761  -8.025  1.00 15.50 ? 6   TRP B CA  1 
ATOM   798  C C   . TRP B 1 6  ? 6.735   9.872   -7.551  1.00 13.50 ? 6   TRP B C   1 
ATOM   799  O O   . TRP B 1 6  ? 7.339   9.162   -8.330  1.00 14.50 ? 6   TRP B O   1 
ATOM   800  C CB  . TRP B 1 6  ? 6.153   12.125  -8.474  1.00 17.00 ? 6   TRP B CB  1 
ATOM   801  C CG  . TRP B 1 6  ? 5.164   13.003  -9.175  1.00 14.20 ? 6   TRP B CG  1 
ATOM   802  C CD1 . TRP B 1 6  ? 4.691   14.187  -8.737  1.00 16.80 ? 6   TRP B CD1 1 
ATOM   803  C CD2 . TRP B 1 6  ? 4.441   12.703  -10.379 1.00 16.90 ? 6   TRP B CD2 1 
ATOM   804  N NE1 . TRP B 1 6  ? 3.706   14.646  -9.569  1.00 17.20 ? 6   TRP B NE1 1 
ATOM   805  C CE2 . TRP B 1 6  ? 3.532   13.749  -10.592 1.00 15.20 ? 6   TRP B CE2 1 
ATOM   806  C CE3 . TRP B 1 6  ? 4.469   11.648  -11.301 1.00 16.90 ? 6   TRP B CE3 1 
ATOM   807  C CZ2 . TRP B 1 6  ? 2.653   13.774  -11.663 1.00 16.70 ? 6   TRP B CZ2 1 
ATOM   808  C CZ3 . TRP B 1 6  ? 3.594   11.668  -12.370 1.00 15.30 ? 6   TRP B CZ3 1 
ATOM   809  C CH2 . TRP B 1 6  ? 2.704   12.727  -12.544 1.00 15.90 ? 6   TRP B CH2 1 
ATOM   810  N N   . LYS B 1 7  ? 7.029   9.952   -6.267  1.00 13.50 ? 7   LYS B N   1 
ATOM   811  C CA  . LYS B 1 7  ? 8.071   9.169   -5.646  1.00 13.60 ? 7   LYS B CA  1 
ATOM   812  C C   . LYS B 1 7  ? 7.441   8.431   -4.509  1.00 13.50 ? 7   LYS B C   1 
ATOM   813  O O   . LYS B 1 7  ? 6.438   8.880   -3.992  1.00 14.20 ? 7   LYS B O   1 
ATOM   814  C CB  . LYS B 1 7  ? 9.150   10.095  -5.113  1.00 13.60 ? 7   LYS B CB  1 
ATOM   815  C CG  . LYS B 1 7  ? 10.039  10.617  -6.208  1.00 18.00 ? 7   LYS B CG  1 
ATOM   816  C CD  . LYS B 1 7  ? 10.894  9.473   -6.709  1.00 21.70 ? 7   LYS B CD  1 
ATOM   817  C CE  . LYS B 1 7  ? 11.318  9.647   -8.166  1.00 22.70 ? 7   LYS B CE  1 
ATOM   818  N NZ  . LYS B 1 7  ? 12.260  8.538   -8.525  1.00 21.30 ? 7   LYS B NZ  1 
ATOM   819  N N   . ARG B 1 8  ? 7.986   7.280   -4.141  1.00 14.60 ? 8   ARG B N   1 
ATOM   820  C CA  . ARG B 1 8  ? 7.453   6.504   -3.019  1.00 15.70 ? 8   ARG B CA  1 
ATOM   821  C C   . ARG B 1 8  ? 7.426   7.360   -1.759  1.00 14.70 ? 8   ARG B C   1 
ATOM   822  O O   . ARG B 1 8  ? 8.442   7.955   -1.407  1.00 12.80 ? 8   ARG B O   1 
ATOM   823  C CB  . ARG B 1 8  ? 8.354   5.307   -2.697  1.00 17.20 ? 8   ARG B CB  1 
ATOM   824  C CG  . ARG B 1 8  ? 8.909   4.569   -3.867  1.00 22.40 ? 8   ARG B CG  1 
ATOM   825  C CD  . ARG B 1 8  ? 9.814   3.443   -3.400  1.00 26.10 ? 8   ARG B CD  1 
ATOM   826  N NE  . ARG B 1 8  ? 9.072   2.443   -2.650  1.00 29.80 ? 8   ARG B NE  1 
ATOM   827  C CZ  . ARG B 1 8  ? 9.344   1.135   -2.638  1.00 32.20 ? 8   ARG B CZ  1 
ATOM   828  N NH1 . ARG B 1 8  ? 10.370  0.635   -3.330  1.00 33.10 ? 8   ARG B NH1 1 
ATOM   829  N NH2 . ARG B 1 8  ? 8.533   0.307   -1.991  1.00 31.60 ? 8   ARG B NH2 1 
ATOM   830  N N   . PRO B 1 9  ? 6.291   7.396   -1.043  1.00 14.70 ? 9   PRO B N   1 
ATOM   831  C CA  . PRO B 1 9  ? 6.229   8.198   0.181   1.00 15.50 ? 9   PRO B CA  1 
ATOM   832  C C   . PRO B 1 9  ? 6.935   7.494   1.357   1.00 15.10 ? 9   PRO B C   1 
ATOM   833  O O   . PRO B 1 9  ? 6.336   6.696   2.064   1.00 15.50 ? 9   PRO B O   1 
ATOM   834  C CB  . PRO B 1 9  ? 4.720   8.373   0.387   1.00 14.70 ? 9   PRO B CB  1 
ATOM   835  C CG  . PRO B 1 9  ? 4.169   7.103   -0.132  1.00 14.10 ? 9   PRO B CG  1 
ATOM   836  C CD  . PRO B 1 9  ? 4.958   6.884   -1.397  1.00 13.60 ? 9   PRO B CD  1 
ATOM   837  N N   . VAL B 1 10 ? 8.237   7.743   1.487   1.00 17.00 ? 10  VAL B N   1 
ATOM   838  C CA  . VAL B 1 10 ? 9.100   7.176   2.522   1.00 15.80 ? 10  VAL B CA  1 
ATOM   839  C C   . VAL B 1 10 ? 9.520   8.289   3.460   1.00 18.20 ? 10  VAL B C   1 
ATOM   840  O O   . VAL B 1 10 ? 10.042  9.315   3.023   1.00 19.50 ? 10  VAL B O   1 
ATOM   841  C CB  . VAL B 1 10 ? 10.357  6.556   1.907   1.00 16.40 ? 10  VAL B CB  1 
ATOM   842  C CG1 . VAL B 1 10 ? 11.307  6.042   2.985   1.00 16.70 ? 10  VAL B CG1 1 
ATOM   843  C CG2 . VAL B 1 10 ? 9.977   5.432   1.015   1.00 15.20 ? 10  VAL B CG2 1 
ATOM   844  N N   . VAL B 1 11 ? 9.256   8.105   4.747   1.00 17.30 ? 11  VAL B N   1 
ATOM   845  C CA  . VAL B 1 11 ? 9.588   9.103   5.751   1.00 16.60 ? 11  VAL B CA  1 
ATOM   846  C C   . VAL B 1 11 ? 10.356  8.417   6.854   1.00 16.90 ? 11  VAL B C   1 
ATOM   847  O O   . VAL B 1 11 ? 10.450  7.198   6.876   1.00 16.70 ? 11  VAL B O   1 
ATOM   848  C CB  . VAL B 1 11 ? 8.317   9.736   6.342   1.00 14.20 ? 11  VAL B CB  1 
ATOM   849  C CG1 . VAL B 1 11 ? 7.647   10.628  5.317   1.00 15.70 ? 11  VAL B CG1 1 
ATOM   850  C CG2 . VAL B 1 11 ? 7.356   8.657   6.796   1.00 14.60 ? 11  VAL B CG2 1 
ATOM   851  N N   . THR B 1 12 ? 10.915  9.187   7.771   1.00 18.20 ? 12  THR B N   1 
ATOM   852  C CA  . THR B 1 12 ? 11.667  8.591   8.866   1.00 20.90 ? 12  THR B CA  1 
ATOM   853  C C   . THR B 1 12 ? 10.817  8.600   10.123  1.00 20.90 ? 12  THR B C   1 
ATOM   854  O O   . THR B 1 12 ? 10.442  9.664   10.598  1.00 23.90 ? 12  THR B O   1 
ATOM   855  C CB  . THR B 1 12 ? 12.952  9.357   9.150   1.00 21.10 ? 12  THR B CB  1 
ATOM   856  O OG1 . THR B 1 12 ? 13.792  9.311   7.992   1.00 24.40 ? 12  THR B OG1 1 
ATOM   857  C CG2 . THR B 1 12 ? 13.672  8.745   10.323  1.00 21.70 ? 12  THR B CG2 1 
ATOM   858  N N   . ALA B 1 13 ? 10.526  7.422   10.660  1.00 19.50 ? 13  ALA B N   1 
ATOM   859  C CA  . ALA B 1 13 ? 9.715   7.317   11.846  1.00 17.80 ? 13  ALA B CA  1 
ATOM   860  C C   . ALA B 1 13 ? 10.523  6.886   13.040  1.00 17.20 ? 13  ALA B C   1 
ATOM   861  O O   . ALA B 1 13 ? 11.307  5.956   12.970  1.00 17.90 ? 13  ALA B O   1 
ATOM   862  C CB  . ALA B 1 13 ? 8.606   6.328   11.610  1.00 15.30 ? 13  ALA B CB  1 
ATOM   863  N N   . TYR B 1 14 ? 10.276  7.533   14.162  1.00 17.20 ? 14  TYR B N   1 
ATOM   864  C CA  . TYR B 1 14 ? 10.944  7.210   15.406  1.00 17.10 ? 14  TYR B CA  1 
ATOM   865  C C   . TYR B 1 14 ? 9.974   6.396   16.250  1.00 17.50 ? 14  TYR B C   1 
ATOM   866  O O   . TYR B 1 14 ? 9.000   6.928   16.761  1.00 17.30 ? 14  TYR B O   1 
ATOM   867  C CB  . TYR B 1 14 ? 11.334  8.488   16.128  1.00 18.10 ? 14  TYR B CB  1 
ATOM   868  C CG  . TYR B 1 14 ? 12.579  9.113   15.588  1.00 20.20 ? 14  TYR B CG  1 
ATOM   869  C CD1 . TYR B 1 14 ? 13.832  8.620   15.961  1.00 23.10 ? 14  TYR B CD1 1 
ATOM   870  C CD2 . TYR B 1 14 ? 12.525  10.155  14.673  1.00 22.60 ? 14  TYR B CD2 1 
ATOM   871  C CE1 . TYR B 1 14 ? 15.010  9.139   15.438  1.00 21.60 ? 14  TYR B CE1 1 
ATOM   872  C CE2 . TYR B 1 14 ? 13.708  10.686  14.124  1.00 24.00 ? 14  TYR B CE2 1 
ATOM   873  C CZ  . TYR B 1 14 ? 14.942  10.166  14.520  1.00 24.60 ? 14  TYR B CZ  1 
ATOM   874  O OH  . TYR B 1 14 ? 16.116  10.684  14.021  1.00 23.80 ? 14  TYR B OH  1 
ATOM   875  N N   . ILE B 1 15 ? 10.205  5.094   16.330  1.00 16.70 ? 15  ILE B N   1 
ATOM   876  C CA  . ILE B 1 15 ? 9.364   4.199   17.101  1.00 16.50 ? 15  ILE B CA  1 
ATOM   877  C C   . ILE B 1 15 ? 10.130  3.996   18.395  1.00 17.00 ? 15  ILE B C   1 
ATOM   878  O O   . ILE B 1 15 ? 11.220  3.456   18.374  1.00 17.90 ? 15  ILE B O   1 
ATOM   879  C CB  . ILE B 1 15 ? 9.224   2.866   16.378  1.00 15.60 ? 15  ILE B CB  1 
ATOM   880  C CG1 . ILE B 1 15 ? 8.672   3.116   14.983  1.00 18.10 ? 15  ILE B CG1 1 
ATOM   881  C CG2 . ILE B 1 15 ? 8.360   1.913   17.172  1.00 12.10 ? 15  ILE B CG2 1 
ATOM   882  C CD1 . ILE B 1 15 ? 8.531   1.866   14.139  1.00 22.80 ? 15  ILE B CD1 1 
ATOM   883  N N   . GLU B 1 16 ? 9.601   4.487   19.510  1.00 18.00 ? 16  GLU B N   1 
ATOM   884  C CA  . GLU B 1 16 ? 10.273  4.372   20.806  1.00 17.80 ? 16  GLU B CA  1 
ATOM   885  C C   . GLU B 1 16 ? 11.707  4.857   20.693  1.00 18.20 ? 16  GLU B C   1 
ATOM   886  O O   . GLU B 1 16 ? 12.632  4.161   21.079  1.00 19.10 ? 16  GLU B O   1 
ATOM   887  C CB  . GLU B 1 16 ? 10.258  2.929   21.322  1.00 21.20 ? 16  GLU B CB  1 
ATOM   888  C CG  . GLU B 1 16 ? 8.911   2.434   21.857  1.00 22.30 ? 16  GLU B CG  1 
ATOM   889  C CD  . GLU B 1 16 ? 8.425   3.209   23.074  1.00 27.00 ? 16  GLU B CD  1 
ATOM   890  O OE1 . GLU B 1 16 ? 9.272   3.797   23.790  1.00 27.70 ? 16  GLU B OE1 1 
ATOM   891  O OE2 . GLU B 1 16 ? 7.192   3.226   23.329  1.00 24.70 ? 16  GLU B OE2 1 
ATOM   892  N N   . GLY B 1 17 ? 11.888  6.017   20.074  1.00 19.50 ? 17  GLY B N   1 
ATOM   893  C CA  . GLY B 1 17 ? 13.210  6.603   19.917  1.00 19.00 ? 17  GLY B CA  1 
ATOM   894  C C   . GLY B 1 17 ? 14.185  5.905   18.990  1.00 20.70 ? 17  GLY B C   1 
ATOM   895  O O   . GLY B 1 17 ? 15.368  6.256   18.991  1.00 22.80 ? 17  GLY B O   1 
ATOM   896  N N   . GLN B 1 18 ? 13.734  4.897   18.241  1.00 20.60 ? 18  GLN B N   1 
ATOM   897  C CA  . GLN B 1 18 ? 14.586  4.162   17.293  1.00 20.40 ? 18  GLN B CA  1 
ATOM   898  C C   . GLN B 1 18 ? 14.152  4.633   15.927  1.00 20.80 ? 18  GLN B C   1 
ATOM   899  O O   . GLN B 1 18 ? 12.978  4.512   15.586  1.00 23.90 ? 18  GLN B O   1 
ATOM   900  C CB  . GLN B 1 18 ? 14.356  2.647   17.404  1.00 21.30 ? 18  GLN B CB  1 
ATOM   901  C CG  . GLN B 1 18 ? 14.865  2.045   18.706  1.00 22.00 ? 18  GLN B CG  1 
ATOM   902  C CD  . GLN B 1 18 ? 14.257  0.702   19.031  1.00 21.80 ? 18  GLN B CD  1 
ATOM   903  O OE1 . GLN B 1 18 ? 14.612  -0.309  18.442  1.00 21.20 ? 18  GLN B OE1 1 
ATOM   904  N NE2 . GLN B 1 18 ? 13.363  0.680   20.008  1.00 22.00 ? 18  GLN B NE2 1 
ATOM   905  N N   . PRO B 1 19 ? 15.047  5.267   15.159  1.00 20.20 ? 19  PRO B N   1 
ATOM   906  C CA  . PRO B 1 19 ? 14.704  5.765   13.817  1.00 18.90 ? 19  PRO B CA  1 
ATOM   907  C C   . PRO B 1 19 ? 14.628  4.698   12.729  1.00 17.40 ? 19  PRO B C   1 
ATOM   908  O O   . PRO B 1 19 ? 15.559  3.925   12.576  1.00 21.10 ? 19  PRO B O   1 
ATOM   909  C CB  . PRO B 1 19 ? 15.838  6.730   13.528  1.00 19.10 ? 19  PRO B CB  1 
ATOM   910  C CG  . PRO B 1 19 ? 17.010  6.058   14.197  1.00 21.00 ? 19  PRO B CG  1 
ATOM   911  C CD  . PRO B 1 19 ? 16.420  5.644   15.528  1.00 20.50 ? 19  PRO B CD  1 
ATOM   912  N N   . VAL B 1 20 ? 13.514  4.623   12.007  1.00 16.70 ? 20  VAL B N   1 
ATOM   913  C CA  . VAL B 1 20 ? 13.380  3.664   10.905  1.00 17.90 ? 20  VAL B CA  1 
ATOM   914  C C   . VAL B 1 20 ? 12.809  4.415   9.728   1.00 19.40 ? 20  VAL B C   1 
ATOM   915  O O   . VAL B 1 20 ? 12.238  5.488   9.895   1.00 22.40 ? 20  VAL B O   1 
ATOM   916  C CB  . VAL B 1 20 ? 12.405  2.493   11.197  1.00 18.00 ? 20  VAL B CB  1 
ATOM   917  C CG1 . VAL B 1 20 ? 13.017  1.511   12.160  1.00 19.30 ? 20  VAL B CG1 1 
ATOM   918  C CG2 . VAL B 1 20 ? 11.097  3.018   11.722  1.00 16.90 ? 20  VAL B CG2 1 
ATOM   919  N N   . GLU B 1 21 ? 12.992  3.881   8.532   1.00 19.70 ? 21  GLU B N   1 
ATOM   920  C CA  . GLU B 1 21 ? 12.459  4.507   7.345   1.00 20.00 ? 21  GLU B CA  1 
ATOM   921  C C   . GLU B 1 21 ? 11.229  3.704   6.956   1.00 19.00 ? 21  GLU B C   1 
ATOM   922  O O   . GLU B 1 21 ? 11.304  2.504   6.741   1.00 20.40 ? 21  GLU B O   1 
ATOM   923  C CB  . GLU B 1 21 ? 13.512  4.509   6.263   1.00 23.50 ? 21  GLU B CB  1 
ATOM   924  C CG  . GLU B 1 21 ? 14.520  5.612   6.455   1.00 28.70 ? 21  GLU B CG  1 
ATOM   925  C CD  . GLU B 1 21 ? 14.475  6.575   5.294   1.00 35.00 ? 21  GLU B CD  1 
ATOM   926  O OE1 . GLU B 1 21 ? 14.903  6.159   4.179   1.00 36.90 ? 21  GLU B OE1 1 
ATOM   927  O OE2 . GLU B 1 21 ? 13.964  7.721   5.466   1.00 36.60 ? 21  GLU B OE2 1 
ATOM   928  N N   . VAL B 1 22 ? 10.084  4.355   6.938   1.00 16.50 ? 22  VAL B N   1 
ATOM   929  C CA  . VAL B 1 22 ? 8.841   3.669   6.659   1.00 15.50 ? 22  VAL B CA  1 
ATOM   930  C C   . VAL B 1 22 ? 8.107   4.169   5.444   1.00 15.20 ? 22  VAL B C   1 
ATOM   931  O O   . VAL B 1 22 ? 8.082   5.362   5.177   1.00 16.40 ? 22  VAL B O   1 
ATOM   932  C CB  . VAL B 1 22 ? 7.896   3.789   7.860   1.00 15.60 ? 22  VAL B CB  1 
ATOM   933  C CG1 . VAL B 1 22 ? 8.461   3.031   9.047   1.00 12.80 ? 22  VAL B CG1 1 
ATOM   934  C CG2 . VAL B 1 22 ? 7.679   5.268   8.210   1.00 15.30 ? 22  VAL B CG2 1 
ATOM   935  N N   . LEU B 1 23 ? 7.501   3.247   4.715   1.00 14.50 ? 23  LEU B N   1 
ATOM   936  C CA  . LEU B 1 23 ? 6.729   3.581   3.530   1.00 13.80 ? 23  LEU B CA  1 
ATOM   937  C C   . LEU B 1 23 ? 5.269   3.784   3.915   1.00 12.20 ? 23  LEU B C   1 
ATOM   938  O O   . LEU B 1 23 ? 4.633   2.900   4.477   1.00 13.00 ? 23  LEU B O   1 
ATOM   939  C CB  . LEU B 1 23 ? 6.846   2.455   2.507   1.00 14.60 ? 23  LEU B CB  1 
ATOM   940  C CG  . LEU B 1 23 ? 6.031   2.471   1.211   1.00 14.80 ? 23  LEU B CG  1 
ATOM   941  C CD1 . LEU B 1 23 ? 6.388   3.649   0.346   1.00 15.10 ? 23  LEU B CD1 1 
ATOM   942  C CD2 . LEU B 1 23 ? 6.316   1.204   0.471   1.00 15.00 ? 23  LEU B CD2 1 
ATOM   943  N N   . LEU B 1 24 ? 4.763   4.978   3.663   1.00 13.90 ? 24  LEU B N   1 
ATOM   944  C CA  . LEU B 1 24 ? 3.381   5.311   3.951   1.00 12.90 ? 24  LEU B CA  1 
ATOM   945  C C   . LEU B 1 24 ? 2.519   4.514   2.983   1.00 12.80 ? 24  LEU B C   1 
ATOM   946  O O   . LEU B 1 24 ? 2.519   4.760   1.784   1.00 15.00 ? 24  LEU B O   1 
ATOM   947  C CB  . LEU B 1 24 ? 3.186   6.819   3.774   1.00 14.20 ? 24  LEU B CB  1 
ATOM   948  C CG  . LEU B 1 24 ? 3.339   7.758   4.992   1.00 17.70 ? 24  LEU B CG  1 
ATOM   949  C CD1 . LEU B 1 24 ? 4.250   7.172   6.048   1.00 19.00 ? 24  LEU B CD1 1 
ATOM   950  C CD2 . LEU B 1 24 ? 3.799   9.149   4.556   1.00 18.10 ? 24  LEU B CD2 1 
ATOM   951  N N   . ASP B 1 25 ? 1.755   3.576   3.515   1.00 14.00 ? 25  ASP B N   1 
ATOM   952  C CA  . ASP B 1 25 ? 0.927   2.702   2.705   1.00 14.70 ? 25  ASP B CA  1 
ATOM   953  C C   . ASP B 1 25 ? -0.576  2.811   3.001   1.00 16.90 ? 25  ASP B C   1 
ATOM   954  O O   . ASP B 1 25 ? -1.017  2.491   4.107   1.00 17.10 ? 25  ASP B O   1 
ATOM   955  C CB  . ASP B 1 25 ? 1.398   1.264   2.928   1.00 13.90 ? 25  ASP B CB  1 
ATOM   956  C CG  . ASP B 1 25 ? 0.962   0.332   1.845   1.00 13.80 ? 25  ASP B CG  1 
ATOM   957  O OD1 . ASP B 1 25 ? -0.158  0.511   1.306   1.00 14.50 ? 25  ASP B OD1 1 
ATOM   958  O OD2 . ASP B 1 25 ? 1.747   -0.577  1.521   1.00 12.40 ? 25  ASP B OD2 1 
ATOM   959  N N   . THR B 1 26 ? -1.373  3.235   2.017   1.00 16.80 ? 26  THR B N   1 
ATOM   960  C CA  . THR B 1 26 ? -2.813  3.352   2.233   1.00 17.80 ? 26  THR B CA  1 
ATOM   961  C C   . THR B 1 26 ? -3.476  2.002   2.148   1.00 17.00 ? 26  THR B C   1 
ATOM   962  O O   . THR B 1 26 ? -4.466  1.766   2.815   1.00 19.70 ? 26  THR B O   1 
ATOM   963  C CB  . THR B 1 26 ? -3.493  4.257   1.216   1.00 17.80 ? 26  THR B CB  1 
ATOM   964  O OG1 . THR B 1 26 ? -3.237  3.759   -0.092  1.00 17.70 ? 26  THR B OG1 1 
ATOM   965  C CG2 . THR B 1 26 ? -2.983  5.673   1.333   1.00 15.60 ? 26  THR B CG2 1 
ATOM   966  N N   . GLY B 1 27 ? -2.934  1.131   1.307   1.00 15.80 ? 27  GLY B N   1 
ATOM   967  C CA  . GLY B 1 27 ? -3.491  -0.190  1.137   1.00 17.50 ? 27  GLY B CA  1 
ATOM   968  C C   . GLY B 1 27 ? -3.435  -1.108  2.344   1.00 17.30 ? 27  GLY B C   1 
ATOM   969  O O   . GLY B 1 27 ? -4.322  -1.932  2.535   1.00 19.70 ? 27  GLY B O   1 
ATOM   970  N N   . ALA B 1 28 ? -2.433  -0.947  3.194   1.00 15.60 ? 28  ALA B N   1 
ATOM   971  C CA  . ALA B 1 28 ? -2.290  -1.828  4.344   1.00 13.80 ? 28  ALA B CA  1 
ATOM   972  C C   . ALA B 1 28 ? -3.109  -1.423  5.574   1.00 13.40 ? 28  ALA B C   1 
ATOM   973  O O   . ALA B 1 28 ? -3.293  -0.241  5.847   1.00 11.50 ? 28  ALA B O   1 
ATOM   974  C CB  . ALA B 1 28 ? -0.822  -1.950  4.698   1.00 14.70 ? 28  ALA B CB  1 
ATOM   975  N N   . ASP B 1 29 ? -3.610  -2.405  6.312   1.00 13.20 ? 29  ASP B N   1 
ATOM   976  C CA  . ASP B 1 29 ? -4.372  -2.137  7.537   1.00 14.30 ? 29  ASP B CA  1 
ATOM   977  C C   . ASP B 1 29 ? -3.423  -2.012  8.716   1.00 15.50 ? 29  ASP B C   1 
ATOM   978  O O   . ASP B 1 29 ? -3.682  -1.247  9.643   1.00 17.30 ? 29  ASP B O   1 
ATOM   979  C CB  . ASP B 1 29 ? -5.314  -3.289  7.896   1.00 16.30 ? 29  ASP B CB  1 
ATOM   980  C CG  . ASP B 1 29 ? -6.344  -3.582  6.829   1.00 20.30 ? 29  ASP B CG  1 
ATOM   981  O OD1 . ASP B 1 29 ? -6.819  -2.649  6.141   1.00 19.30 ? 29  ASP B OD1 1 
ATOM   982  O OD2 . ASP B 1 29 ? -6.713  -4.775  6.698   1.00 23.20 ? 29  ASP B OD2 1 
ATOM   983  N N   . ASP B 1 30 ? -2.376  -2.838  8.719   1.00 15.90 ? 30  ASP B N   1 
ATOM   984  C CA  . ASP B 1 30 ? -1.413  -2.865  9.805   1.00 15.90 ? 30  ASP B CA  1 
ATOM   985  C C   . ASP B 1 30 ? -0.085  -2.249  9.394   1.00 15.70 ? 30  ASP B C   1 
ATOM   986  O O   . ASP B 1 30 ? 0.149   -2.003  8.221   1.00 18.00 ? 30  ASP B O   1 
ATOM   987  C CB  . ASP B 1 30 ? -1.151  -4.303  10.265  1.00 18.00 ? 30  ASP B CB  1 
ATOM   988  C CG  . ASP B 1 30 ? -2.406  -5.128  10.398  1.00 18.50 ? 30  ASP B CG  1 
ATOM   989  O OD1 . ASP B 1 30 ? -3.224  -4.873  11.316  1.00 17.30 ? 30  ASP B OD1 1 
ATOM   990  O OD2 . ASP B 1 30 ? -2.561  -6.061  9.578   1.00 19.70 ? 30  ASP B OD2 1 
ATOM   991  N N   . SER B 1 31 ? 0.768   -1.984  10.374  1.00 15.10 ? 31  SER B N   1 
ATOM   992  C CA  . SER B 1 31 ? 2.084   -1.424  10.136  1.00 14.50 ? 31  SER B CA  1 
ATOM   993  C C   . SER B 1 31 ? 3.102   -2.433  10.598  1.00 15.10 ? 31  SER B C   1 
ATOM   994  O O   . SER B 1 31 ? 3.011   -2.969  11.711  1.00 14.80 ? 31  SER B O   1 
ATOM   995  C CB  . SER B 1 31 ? 2.255   -0.107  10.862  1.00 12.60 ? 31  SER B CB  1 
ATOM   996  O OG  . SER B 1 31 ? 1.285   0.806   10.392  1.00 15.00 ? 31  SER B OG  1 
ATOM   997  N N   . ILE B 1 32 ? 4.070   -2.697  9.735   1.00 13.30 ? 32  ILE B N   1 
ATOM   998  C CA  . ILE B 1 32 ? 5.076   -3.692  10.016  1.00 15.30 ? 32  ILE B CA  1 
ATOM   999  C C   . ILE B 1 32 ? 6.449   -3.092  9.814   1.00 15.60 ? 32  ILE B C   1 
ATOM   1000 O O   . ILE B 1 32 ? 6.661   -2.337  8.867   1.00 13.50 ? 32  ILE B O   1 
ATOM   1001 C CB  . ILE B 1 32 ? 4.934   -4.865  9.034   1.00 15.00 ? 32  ILE B CB  1 
ATOM   1002 C CG1 . ILE B 1 32 ? 3.501   -5.346  8.973   1.00 15.40 ? 32  ILE B CG1 1 
ATOM   1003 C CG2 . ILE B 1 32 ? 5.828   -6.023  9.430   1.00 15.30 ? 32  ILE B CG2 1 
ATOM   1004 C CD1 . ILE B 1 32 ? 3.319   -6.419  7.943   1.00 19.00 ? 32  ILE B CD1 1 
ATOM   1005 N N   . VAL B 1 33 ? 7.361   -3.378  10.734  1.00 15.30 ? 33  VAL B N   1 
ATOM   1006 C CA  . VAL B 1 33 ? 8.716   -2.896  10.597  1.00 18.00 ? 33  VAL B CA  1 
ATOM   1007 C C   . VAL B 1 33 ? 9.646   -3.971  11.127  1.00 17.10 ? 33  VAL B C   1 
ATOM   1008 O O   . VAL B 1 33 ? 9.222   -4.834  11.883  1.00 14.90 ? 33  VAL B O   1 
ATOM   1009 C CB  . VAL B 1 33 ? 8.931   -1.568  11.342  1.00 18.70 ? 33  VAL B CB  1 
ATOM   1010 C CG1 . VAL B 1 33 ? 7.903   -0.530  10.898  1.00 18.20 ? 33  VAL B CG1 1 
ATOM   1011 C CG2 . VAL B 1 33 ? 8.843   -1.777  12.818  1.00 21.90 ? 33  VAL B CG2 1 
ATOM   1012 N N   . ALA B 1 34 ? 10.897  -3.947  10.683  1.00 17.40 ? 34  ALA B N   1 
ATOM   1013 C CA  . ALA B 1 34 ? 11.920  -4.905  11.120  1.00 15.80 ? 34  ALA B CA  1 
ATOM   1014 C C   . ALA B 1 34 ? 13.081  -4.143  11.700  1.00 16.40 ? 34  ALA B C   1 
ATOM   1015 O O   . ALA B 1 34 ? 13.236  -2.956  11.457  1.00 18.00 ? 34  ALA B O   1 
ATOM   1016 C CB  . ALA B 1 34 ? 12.427  -5.719  9.952   1.00 13.90 ? 34  ALA B CB  1 
ATOM   1017 N N   . GLY B 1 35 ? 13.946  -4.849  12.413  1.00 19.60 ? 35  GLY B N   1 
ATOM   1018 C CA  . GLY B 1 35 ? 15.108  -4.212  12.995  1.00 20.20 ? 35  GLY B CA  1 
ATOM   1019 C C   . GLY B 1 35 ? 14.919  -3.323  14.213  1.00 21.60 ? 35  GLY B C   1 
ATOM   1020 O O   . GLY B 1 35 ? 15.732  -2.422  14.430  1.00 23.90 ? 35  GLY B O   1 
ATOM   1021 N N   . ILE B 1 36 ? 13.865  -3.519  14.995  1.00 20.60 ? 36  ILE B N   1 
ATOM   1022 C CA  . ILE B 1 36 ? 13.681  -2.705  16.188  1.00 20.90 ? 36  ILE B CA  1 
ATOM   1023 C C   . ILE B 1 36 ? 13.284  -3.584  17.367  1.00 21.30 ? 36  ILE B C   1 
ATOM   1024 O O   . ILE B 1 36 ? 12.718  -4.674  17.198  1.00 19.60 ? 36  ILE B O   1 
ATOM   1025 C CB  . ILE B 1 36 ? 12.663  -1.531  16.016  1.00 21.40 ? 36  ILE B CB  1 
ATOM   1026 C CG1 . ILE B 1 36 ? 11.321  -2.018  15.476  1.00 19.60 ? 36  ILE B CG1 1 
ATOM   1027 C CG2 . ILE B 1 36 ? 13.261  -0.417  15.151  1.00 20.40 ? 36  ILE B CG2 1 
ATOM   1028 C CD1 . ILE B 1 36 ? 10.280  -0.940  15.520  1.00 21.80 ? 36  ILE B CD1 1 
ATOM   1029 N N   . GLU B 1 37 ? 13.618  -3.126  18.560  1.00 21.00 ? 37  GLU B N   1 
ATOM   1030 C CA  . GLU B 1 37 ? 13.328  -3.877  19.768  1.00 21.40 ? 37  GLU B CA  1 
ATOM   1031 C C   . GLU B 1 37 ? 12.184  -3.183  20.457  1.00 21.30 ? 37  GLU B C   1 
ATOM   1032 O O   . GLU B 1 37 ? 12.283  -1.987  20.797  1.00 22.20 ? 37  GLU B O   1 
ATOM   1033 C CB  . GLU B 1 37 ? 14.566  -3.901  20.668  1.00 20.60 ? 37  GLU B CB  1 
ATOM   1034 C CG  . GLU B 1 37 ? 14.358  -4.449  22.063  1.00 26.30 ? 37  GLU B CG  1 
ATOM   1035 C CD  . GLU B 1 37 ? 14.073  -5.940  22.086  1.00 28.90 ? 37  GLU B CD  1 
ATOM   1036 O OE1 . GLU B 1 37 ? 15.011  -6.756  21.871  1.00 32.50 ? 37  GLU B OE1 1 
ATOM   1037 O OE2 . GLU B 1 37 ? 12.905  -6.302  22.331  1.00 28.60 ? 37  GLU B OE2 1 
ATOM   1038 N N   . LEU B 1 38 ? 11.076  -3.900  20.636  1.00 19.90 ? 38  LEU B N   1 
ATOM   1039 C CA  . LEU B 1 38 ? 9.916   -3.300  21.286  1.00 20.10 ? 38  LEU B CA  1 
ATOM   1040 C C   . LEU B 1 38 ? 9.502   -3.877  22.618  1.00 20.10 ? 38  LEU B C   1 
ATOM   1041 O O   . LEU B 1 38 ? 8.472   -3.484  23.174  1.00 21.30 ? 38  LEU B O   1 
ATOM   1042 C CB  . LEU B 1 38 ? 8.724   -3.226  20.331  1.00 18.10 ? 38  LEU B CB  1 
ATOM   1043 C CG  . LEU B 1 38 ? 8.891   -2.057  19.374  1.00 17.80 ? 38  LEU B CG  1 
ATOM   1044 C CD1 . LEU B 1 38 ? 7.778   -1.988  18.375  1.00 16.60 ? 38  LEU B CD1 1 
ATOM   1045 C CD2 . LEU B 1 38 ? 8.937   -0.814  20.195  1.00 16.10 ? 38  LEU B CD2 1 
ATOM   1046 N N   . GLY B 1 39 ? 10.271  -4.825  23.128  1.00 20.70 ? 39  GLY B N   1 
ATOM   1047 C CA  . GLY B 1 39 ? 9.942   -5.376  24.430  1.00 19.70 ? 39  GLY B CA  1 
ATOM   1048 C C   . GLY B 1 39 ? 9.352   -6.764  24.385  1.00 19.80 ? 39  GLY B C   1 
ATOM   1049 O O   . GLY B 1 39 ? 9.333   -7.400  23.332  1.00 15.60 ? 39  GLY B O   1 
ATOM   1050 N N   . ASN B 1 40 ? 8.764   -7.174  25.507  1.00 21.40 ? 40  ASN B N   1 
ATOM   1051 C CA  . ASN B 1 40 ? 8.191   -8.502  25.641  1.00 21.50 ? 40  ASN B CA  1 
ATOM   1052 C C   . ASN B 1 40 ? 6.682   -8.660  25.822  1.00 20.00 ? 40  ASN B C   1 
ATOM   1053 O O   . ASN B 1 40 ? 6.228   -9.713  26.264  1.00 20.00 ? 40  ASN B O   1 
ATOM   1054 C CB  . ASN B 1 40 ? 8.927   -9.251  26.759  1.00 24.00 ? 40  ASN B CB  1 
ATOM   1055 C CG  . ASN B 1 40 ? 10.381  -9.527  26.416  1.00 23.50 ? 40  ASN B CG  1 
ATOM   1056 O OD1 . ASN B 1 40 ? 10.677  -10.147 25.392  1.00 24.00 ? 40  ASN B OD1 1 
ATOM   1057 N ND2 . ASN B 1 40 ? 11.297  -9.050  27.257  1.00 23.40 ? 40  ASN B ND2 1 
ATOM   1058 N N   . ASN B 1 41 ? 5.890   -7.645  25.507  1.00 19.90 ? 41  ASN B N   1 
ATOM   1059 C CA  . ASN B 1 41 ? 4.447   -7.810  25.630  1.00 20.70 ? 41  ASN B CA  1 
ATOM   1060 C C   . ASN B 1 41 ? 3.887   -7.837  24.220  1.00 19.80 ? 41  ASN B C   1 
ATOM   1061 O O   . ASN B 1 41 ? 3.243   -6.903  23.752  1.00 19.40 ? 41  ASN B O   1 
ATOM   1062 C CB  . ASN B 1 41 ? 3.823   -6.698  26.463  1.00 23.90 ? 41  ASN B CB  1 
ATOM   1063 C CG  . ASN B 1 41 ? 4.333   -6.682  27.904  1.00 28.10 ? 41  ASN B CG  1 
ATOM   1064 O OD1 . ASN B 1 41 ? 4.162   -7.648  28.667  1.00 28.60 ? 41  ASN B OD1 1 
ATOM   1065 N ND2 . ASN B 1 41 ? 4.976   -5.576  28.285  1.00 31.30 ? 41  ASN B ND2 1 
ATOM   1066 N N   . TYR B 1 42 ? 4.083   -8.966  23.568  1.00 19.00 ? 42  TYR B N   1 
ATOM   1067 C CA  . TYR B 1 42 ? 3.678   -9.143  22.192  1.00 18.30 ? 42  TYR B CA  1 
ATOM   1068 C C   . TYR B 1 42 ? 2.700   -10.272 22.030  1.00 18.60 ? 42  TYR B C   1 
ATOM   1069 O O   . TYR B 1 42 ? 2.490   -11.059 22.943  1.00 19.40 ? 42  TYR B O   1 
ATOM   1070 C CB  . TYR B 1 42 ? 4.920   -9.459  21.351  1.00 15.80 ? 42  TYR B CB  1 
ATOM   1071 C CG  . TYR B 1 42 ? 5.762   -10.572 21.930  1.00 15.00 ? 42  TYR B CG  1 
ATOM   1072 C CD1 . TYR B 1 42 ? 5.375   -11.897 21.809  1.00 14.10 ? 42  TYR B CD1 1 
ATOM   1073 C CD2 . TYR B 1 42 ? 6.920   -10.297 22.666  1.00 15.70 ? 42  TYR B CD2 1 
ATOM   1074 C CE1 . TYR B 1 42 ? 6.077   -12.901 22.411  1.00 12.50 ? 42  TYR B CE1 1 
ATOM   1075 C CE2 . TYR B 1 42 ? 7.630   -11.297 23.268  1.00 12.50 ? 42  TYR B CE2 1 
ATOM   1076 C CZ  . TYR B 1 42 ? 7.195   -12.601 23.130  1.00 15.00 ? 42  TYR B CZ  1 
ATOM   1077 O OH  . TYR B 1 42 ? 7.869   -13.640 23.729  1.00 13.30 ? 42  TYR B OH  1 
ATOM   1078 N N   . SER B 1 43 ? 2.165   -10.375 20.827  1.00 17.70 ? 43  SER B N   1 
ATOM   1079 C CA  . SER B 1 43 ? 1.238   -11.424 20.460  1.00 20.60 ? 43  SER B CA  1 
ATOM   1080 C C   . SER B 1 43 ? 1.663   -11.854 19.061  1.00 20.00 ? 43  SER B C   1 
ATOM   1081 O O   . SER B 1 43 ? 1.785   -11.009 18.189  1.00 21.40 ? 43  SER B O   1 
ATOM   1082 C CB  . SER B 1 43 ? -0.173  -10.848 20.411  1.00 20.50 ? 43  SER B CB  1 
ATOM   1083 O OG  . SER B 1 43 ? -0.266  -9.726  21.269  1.00 25.50 ? 43  SER B OG  1 
ATOM   1084 N N   . PRO B 1 44 ? 1.979   -13.147 18.851  1.00 19.90 ? 44  PRO B N   1 
ATOM   1085 C CA  . PRO B 1 44 ? 2.391   -13.584 17.511  1.00 19.60 ? 44  PRO B CA  1 
ATOM   1086 C C   . PRO B 1 44 ? 1.189   -13.585 16.589  1.00 20.20 ? 44  PRO B C   1 
ATOM   1087 O O   . PRO B 1 44 ? 0.139   -14.111 16.948  1.00 19.50 ? 44  PRO B O   1 
ATOM   1088 C CB  . PRO B 1 44 ? 2.870   -15.022 17.738  1.00 18.90 ? 44  PRO B CB  1 
ATOM   1089 C CG  . PRO B 1 44 ? 3.114   -15.114 19.222  1.00 19.50 ? 44  PRO B CG  1 
ATOM   1090 C CD  . PRO B 1 44 ? 2.014   -14.274 19.796  1.00 21.20 ? 44  PRO B CD  1 
ATOM   1091 N N   . LYS B 1 45 ? 1.344   -13.016 15.399  1.00 20.40 ? 45  LYS B N   1 
ATOM   1092 C CA  . LYS B 1 45 ? 0.262   -12.945 14.415  1.00 20.70 ? 45  LYS B CA  1 
ATOM   1093 C C   . LYS B 1 45 ? 0.854   -13.264 13.052  1.00 21.40 ? 45  LYS B C   1 
ATOM   1094 O O   . LYS B 1 45 ? 2.071   -13.296 12.897  1.00 22.40 ? 45  LYS B O   1 
ATOM   1095 C CB  . LYS B 1 45 ? -0.317  -11.530 14.369  1.00 17.80 ? 45  LYS B CB  1 
ATOM   1096 C CG  . LYS B 1 45 ? -0.819  -11.003 15.676  1.00 17.80 ? 45  LYS B CG  1 
ATOM   1097 C CD  . LYS B 1 45 ? -2.251  -11.332 15.895  1.00 19.20 ? 45  LYS B CD  1 
ATOM   1098 C CE  . LYS B 1 45 ? -2.687  -10.859 17.256  1.00 24.00 ? 45  LYS B CE  1 
ATOM   1099 N NZ  . LYS B 1 45 ? -4.133  -10.477 17.266  1.00 26.50 ? 45  LYS B NZ  1 
ATOM   1100 N N   . ILE B 1 46 ? -0.005  -13.450 12.057  1.00 23.40 ? 46  ILE B N   1 
ATOM   1101 C CA  . ILE B 1 46 ? 0.418   -13.749 10.683  1.00 25.60 ? 46  ILE B CA  1 
ATOM   1102 C C   . ILE B 1 46 ? -0.207  -12.733 9.713   1.00 26.80 ? 46  ILE B C   1 
ATOM   1103 O O   . ILE B 1 46 ? -1.428  -12.594 9.692   1.00 29.10 ? 46  ILE B O   1 
ATOM   1104 C CB  . ILE B 1 46 ? -0.058  -15.180 10.270  1.00 25.60 ? 46  ILE B CB  1 
ATOM   1105 C CG1 . ILE B 1 46 ? 0.748   -16.238 11.028  1.00 24.30 ? 46  ILE B CG1 1 
ATOM   1106 C CG2 . ILE B 1 46 ? 0.087   -15.403 8.744   1.00 23.50 ? 46  ILE B CG2 1 
ATOM   1107 C CD1 . ILE B 1 46 ? 2.127   -16.483 10.449  1.00 27.60 ? 46  ILE B CD1 1 
ATOM   1108 N N   . VAL B 1 47 ? 0.584   -11.997 8.941   1.00 25.10 ? 47  VAL B N   1 
ATOM   1109 C CA  . VAL B 1 47 ? -0.032  -11.057 8.001   1.00 24.50 ? 47  VAL B CA  1 
ATOM   1110 C C   . VAL B 1 47 ? 0.162   -11.555 6.565   1.00 23.40 ? 47  VAL B C   1 
ATOM   1111 O O   . VAL B 1 47 ? 1.245   -12.013 6.194   1.00 22.30 ? 47  VAL B O   1 
ATOM   1112 C CB  . VAL B 1 47 ? 0.460   -9.563  8.182   1.00 25.10 ? 47  VAL B CB  1 
ATOM   1113 C CG1 . VAL B 1 47 ? 1.238   -9.382  9.490   1.00 25.50 ? 47  VAL B CG1 1 
ATOM   1114 C CG2 . VAL B 1 47 ? 1.287   -9.095  6.976   1.00 23.80 ? 47  VAL B CG2 1 
ATOM   1115 N N   . GLY B 1 48 ? -0.907  -11.513 5.773   1.00 23.60 ? 48  GLY B N   1 
ATOM   1116 C CA  . GLY B 1 48 ? -0.838  -11.981 4.396   1.00 21.80 ? 48  GLY B CA  1 
ATOM   1117 C C   . GLY B 1 48 ? -0.670  -10.827 3.426   1.00 22.40 ? 48  GLY B C   1 
ATOM   1118 O O   . GLY B 1 48 ? -1.472  -9.893  3.426   1.00 22.90 ? 48  GLY B O   1 
ATOM   1119 N N   . GLY B 1 49 ? 0.391   -10.861 2.630   1.00 21.80 ? 49  GLY B N   1 
ATOM   1120 C CA  . GLY B 1 49 ? 0.621   -9.801  1.663   1.00 23.90 ? 49  GLY B CA  1 
ATOM   1121 C C   . GLY B 1 49 ? 0.747   -10.381 0.277   1.00 22.50 ? 49  GLY B C   1 
ATOM   1122 O O   . GLY B 1 49 ? 0.363   -11.518 0.060   1.00 23.30 ? 49  GLY B O   1 
ATOM   1123 N N   . ILE B 1 50 ? 1.225   -9.609  -0.689  1.00 22.70 ? 50  ILE B N   1 
ATOM   1124 C CA  . ILE B 1 50 ? 1.396   -10.154 -2.035  1.00 21.80 ? 50  ILE B CA  1 
ATOM   1125 C C   . ILE B 1 50 ? 2.647   -10.988 -1.883  1.00 22.00 ? 50  ILE B C   1 
ATOM   1126 O O   . ILE B 1 50 ? 3.595   -10.562 -1.221  1.00 20.40 ? 50  ILE B O   1 
ATOM   1127 C CB  . ILE B 1 50 ? 1.687   -9.050  -3.100  1.00 24.40 ? 50  ILE B CB  1 
ATOM   1128 C CG1 . ILE B 1 50 ? 0.621   -7.954  -3.048  1.00 24.60 ? 50  ILE B CG1 1 
ATOM   1129 C CG2 . ILE B 1 50 ? 1.764   -9.655  -4.504  1.00 23.20 ? 50  ILE B CG2 1 
ATOM   1130 C CD1 . ILE B 1 50 ? -0.780  -8.408  -3.330  1.00 27.20 ? 50  ILE B CD1 1 
ATOM   1131 N N   . GLY B 1 51 ? 2.643   -12.181 -2.457  1.00 22.90 ? 51  GLY B N   1 
ATOM   1132 C CA  . GLY B 1 51 ? 3.818   -13.035 -2.368  1.00 22.90 ? 51  GLY B CA  1 
ATOM   1133 C C   . GLY B 1 51 ? 3.877   -14.032 -1.213  1.00 23.30 ? 51  GLY B C   1 
ATOM   1134 O O   . GLY B 1 51 ? 4.631   -15.007 -1.301  1.00 23.30 ? 51  GLY B O   1 
ATOM   1135 N N   . GLY B 1 52 ? 3.133   -13.808 -0.128  1.00 22.50 ? 52  GLY B N   1 
ATOM   1136 C CA  . GLY B 1 52 ? 3.185   -14.757 0.972   1.00 21.30 ? 52  GLY B CA  1 
ATOM   1137 C C   . GLY B 1 52 ? 2.690   -14.278 2.319   1.00 21.50 ? 52  GLY B C   1 
ATOM   1138 O O   . GLY B 1 52 ? 2.114   -13.197 2.433   1.00 21.40 ? 52  GLY B O   1 
ATOM   1139 N N   . PHE B 1 53 ? 2.880   -15.118 3.335   1.00 20.80 ? 53  PHE B N   1 
ATOM   1140 C CA  . PHE B 1 53 ? 2.463   -14.805 4.700   1.00 20.20 ? 53  PHE B CA  1 
ATOM   1141 C C   . PHE B 1 53 ? 3.674   -14.446 5.514   1.00 20.40 ? 53  PHE B C   1 
ATOM   1142 O O   . PHE B 1 53 ? 4.759   -15.022 5.329   1.00 22.10 ? 53  PHE B O   1 
ATOM   1143 C CB  . PHE B 1 53 ? 1.756   -15.992 5.334   1.00 21.20 ? 53  PHE B CB  1 
ATOM   1144 C CG  . PHE B 1 53 ? 0.553   -16.433 4.573   1.00 22.30 ? 53  PHE B CG  1 
ATOM   1145 C CD1 . PHE B 1 53 ? 0.670   -17.374 3.556   1.00 23.80 ? 53  PHE B CD1 1 
ATOM   1146 C CD2 . PHE B 1 53 ? -0.694  -15.888 4.850   1.00 22.90 ? 53  PHE B CD2 1 
ATOM   1147 C CE1 . PHE B 1 53 ? -0.433  -17.757 2.825   1.00 21.40 ? 53  PHE B CE1 1 
ATOM   1148 C CE2 . PHE B 1 53 ? -1.811  -16.269 4.120   1.00 20.30 ? 53  PHE B CE2 1 
ATOM   1149 C CZ  . PHE B 1 53 ? -1.678  -17.207 3.110   1.00 21.30 ? 53  PHE B CZ  1 
ATOM   1150 N N   . ILE B 1 54 ? 3.480   -13.512 6.435   1.00 19.00 ? 54  ILE B N   1 
ATOM   1151 C CA  . ILE B 1 54 ? 4.544   -13.003 7.272   1.00 19.60 ? 54  ILE B CA  1 
ATOM   1152 C C   . ILE B 1 54 ? 4.235   -13.310 8.725   1.00 18.80 ? 54  ILE B C   1 
ATOM   1153 O O   . ILE B 1 54 ? 3.095   -13.194 9.158   1.00 18.00 ? 54  ILE B O   1 
ATOM   1154 C CB  . ILE B 1 54 ? 4.683   -11.452 7.073   1.00 20.30 ? 54  ILE B CB  1 
ATOM   1155 C CG1 . ILE B 1 54 ? 5.296   -11.131 5.719   1.00 22.20 ? 54  ILE B CG1 1 
ATOM   1156 C CG2 . ILE B 1 54 ? 5.589   -10.836 8.093   1.00 21.90 ? 54  ILE B CG2 1 
ATOM   1157 C CD1 . ILE B 1 54 ? 6.777   -11.399 5.655   1.00 21.40 ? 54  ILE B CD1 1 
ATOM   1158 N N   . ASN B 1 55 ? 5.254   -13.740 9.456   1.00 17.20 ? 55  ASN B N   1 
ATOM   1159 C CA  . ASN B 1 55 ? 5.143   -14.032 10.882  1.00 18.20 ? 55  ASN B CA  1 
ATOM   1160 C C   . ASN B 1 55 ? 5.527   -12.761 11.594  1.00 15.70 ? 55  ASN B C   1 
ATOM   1161 O O   . ASN B 1 55 ? 6.554   -12.176 11.261  1.00 18.50 ? 55  ASN B O   1 
ATOM   1162 C CB  . ASN B 1 55 ? 6.149   -15.103 11.271  1.00 20.60 ? 55  ASN B CB  1 
ATOM   1163 C CG  . ASN B 1 55 ? 5.523   -16.465 11.407  1.00 22.90 ? 55  ASN B CG  1 
ATOM   1164 O OD1 . ASN B 1 55 ? 4.717   -16.695 12.308  1.00 25.90 ? 55  ASN B OD1 1 
ATOM   1165 N ND2 . ASN B 1 55 ? 5.884   -17.378 10.509  1.00 23.60 ? 55  ASN B ND2 1 
ATOM   1166 N N   . THR B 1 56 ? 4.768   -12.343 12.601  1.00 16.20 ? 56  THR B N   1 
ATOM   1167 C CA  . THR B 1 56 ? 5.104   -11.094 13.287  1.00 14.90 ? 56  THR B CA  1 
ATOM   1168 C C   . THR B 1 56 ? 4.813   -11.184 14.763  1.00 14.50 ? 56  THR B C   1 
ATOM   1169 O O   . THR B 1 56 ? 4.263   -12.169 15.230  1.00 14.70 ? 56  THR B O   1 
ATOM   1170 C CB  . THR B 1 56 ? 4.274   -9.892  12.732  1.00 15.10 ? 56  THR B CB  1 
ATOM   1171 O OG1 . THR B 1 56 ? 2.891   -10.079 13.051  1.00 14.70 ? 56  THR B OG1 1 
ATOM   1172 C CG2 . THR B 1 56 ? 4.400   -9.756  11.219  1.00 14.10 ? 56  THR B CG2 1 
ATOM   1173 N N   . LEU B 1 57 ? 5.239   -10.159 15.498  1.00 16.90 ? 57  LEU B N   1 
ATOM   1174 C CA  . LEU B 1 57 ? 4.956   -10.027 16.937  1.00 15.80 ? 57  LEU B CA  1 
ATOM   1175 C C   . LEU B 1 57 ? 4.193   -8.703  16.965  1.00 16.00 ? 57  LEU B C   1 
ATOM   1176 O O   . LEU B 1 57 ? 4.646   -7.732  16.379  1.00 16.60 ? 57  LEU B O   1 
ATOM   1177 C CB  . LEU B 1 57 ? 6.235   -9.894  17.771  1.00 16.20 ? 57  LEU B CB  1 
ATOM   1178 C CG  . LEU B 1 57 ? 7.236   -11.044 17.809  1.00 17.60 ? 57  LEU B CG  1 
ATOM   1179 C CD1 . LEU B 1 57 ? 8.406   -10.754 18.769  1.00 16.60 ? 57  LEU B CD1 1 
ATOM   1180 C CD2 . LEU B 1 57 ? 6.481   -12.270 18.251  1.00 20.60 ? 57  LEU B CD2 1 
ATOM   1181 N N   . GLU B 1 58 ? 3.030   -8.663  17.601  1.00 14.60 ? 58  GLU B N   1 
ATOM   1182 C CA  . GLU B 1 58 ? 2.246   -7.453  17.636  1.00 13.20 ? 58  GLU B CA  1 
ATOM   1183 C C   . GLU B 1 58 ? 2.355   -6.742  18.969  1.00 13.70 ? 58  GLU B C   1 
ATOM   1184 O O   . GLU B 1 58 ? 2.196   -7.341  20.027  1.00 13.90 ? 58  GLU B O   1 
ATOM   1185 C CB  . GLU B 1 58 ? 0.783   -7.741  17.308  1.00 13.70 ? 58  GLU B CB  1 
ATOM   1186 C CG  . GLU B 1 58 ? -0.099  -6.513  17.331  1.00 12.10 ? 58  GLU B CG  1 
ATOM   1187 C CD  . GLU B 1 58 ? -1.550  -6.809  17.085  1.00 14.40 ? 58  GLU B CD  1 
ATOM   1188 O OE1 . GLU B 1 58 ? -2.269  -7.136  18.052  1.00 17.30 ? 58  GLU B OE1 1 
ATOM   1189 O OE2 . GLU B 1 58 ? -1.990  -6.679  15.925  1.00 15.10 ? 58  GLU B OE2 1 
ATOM   1190 N N   . TYR B 1 59 ? 2.685   -5.460  18.900  1.00 15.10 ? 59  TYR B N   1 
ATOM   1191 C CA  . TYR B 1 59 ? 2.825   -4.622  20.071  1.00 15.00 ? 59  TYR B CA  1 
ATOM   1192 C C   . TYR B 1 59 ? 1.799   -3.522  20.002  1.00 15.00 ? 59  TYR B C   1 
ATOM   1193 O O   . TYR B 1 59 ? 1.767   -2.754  19.051  1.00 15.40 ? 59  TYR B O   1 
ATOM   1194 C CB  . TYR B 1 59 ? 4.222   -4.018  20.115  1.00 14.10 ? 59  TYR B CB  1 
ATOM   1195 C CG  . TYR B 1 59 ? 5.304   -5.040  20.255  1.00 14.80 ? 59  TYR B CG  1 
ATOM   1196 C CD1 . TYR B 1 59 ? 5.638   -5.549  21.500  1.00 15.30 ? 59  TYR B CD1 1 
ATOM   1197 C CD2 . TYR B 1 59 ? 6.042   -5.455  19.162  1.00 13.80 ? 59  TYR B CD2 1 
ATOM   1198 C CE1 . TYR B 1 59 ? 6.684   -6.446  21.655  1.00 14.20 ? 59  TYR B CE1 1 
ATOM   1199 C CE2 . TYR B 1 59 ? 7.095   -6.353  19.310  1.00 14.80 ? 59  TYR B CE2 1 
ATOM   1200 C CZ  . TYR B 1 59 ? 7.407   -6.834  20.562  1.00 13.60 ? 59  TYR B CZ  1 
ATOM   1201 O OH  . TYR B 1 59 ? 8.449   -7.696  20.729  1.00 18.50 ? 59  TYR B OH  1 
ATOM   1202 N N   . LYS B 1 60 ? 0.948   -3.437  21.007  1.00 16.30 ? 60  LYS B N   1 
ATOM   1203 C CA  . LYS B 1 60 ? -0.070  -2.414  21.005  1.00 16.50 ? 60  LYS B CA  1 
ATOM   1204 C C   . LYS B 1 60 ? 0.383   -1.206  21.793  1.00 17.50 ? 60  LYS B C   1 
ATOM   1205 O O   . LYS B 1 60 ? 1.246   -1.330  22.656  1.00 19.60 ? 60  LYS B O   1 
ATOM   1206 C CB  . LYS B 1 60 ? -1.330  -2.995  21.607  1.00 17.30 ? 60  LYS B CB  1 
ATOM   1207 C CG  . LYS B 1 60 ? -1.709  -4.297  20.969  1.00 19.90 ? 60  LYS B CG  1 
ATOM   1208 C CD  . LYS B 1 60 ? -2.306  -5.246  21.981  1.00 22.40 ? 60  LYS B CD  1 
ATOM   1209 C CE  . LYS B 1 60 ? -3.816  -5.201  21.987  1.00 20.60 ? 60  LYS B CE  1 
ATOM   1210 N NZ  . LYS B 1 60 ? -4.361  -4.069  22.763  1.00 25.20 ? 60  LYS B NZ  1 
ATOM   1211 N N   . ASN B 1 61 ? -0.155  -0.038  21.475  1.00 17.10 ? 61  ASN B N   1 
ATOM   1212 C CA  . ASN B 1 61 ? 0.171   1.179   22.206  1.00 18.60 ? 61  ASN B CA  1 
ATOM   1213 C C   . ASN B 1 61 ? 1.663   1.552   22.236  1.00 21.50 ? 61  ASN B C   1 
ATOM   1214 O O   . ASN B 1 61 ? 2.235   1.718   23.325  1.00 21.30 ? 61  ASN B O   1 
ATOM   1215 C CB  . ASN B 1 61 ? -0.363  1.054   23.649  1.00 19.20 ? 61  ASN B CB  1 
ATOM   1216 C CG  . ASN B 1 61 ? -0.390  2.370   24.393  1.00 18.30 ? 61  ASN B CG  1 
ATOM   1217 O OD1 . ASN B 1 61 ? -0.631  3.409   23.804  1.00 23.20 ? 61  ASN B OD1 1 
ATOM   1218 N ND2 . ASN B 1 61 ? -0.154  2.330   25.688  1.00 17.30 ? 61  ASN B ND2 1 
ATOM   1219 N N   . VAL B 1 62 ? 2.279   1.742   21.065  1.00 20.90 ? 62  VAL B N   1 
ATOM   1220 C CA  . VAL B 1 62 ? 3.699   2.112   21.025  1.00 22.00 ? 62  VAL B CA  1 
ATOM   1221 C C   . VAL B 1 62 ? 3.862   3.570   20.617  1.00 21.30 ? 62  VAL B C   1 
ATOM   1222 O O   . VAL B 1 62 ? 3.111   4.076   19.783  1.00 21.70 ? 62  VAL B O   1 
ATOM   1223 C CB  . VAL B 1 62 ? 4.521   1.221   20.060  1.00 23.50 ? 62  VAL B CB  1 
ATOM   1224 C CG1 . VAL B 1 62 ? 4.480   -0.240  20.515  1.00 24.00 ? 62  VAL B CG1 1 
ATOM   1225 C CG2 . VAL B 1 62 ? 4.007   1.369   18.634  1.00 24.90 ? 62  VAL B CG2 1 
ATOM   1226 N N   . GLU B 1 63 ? 4.843   4.248   21.196  1.00 19.90 ? 63  GLU B N   1 
ATOM   1227 C CA  . GLU B 1 63 ? 5.039   5.636   20.865  1.00 19.90 ? 63  GLU B CA  1 
ATOM   1228 C C   . GLU B 1 63 ? 5.749   5.794   19.561  1.00 18.30 ? 63  GLU B C   1 
ATOM   1229 O O   . GLU B 1 63 ? 6.866   5.349   19.408  1.00 19.70 ? 63  GLU B O   1 
ATOM   1230 C CB  . GLU B 1 63 ? 5.791   6.371   21.958  1.00 21.40 ? 63  GLU B CB  1 
ATOM   1231 C CG  . GLU B 1 63 ? 5.817   7.853   21.691  1.00 24.60 ? 63  GLU B CG  1 
ATOM   1232 C CD  . GLU B 1 63 ? 6.281   8.641   22.888  1.00 27.90 ? 63  GLU B CD  1 
ATOM   1233 O OE1 . GLU B 1 63 ? 7.404   8.367   23.355  1.00 30.10 ? 63  GLU B OE1 1 
ATOM   1234 O OE2 . GLU B 1 63 ? 5.526   9.527   23.357  1.00 27.70 ? 63  GLU B OE2 1 
ATOM   1235 N N   . ILE B 1 64 ? 5.085   6.442   18.628  1.00 16.50 ? 64  ILE B N   1 
ATOM   1236 C CA  . ILE B 1 64 ? 5.636   6.670   17.315  1.00 16.50 ? 64  ILE B CA  1 
ATOM   1237 C C   . ILE B 1 64 ? 5.743   8.165   17.075  1.00 16.00 ? 64  ILE B C   1 
ATOM   1238 O O   . ILE B 1 64 ? 4.846   8.902   17.443  1.00 16.10 ? 64  ILE B O   1 
ATOM   1239 C CB  . ILE B 1 64 ? 4.717   6.044   16.262  1.00 15.80 ? 64  ILE B CB  1 
ATOM   1240 C CG1 . ILE B 1 64 ? 4.626   4.541   16.494  1.00 16.00 ? 64  ILE B CG1 1 
ATOM   1241 C CG2 . ILE B 1 64 ? 5.212   6.341   14.872  1.00 12.40 ? 64  ILE B CG2 1 
ATOM   1242 C CD1 . ILE B 1 64 ? 3.604   3.879   15.635  1.00 17.50 ? 64  ILE B CD1 1 
ATOM   1243 N N   . GLU B 1 65 ? 6.844   8.614   16.480  1.00 17.60 ? 65  GLU B N   1 
ATOM   1244 C CA  . GLU B 1 65 ? 7.050   10.027  16.173  1.00 17.50 ? 65  GLU B CA  1 
ATOM   1245 C C   . GLU B 1 65 ? 7.429   10.084  14.697  1.00 19.50 ? 65  GLU B C   1 
ATOM   1246 O O   . GLU B 1 65 ? 8.512   9.669   14.306  1.00 20.20 ? 65  GLU B O   1 
ATOM   1247 C CB  . GLU B 1 65 ? 8.170   10.590  17.035  1.00 19.10 ? 65  GLU B CB  1 
ATOM   1248 C CG  . GLU B 1 65 ? 8.469   12.059  16.837  1.00 21.80 ? 65  GLU B CG  1 
ATOM   1249 C CD  . GLU B 1 65 ? 9.586   12.529  17.768  1.00 23.40 ? 65  GLU B CD  1 
ATOM   1250 O OE1 . GLU B 1 65 ? 10.733  12.077  17.604  1.00 25.60 ? 65  GLU B OE1 1 
ATOM   1251 O OE2 . GLU B 1 65 ? 9.322   13.309  18.701  1.00 25.00 ? 65  GLU B OE2 1 
ATOM   1252 N N   . VAL B 1 66 ? 6.545   10.618  13.868  1.00 21.10 ? 66  VAL B N   1 
ATOM   1253 C CA  . VAL B 1 66 ? 6.781   10.650  12.439  1.00 19.70 ? 66  VAL B CA  1 
ATOM   1254 C C   . VAL B 1 66 ? 5.993   11.830  11.906  1.00 20.70 ? 66  VAL B C   1 
ATOM   1255 O O   . VAL B 1 66 ? 4.983   12.184  12.499  1.00 21.90 ? 66  VAL B O   1 
ATOM   1256 C CB  . VAL B 1 66 ? 6.272   9.331   11.827  1.00 19.70 ? 66  VAL B CB  1 
ATOM   1257 C CG1 . VAL B 1 66 ? 4.750   9.294   11.820  1.00 19.00 ? 66  VAL B CG1 1 
ATOM   1258 C CG2 . VAL B 1 66 ? 6.838   9.138   10.438  1.00 20.00 ? 66  VAL B CG2 1 
ATOM   1259 N N   . LEU B 1 67 ? 6.442   12.421  10.794  1.00 19.50 ? 67  LEU B N   1 
ATOM   1260 C CA  . LEU B 1 67 ? 5.790   13.590  10.194  1.00 19.30 ? 67  LEU B CA  1 
ATOM   1261 C C   . LEU B 1 67 ? 5.499   14.708  11.201  1.00 21.40 ? 67  LEU B C   1 
ATOM   1262 O O   . LEU B 1 67 ? 4.492   15.395  11.083  1.00 21.10 ? 67  LEU B O   1 
ATOM   1263 C CB  . LEU B 1 67 ? 4.495   13.190  9.492   1.00 17.90 ? 67  LEU B CB  1 
ATOM   1264 C CG  . LEU B 1 67 ? 4.585   12.538  8.112   1.00 17.70 ? 67  LEU B CG  1 
ATOM   1265 C CD1 . LEU B 1 67 ? 3.176   12.260  7.599   1.00 17.80 ? 67  LEU B CD1 1 
ATOM   1266 C CD2 . LEU B 1 67 ? 5.342   13.449  7.136   1.00 17.50 ? 67  LEU B CD2 1 
ATOM   1267 N N   . ASN B 1 68 ? 6.354   14.827  12.219  1.00 22.80 ? 68  ASN B N   1 
ATOM   1268 C CA  . ASN B 1 68 ? 6.270   15.830  13.292  1.00 23.20 ? 68  ASN B CA  1 
ATOM   1269 C C   . ASN B 1 68 ? 5.191   15.658  14.331  1.00 23.50 ? 68  ASN B C   1 
ATOM   1270 O O   . ASN B 1 68 ? 4.981   16.563  15.144  1.00 26.60 ? 68  ASN B O   1 
ATOM   1271 C CB  . ASN B 1 68 ? 6.183   17.252  12.750  1.00 24.30 ? 68  ASN B CB  1 
ATOM   1272 C CG  . ASN B 1 68 ? 7.488   17.724  12.154  1.00 24.80 ? 68  ASN B CG  1 
ATOM   1273 O OD1 . ASN B 1 68 ? 8.548   17.141  12.392  1.00 25.90 ? 68  ASN B OD1 1 
ATOM   1274 N ND2 . ASN B 1 68 ? 7.414   18.770  11.340  1.00 29.20 ? 68  ASN B ND2 1 
ATOM   1275 N N   . LYS B 1 69 ? 4.530   14.506  14.335  1.00 20.70 ? 69  LYS B N   1 
ATOM   1276 C CA  . LYS B 1 69 ? 3.469   14.246  15.279  1.00 17.30 ? 69  LYS B CA  1 
ATOM   1277 C C   . LYS B 1 69 ? 3.858   13.038  16.078  1.00 17.20 ? 69  LYS B C   1 
ATOM   1278 O O   . LYS B 1 69 ? 4.803   12.349  15.732  1.00 17.60 ? 69  LYS B O   1 
ATOM   1279 C CB  . LYS B 1 69 ? 2.171   13.971  14.541  1.00 16.20 ? 69  LYS B CB  1 
ATOM   1280 C CG  . LYS B 1 69 ? 1.830   15.029  13.538  1.00 17.60 ? 69  LYS B CG  1 
ATOM   1281 C CD  . LYS B 1 69 ? 0.447   15.579  13.737  1.00 19.40 ? 69  LYS B CD  1 
ATOM   1282 C CE  . LYS B 1 69 ? -0.594  14.596  13.298  1.00 19.30 ? 69  LYS B CE  1 
ATOM   1283 N NZ  . LYS B 1 69 ? -1.953  15.233  13.249  1.00 25.20 ? 69  LYS B NZ  1 
ATOM   1284 N N   . LYS B 1 70 ? 3.174   12.825  17.189  1.00 18.40 ? 70  LYS B N   1 
ATOM   1285 C CA  . LYS B 1 70 ? 3.429   11.670  18.013  1.00 20.80 ? 70  LYS B CA  1 
ATOM   1286 C C   . LYS B 1 70 ? 2.128   10.907  18.135  1.00 22.00 ? 70  LYS B C   1 
ATOM   1287 O O   . LYS B 1 70 ? 1.078   11.492  18.397  1.00 24.50 ? 70  LYS B O   1 
ATOM   1288 C CB  . LYS B 1 70 ? 3.926   12.078  19.398  1.00 23.10 ? 70  LYS B CB  1 
ATOM   1289 C CG  . LYS B 1 70 ? 5.422   12.356  19.499  1.00 25.00 ? 70  LYS B CG  1 
ATOM   1290 C CD  . LYS B 1 70 ? 5.794   12.619  20.954  1.00 27.20 ? 70  LYS B CD  1 
ATOM   1291 C CE  . LYS B 1 70 ? 7.261   13.012  21.125  1.00 30.90 ? 70  LYS B CE  1 
ATOM   1292 N NZ  . LYS B 1 70 ? 7.433   13.787  22.411  1.00 31.80 ? 70  LYS B NZ  1 
ATOM   1293 N N   . VAL B 1 71 ? 2.183   9.597   17.949  1.00 21.80 ? 71  VAL B N   1 
ATOM   1294 C CA  . VAL B 1 71 ? 0.992   8.777   18.040  1.00 20.80 ? 71  VAL B CA  1 
ATOM   1295 C C   . VAL B 1 71 ? 1.245   7.533   18.863  1.00 20.10 ? 71  VAL B C   1 
ATOM   1296 O O   . VAL B 1 71 ? 2.370   7.249   19.247  1.00 19.60 ? 71  VAL B O   1 
ATOM   1297 C CB  . VAL B 1 71 ? 0.505   8.346   16.646  1.00 20.50 ? 71  VAL B CB  1 
ATOM   1298 C CG1 . VAL B 1 71 ? -0.497  9.319   16.121  1.00 22.30 ? 71  VAL B CG1 1 
ATOM   1299 C CG2 . VAL B 1 71 ? 1.668   8.278   15.699  1.00 20.50 ? 71  VAL B CG2 1 
ATOM   1300 N N   . ARG B 1 72 ? 0.165   6.832   19.171  1.00 20.40 ? 72  ARG B N   1 
ATOM   1301 C CA  . ARG B 1 72 ? 0.207   5.587   19.915  1.00 20.10 ? 72  ARG B CA  1 
ATOM   1302 C C   . ARG B 1 72 ? -0.595  4.636   19.066  1.00 19.00 ? 72  ARG B C   1 
ATOM   1303 O O   . ARG B 1 72 ? -1.814  4.777   18.913  1.00 17.80 ? 72  ARG B O   1 
ATOM   1304 C CB  . ARG B 1 72 ? -0.460  5.734   21.262  1.00 24.10 ? 72  ARG B CB  1 
ATOM   1305 C CG  . ARG B 1 72 ? 0.356   6.459   22.282  1.00 27.20 ? 72  ARG B CG  1 
ATOM   1306 C CD  . ARG B 1 72 ? 1.270   5.520   23.048  1.00 28.30 ? 72  ARG B CD  1 
ATOM   1307 N NE  . ARG B 1 72 ? 1.810   6.237   24.201  1.00 30.10 ? 72  ARG B NE  1 
ATOM   1308 C CZ  . ARG B 1 72 ? 2.669   5.739   25.075  1.00 29.40 ? 72  ARG B CZ  1 
ATOM   1309 N NH1 . ARG B 1 72 ? 3.109   4.490   24.957  1.00 29.70 ? 72  ARG B NH1 1 
ATOM   1310 N NH2 . ARG B 1 72 ? 3.130   6.523   26.039  1.00 33.50 ? 72  ARG B NH2 1 
ATOM   1311 N N   . ALA B 1 73 ? 0.098   3.696   18.460  1.00 17.80 ? 73  ALA B N   1 
ATOM   1312 C CA  . ALA B 1 73 ? -0.569  2.757   17.603  1.00 17.20 ? 73  ALA B CA  1 
ATOM   1313 C C   . ALA B 1 73 ? 0.116   1.449   17.765  1.00 16.40 ? 73  ALA B C   1 
ATOM   1314 O O   . ALA B 1 73 ? 1.092   1.338   18.503  1.00 15.70 ? 73  ALA B O   1 
ATOM   1315 C CB  . ALA B 1 73 ? -0.511  3.215   16.167  1.00 18.00 ? 73  ALA B CB  1 
ATOM   1316 N N   . THR B 1 74 ? -0.452  0.445   17.116  1.00 16.40 ? 74  THR B N   1 
ATOM   1317 C CA  . THR B 1 74 ? 0.074   -0.904  17.146  1.00 14.80 ? 74  THR B CA  1 
ATOM   1318 C C   . THR B 1 74 ? 1.082   -1.082  16.037  1.00 14.50 ? 74  THR B C   1 
ATOM   1319 O O   . THR B 1 74 ? 0.863   -0.665  14.896  1.00 13.90 ? 74  THR B O   1 
ATOM   1320 C CB  . THR B 1 74 ? -1.033  -1.897  16.952  1.00 13.40 ? 74  THR B CB  1 
ATOM   1321 O OG1 . THR B 1 74 ? -2.085  -1.587  17.864  1.00 12.70 ? 74  THR B OG1 1 
ATOM   1322 C CG2 . THR B 1 74 ? -0.537  -3.285  17.207  1.00 12.20 ? 74  THR B CG2 1 
ATOM   1323 N N   . ILE B 1 75 ? 2.215   -1.662  16.398  1.00 17.20 ? 75  ILE B N   1 
ATOM   1324 C CA  . ILE B 1 75 ? 3.276   -1.923  15.449  1.00 18.60 ? 75  ILE B CA  1 
ATOM   1325 C C   . ILE B 1 75 ? 3.620   -3.376  15.499  1.00 17.10 ? 75  ILE B C   1 
ATOM   1326 O O   . ILE B 1 75 ? 3.637   -3.977  16.561  1.00 18.10 ? 75  ILE B O   1 
ATOM   1327 C CB  . ILE B 1 75 ? 4.542   -1.087  15.743  1.00 18.30 ? 75  ILE B CB  1 
ATOM   1328 C CG1 . ILE B 1 75 ? 4.500   0.222   14.937  1.00 19.70 ? 75  ILE B CG1 1 
ATOM   1329 C CG2 . ILE B 1 75 ? 5.820   -1.895  15.471  1.00 16.70 ? 75  ILE B CG2 1 
ATOM   1330 C CD1 . ILE B 1 75 ? 4.353   0.035   13.438  1.00 16.60 ? 75  ILE B CD1 1 
ATOM   1331 N N   . MET B 1 76 ? 3.771   -3.955  14.325  1.00 16.50 ? 76  MET B N   1 
ATOM   1332 C CA  . MET B 1 76 ? 4.158   -5.334  14.211  1.00 17.60 ? 76  MET B CA  1 
ATOM   1333 C C   . MET B 1 76 ? 5.592   -5.294  13.738  1.00 18.20 ? 76  MET B C   1 
ATOM   1334 O O   . MET B 1 76 ? 5.980   -4.404  12.964  1.00 16.00 ? 76  MET B O   1 
ATOM   1335 C CB  . MET B 1 76 ? 3.346   -6.057  13.150  1.00 18.60 ? 76  MET B CB  1 
ATOM   1336 C CG  . MET B 1 76 ? 1.887   -6.151  13.426  1.00 21.00 ? 76  MET B CG  1 
ATOM   1337 S SD  . MET B 1 76 ? 1.166   -7.140  12.170  1.00 22.60 ? 76  MET B SD  1 
ATOM   1338 C CE  . MET B 1 76 ? 0.544   -8.456  13.198  1.00 24.40 ? 76  MET B CE  1 
ATOM   1339 N N   . THR B 1 77 ? 6.378   -6.242  14.230  1.00 18.80 ? 77  THR B N   1 
ATOM   1340 C CA  . THR B 1 77 ? 7.765   -6.349  13.837  1.00 16.80 ? 77  THR B CA  1 
ATOM   1341 C C   . THR B 1 77 ? 7.868   -7.712  13.202  1.00 16.40 ? 77  THR B C   1 
ATOM   1342 O O   . THR B 1 77 ? 7.211   -8.648  13.650  1.00 17.30 ? 77  THR B O   1 
ATOM   1343 C CB  . THR B 1 77 ? 8.698   -6.308  15.039  1.00 18.30 ? 77  THR B CB  1 
ATOM   1344 O OG1 . THR B 1 77 ? 8.467   -7.470  15.842  1.00 21.60 ? 77  THR B OG1 1 
ATOM   1345 C CG2 . THR B 1 77 ? 8.468   -5.039  15.874  1.00 16.60 ? 77  THR B CG2 1 
ATOM   1346 N N   . GLY B 1 78 ? 8.684   -7.814  12.165  1.00 16.40 ? 78  GLY B N   1 
ATOM   1347 C CA  . GLY B 1 78 ? 8.882   -9.067  11.471  1.00 17.00 ? 78  GLY B CA  1 
ATOM   1348 C C   . GLY B 1 78 ? 10.032  -8.856  10.509  1.00 18.70 ? 78  GLY B C   1 
ATOM   1349 O O   . GLY B 1 78 ? 10.511  -7.737  10.389  1.00 19.10 ? 78  GLY B O   1 
ATOM   1350 N N   . ASP B 1 79 ? 10.477  -9.916  9.839   1.00 18.70 ? 79  ASP B N   1 
ATOM   1351 C CA  . ASP B 1 79 ? 11.561  -9.849  8.866   1.00 19.70 ? 79  ASP B CA  1 
ATOM   1352 C C   . ASP B 1 79 ? 10.948  -9.453  7.542   1.00 21.10 ? 79  ASP B C   1 
ATOM   1353 O O   . ASP B 1 79 ? 10.668  -10.302 6.699   1.00 20.90 ? 79  ASP B O   1 
ATOM   1354 C CB  . ASP B 1 79 ? 12.221  -11.213 8.701   1.00 21.20 ? 79  ASP B CB  1 
ATOM   1355 C CG  . ASP B 1 79 ? 12.672  -11.791 10.007  1.00 21.00 ? 79  ASP B CG  1 
ATOM   1356 O OD1 . ASP B 1 79 ? 13.249  -11.031 10.801  1.00 21.10 ? 79  ASP B OD1 1 
ATOM   1357 O OD2 . ASP B 1 79 ? 12.450  -12.998 10.237  1.00 22.30 ? 79  ASP B OD2 1 
ATOM   1358 N N   . THR B 1 80 ? 10.696  -8.164  7.380   1.00 22.20 ? 80  THR B N   1 
ATOM   1359 C CA  . THR B 1 80 ? 10.095  -7.657  6.160   1.00 23.10 ? 80  THR B CA  1 
ATOM   1360 C C   . THR B 1 80 ? 11.143  -6.860  5.407   1.00 22.00 ? 80  THR B C   1 
ATOM   1361 O O   . THR B 1 80 ? 11.948  -6.158  6.022   1.00 20.50 ? 80  THR B O   1 
ATOM   1362 C CB  . THR B 1 80 ? 8.888   -6.769  6.514   1.00 23.80 ? 80  THR B CB  1 
ATOM   1363 O OG1 . THR B 1 80 ? 8.320   -6.235  5.324   1.00 28.30 ? 80  THR B OG1 1 
ATOM   1364 C CG2 . THR B 1 80 ? 9.296   -5.614  7.409   1.00 22.20 ? 80  THR B CG2 1 
ATOM   1365 N N   . PRO B 1 81 ? 11.175  -6.979  4.063   1.00 22.80 ? 81  PRO B N   1 
ATOM   1366 C CA  . PRO B 1 81 ? 12.157  -6.237  3.251   1.00 22.90 ? 81  PRO B CA  1 
ATOM   1367 C C   . PRO B 1 81 ? 11.890  -4.741  3.237   1.00 22.40 ? 81  PRO B C   1 
ATOM   1368 O O   . PRO B 1 81 ? 12.767  -3.940  2.901   1.00 23.70 ? 81  PRO B O   1 
ATOM   1369 C CB  . PRO B 1 81 ? 11.940  -6.808  1.850   1.00 22.40 ? 81  PRO B CB  1 
ATOM   1370 C CG  . PRO B 1 81 ? 10.487  -7.207  1.865   1.00 23.80 ? 81  PRO B CG  1 
ATOM   1371 C CD  . PRO B 1 81 ? 10.359  -7.868  3.217   1.00 21.40 ? 81  PRO B CD  1 
ATOM   1372 N N   . ILE B 1 82 ? 10.683  -4.359  3.629   1.00 23.00 ? 82  ILE B N   1 
ATOM   1373 C CA  . ILE B 1 82 ? 10.311  -2.965  3.609   1.00 20.70 ? 82  ILE B CA  1 
ATOM   1374 C C   . ILE B 1 82 ? 9.401   -2.645  4.781   1.00 19.10 ? 82  ILE B C   1 
ATOM   1375 O O   . ILE B 1 82 ? 8.472   -3.385  5.078   1.00 20.20 ? 82  ILE B O   1 
ATOM   1376 C CB  . ILE B 1 82 ? 9.683   -2.629  2.226   1.00 21.50 ? 82  ILE B CB  1 
ATOM   1377 C CG1 . ILE B 1 82 ? 9.482   -1.140  2.058   1.00 22.40 ? 82  ILE B CG1 1 
ATOM   1378 C CG2 . ILE B 1 82 ? 8.366   -3.353  2.017   1.00 22.60 ? 82  ILE B CG2 1 
ATOM   1379 C CD1 . ILE B 1 82 ? 9.292   -0.793  0.613   1.00 24.20 ? 82  ILE B CD1 1 
ATOM   1380 N N   . ASN B 1 83 ? 9.740   -1.584  5.499   1.00 18.10 ? 83  ASN B N   1 
ATOM   1381 C CA  . ASN B 1 83 ? 8.973   -1.151  6.656   1.00 17.30 ? 83  ASN B CA  1 
ATOM   1382 C C   . ASN B 1 83 ? 7.785   -0.396  6.131   1.00 17.40 ? 83  ASN B C   1 
ATOM   1383 O O   . ASN B 1 83 ? 7.933   0.547   5.349   1.00 16.30 ? 83  ASN B O   1 
ATOM   1384 C CB  . ASN B 1 83 ? 9.816   -0.243  7.541   1.00 15.60 ? 83  ASN B CB  1 
ATOM   1385 C CG  . ASN B 1 83 ? 11.108  -0.892  7.968   1.00 17.00 ? 83  ASN B CG  1 
ATOM   1386 O OD1 . ASN B 1 83 ? 11.139  -2.079  8.335   1.00 12.80 ? 83  ASN B OD1 1 
ATOM   1387 N ND2 . ASN B 1 83 ? 12.196  -0.134  7.883   1.00 14.10 ? 83  ASN B ND2 1 
ATOM   1388 N N   . ILE B 1 84 ? 6.609   -0.792  6.580   1.00 15.70 ? 84  ILE B N   1 
ATOM   1389 C CA  . ILE B 1 84 ? 5.386   -0.189  6.124   1.00 16.90 ? 84  ILE B CA  1 
ATOM   1390 C C   . ILE B 1 84 ? 4.576   0.352   7.273   1.00 17.00 ? 84  ILE B C   1 
ATOM   1391 O O   . ILE B 1 84 ? 4.445   -0.299  8.300   1.00 17.70 ? 84  ILE B O   1 
ATOM   1392 C CB  . ILE B 1 84 ? 4.539   -1.244  5.402   1.00 17.80 ? 84  ILE B CB  1 
ATOM   1393 C CG1 . ILE B 1 84 ? 5.272   -1.726  4.159   1.00 18.00 ? 84  ILE B CG1 1 
ATOM   1394 C CG2 . ILE B 1 84 ? 3.193   -0.678  5.023   1.00 20.50 ? 84  ILE B CG2 1 
ATOM   1395 C CD1 . ILE B 1 84 ? 4.731   -3.026  3.671   1.00 22.40 ? 84  ILE B CD1 1 
ATOM   1396 N N   . PHE B 1 85 ? 4.052   1.556   7.087   1.00 17.60 ? 85  PHE B N   1 
ATOM   1397 C CA  . PHE B 1 85 ? 3.195   2.223   8.060   1.00 16.60 ? 85  PHE B CA  1 
ATOM   1398 C C   . PHE B 1 85 ? 1.835   2.170   7.355   1.00 14.30 ? 85  PHE B C   1 
ATOM   1399 O O   . PHE B 1 85 ? 1.677   2.749   6.298   1.00 15.30 ? 85  PHE B O   1 
ATOM   1400 C CB  . PHE B 1 85 ? 3.672   3.664   8.253   1.00 15.00 ? 85  PHE B CB  1 
ATOM   1401 C CG  . PHE B 1 85 ? 4.520   3.879   9.485   1.00 12.90 ? 85  PHE B CG  1 
ATOM   1402 C CD1 . PHE B 1 85 ? 5.131   2.816   10.136  1.00 13.30 ? 85  PHE B CD1 1 
ATOM   1403 C CD2 . PHE B 1 85 ? 4.683   5.145   10.011  1.00 13.70 ? 85  PHE B CD2 1 
ATOM   1404 C CE1 . PHE B 1 85 ? 5.877   3.012   11.284  1.00 9.20  ? 85  PHE B CE1 1 
ATOM   1405 C CE2 . PHE B 1 85 ? 5.434   5.335   11.165  1.00 9.40  ? 85  PHE B CE2 1 
ATOM   1406 C CZ  . PHE B 1 85 ? 6.022   4.260   11.788  1.00 9.70  ? 85  PHE B CZ  1 
ATOM   1407 N N   . GLY B 1 86 ? 0.906   1.367   7.856   1.00 15.50 ? 86  GLY B N   1 
ATOM   1408 C CA  . GLY B 1 86 ? -0.391  1.236   7.209   1.00 15.10 ? 86  GLY B CA  1 
ATOM   1409 C C   . GLY B 1 86 ? -1.475  2.174   7.691   1.00 14.40 ? 86  GLY B C   1 
ATOM   1410 O O   . GLY B 1 86 ? -1.215  3.168   8.372   1.00 16.50 ? 86  GLY B O   1 
ATOM   1411 N N   . ARG B 1 87 ? -2.713  1.840   7.366   1.00 15.40 ? 87  ARG B N   1 
ATOM   1412 C CA  . ARG B 1 87 ? -3.850  2.651   7.761   1.00 15.40 ? 87  ARG B CA  1 
ATOM   1413 C C   . ARG B 1 87 ? -4.046  2.944   9.233   1.00 15.00 ? 87  ARG B C   1 
ATOM   1414 O O   . ARG B 1 87 ? -4.530  4.025   9.576   1.00 15.50 ? 87  ARG B O   1 
ATOM   1415 C CB  . ARG B 1 87 ? -5.134  2.107   7.182   1.00 14.60 ? 87  ARG B CB  1 
ATOM   1416 C CG  . ARG B 1 87 ? -5.473  2.773   5.889   1.00 16.50 ? 87  ARG B CG  1 
ATOM   1417 C CD  . ARG B 1 87 ? -6.900  2.581   5.546   1.00 16.80 ? 87  ARG B CD  1 
ATOM   1418 N NE  . ARG B 1 87 ? -7.247  1.178   5.520   1.00 17.00 ? 87  ARG B NE  1 
ATOM   1419 C CZ  . ARG B 1 87 ? -8.005  0.589   6.435   1.00 18.60 ? 87  ARG B CZ  1 
ATOM   1420 N NH1 . ARG B 1 87 ? -8.480  1.290   7.460   1.00 18.70 ? 87  ARG B NH1 1 
ATOM   1421 N NH2 . ARG B 1 87 ? -8.383  -0.666  6.265   1.00 18.00 ? 87  ARG B NH2 1 
ATOM   1422 N N   . ASN B 1 88 ? -3.677  2.025   10.116  1.00 13.40 ? 88  ASN B N   1 
ATOM   1423 C CA  . ASN B 1 88 ? -3.869  2.303   11.533  1.00 15.10 ? 88  ASN B CA  1 
ATOM   1424 C C   . ASN B 1 88 ? -3.103  3.525   11.997  1.00 15.60 ? 88  ASN B C   1 
ATOM   1425 O O   . ASN B 1 88 ? -3.515  4.188   12.936  1.00 16.40 ? 88  ASN B O   1 
ATOM   1426 C CB  . ASN B 1 88 ? -3.544  1.094   12.423  1.00 15.70 ? 88  ASN B CB  1 
ATOM   1427 C CG  . ASN B 1 88 ? -2.082  0.775   12.476  1.00 15.00 ? 88  ASN B CG  1 
ATOM   1428 O OD1 . ASN B 1 88 ? -1.410  0.805   11.459  1.00 14.50 ? 88  ASN B OD1 1 
ATOM   1429 N ND2 . ASN B 1 88 ? -1.575  0.457   13.668  1.00 12.50 ? 88  ASN B ND2 1 
ATOM   1430 N N   . ILE B 1 89 ? -1.986  3.819   11.340  1.00 16.00 ? 89  ILE B N   1 
ATOM   1431 C CA  . ILE B 1 89 ? -1.156  4.962   11.681  1.00 15.00 ? 89  ILE B CA  1 
ATOM   1432 C C   . ILE B 1 89 ? -1.575  6.161   10.872  1.00 14.30 ? 89  ILE B C   1 
ATOM   1433 O O   . ILE B 1 89 ? -1.527  7.286   11.354  1.00 14.70 ? 89  ILE B O   1 
ATOM   1434 C CB  . ILE B 1 89 ? 0.345   4.684   11.442  1.00 17.10 ? 89  ILE B CB  1 
ATOM   1435 C CG1 . ILE B 1 89 ? 0.809   3.613   12.425  1.00 18.10 ? 89  ILE B CG1 1 
ATOM   1436 C CG2 . ILE B 1 89 ? 1.165   5.955   11.657  1.00 18.50 ? 89  ILE B CG2 1 
ATOM   1437 C CD1 . ILE B 1 89 ? 2.271   3.454   12.537  1.00 16.30 ? 89  ILE B CD1 1 
ATOM   1438 N N   . LEU B 1 90 ? -1.958  5.924   9.627   1.00 14.50 ? 90  LEU B N   1 
ATOM   1439 C CA  . LEU B 1 90 ? -2.395  7.012   8.786   1.00 15.50 ? 90  LEU B CA  1 
ATOM   1440 C C   . LEU B 1 90 ? -3.685  7.676   9.297   1.00 17.60 ? 90  LEU B C   1 
ATOM   1441 O O   . LEU B 1 90 ? -3.823  8.906   9.215   1.00 14.10 ? 90  LEU B O   1 
ATOM   1442 C CB  . LEU B 1 90 ? -2.504  6.562   7.329   1.00 15.80 ? 90  LEU B CB  1 
ATOM   1443 C CG  . LEU B 1 90 ? -1.176  6.105   6.713   1.00 14.40 ? 90  LEU B CG  1 
ATOM   1444 C CD1 . LEU B 1 90 ? -1.313  6.052   5.200   1.00 14.80 ? 90  LEU B CD1 1 
ATOM   1445 C CD2 . LEU B 1 90 ? -0.057  7.056   7.103   1.00 13.30 ? 90  LEU B CD2 1 
ATOM   1446 N N   . THR B 1 91 ? -4.598  6.889   9.876   1.00 17.80 ? 91  THR B N   1 
ATOM   1447 C CA  . THR B 1 91 ? -5.830  7.451   10.439  1.00 19.10 ? 91  THR B CA  1 
ATOM   1448 C C   . THR B 1 91 ? -5.446  8.290   11.644  1.00 18.60 ? 91  THR B C   1 
ATOM   1449 O O   . THR B 1 91 ? -5.920  9.415   11.790  1.00 19.80 ? 91  THR B O   1 
ATOM   1450 C CB  . THR B 1 91 ? -6.881  6.383   10.883  1.00 18.80 ? 91  THR B CB  1 
ATOM   1451 O OG1 . THR B 1 91 ? -6.273  5.403   11.738  1.00 21.90 ? 91  THR B OG1 1 
ATOM   1452 C CG2 . THR B 1 91 ? -7.537  5.723   9.683   1.00 17.50 ? 91  THR B CG2 1 
ATOM   1453 N N   . ALA B 1 92 ? -4.584  7.739   12.497  1.00 18.20 ? 92  ALA B N   1 
ATOM   1454 C CA  . ALA B 1 92 ? -4.097  8.434   13.693  1.00 18.60 ? 92  ALA B CA  1 
ATOM   1455 C C   . ALA B 1 92 ? -3.380  9.754   13.404  1.00 17.80 ? 92  ALA B C   1 
ATOM   1456 O O   . ALA B 1 92 ? -3.385  10.649  14.233  1.00 18.60 ? 92  ALA B O   1 
ATOM   1457 C CB  . ALA B 1 92 ? -3.207  7.527   14.506  1.00 18.40 ? 92  ALA B CB  1 
ATOM   1458 N N   . LEU B 1 93 ? -2.730  9.852   12.251  1.00 20.40 ? 93  LEU B N   1 
ATOM   1459 C CA  . LEU B 1 93 ? -2.027  11.080  11.851  1.00 19.70 ? 93  LEU B CA  1 
ATOM   1460 C C   . LEU B 1 93 ? -3.025  12.091  11.284  1.00 20.50 ? 93  LEU B C   1 
ATOM   1461 O O   . LEU B 1 93 ? -2.767  13.295  11.259  1.00 19.00 ? 93  LEU B O   1 
ATOM   1462 C CB  . LEU B 1 93 ? -0.969  10.775  10.793  1.00 18.40 ? 93  LEU B CB  1 
ATOM   1463 C CG  . LEU B 1 93 ? 0.329   10.077  11.211  1.00 20.80 ? 93  LEU B CG  1 
ATOM   1464 C CD1 . LEU B 1 93 ? 1.152   9.817   9.984   1.00 19.90 ? 93  LEU B CD1 1 
ATOM   1465 C CD2 . LEU B 1 93 ? 1.109   10.950  12.183  1.00 20.30 ? 93  LEU B CD2 1 
ATOM   1466 N N   . GLY B 1 94 ? -4.154  11.570  10.816  1.00 19.60 ? 94  GLY B N   1 
ATOM   1467 C CA  . GLY B 1 94 ? -5.193  12.392  10.244  1.00 18.30 ? 94  GLY B CA  1 
ATOM   1468 C C   . GLY B 1 94 ? -4.906  12.604  8.779   1.00 18.90 ? 94  GLY B C   1 
ATOM   1469 O O   . GLY B 1 94 ? -5.140  13.690  8.249   1.00 18.10 ? 94  GLY B O   1 
ATOM   1470 N N   . MET B 1 95 ? -4.406  11.570  8.118   1.00 17.60 ? 95  MET B N   1 
ATOM   1471 C CA  . MET B 1 95 ? -4.091  11.688  6.715   1.00 18.40 ? 95  MET B CA  1 
ATOM   1472 C C   . MET B 1 95 ? -5.262  11.309  5.849   1.00 19.10 ? 95  MET B C   1 
ATOM   1473 O O   . MET B 1 95 ? -6.103  10.504  6.244   1.00 20.00 ? 95  MET B O   1 
ATOM   1474 C CB  . MET B 1 95 ? -2.883  10.827  6.349   1.00 19.80 ? 95  MET B CB  1 
ATOM   1475 C CG  . MET B 1 95 ? -1.598  11.306  6.956   1.00 20.00 ? 95  MET B CG  1 
ATOM   1476 S SD  . MET B 1 95 ? -0.201  10.715  6.069   1.00 23.70 ? 95  MET B SD  1 
ATOM   1477 C CE  . MET B 1 95 ? 0.092   12.074  4.901   1.00 22.40 ? 95  MET B CE  1 
ATOM   1478 N N   . SER B 1 96 ? -5.302  11.876  4.654   1.00 17.70 ? 96  SER B N   1 
ATOM   1479 C CA  . SER B 1 96 ? -6.369  11.584  3.744   1.00 19.60 ? 96  SER B CA  1 
ATOM   1480 C C   . SER B 1 96 ? -5.840  11.532  2.325   1.00 19.10 ? 96  SER B C   1 
ATOM   1481 O O   . SER B 1 96 ? -4.746  12.033  2.047   1.00 19.70 ? 96  SER B O   1 
ATOM   1482 C CB  . SER B 1 96 ? -7.462  12.646  3.862   1.00 20.90 ? 96  SER B CB  1 
ATOM   1483 O OG  . SER B 1 96 ? -6.926  13.952  3.701   1.00 24.30 ? 96  SER B OG  1 
ATOM   1484 N N   . LEU B 1 97 ? -6.543  10.802  1.469   1.00 18.70 ? 97  LEU B N   1 
ATOM   1485 C CA  . LEU B 1 97 ? -6.168  10.713  0.075   1.00 19.00 ? 97  LEU B CA  1 
ATOM   1486 C C   . LEU B 1 97 ? -6.880  11.875  -0.572  1.00 19.00 ? 97  LEU B C   1 
ATOM   1487 O O   . LEU B 1 97 ? -7.919  12.325  -0.101  1.00 19.50 ? 97  LEU B O   1 
ATOM   1488 C CB  . LEU B 1 97 ? -6.611  9.385   -0.534  1.00 19.70 ? 97  LEU B CB  1 
ATOM   1489 C CG  . LEU B 1 97 ? -5.762  8.137   -0.272  1.00 20.10 ? 97  LEU B CG  1 
ATOM   1490 C CD1 . LEU B 1 97 ? -6.485  6.961   -0.882  1.00 22.30 ? 97  LEU B CD1 1 
ATOM   1491 C CD2 . LEU B 1 97 ? -4.368  8.267   -0.862  1.00 17.40 ? 97  LEU B CD2 1 
ATOM   1492 N N   . ASN B 1 98 ? -6.345  12.380  -1.656  1.00 20.50 ? 98  ASN B N   1 
ATOM   1493 C CA  . ASN B 1 98 ? -6.999  13.517  -2.239  1.00 22.60 ? 98  ASN B CA  1 
ATOM   1494 C C   . ASN B 1 98 ? -7.190  13.478  -3.738  1.00 22.50 ? 98  ASN B C   1 
ATOM   1495 O O   . ASN B 1 98 ? -6.281  13.120  -4.468  1.00 23.20 ? 98  ASN B O   1 
ATOM   1496 C CB  . ASN B 1 98 ? -6.261  14.768  -1.809  1.00 24.60 ? 98  ASN B CB  1 
ATOM   1497 C CG  . ASN B 1 98 ? -7.081  15.973  -1.979  1.00 28.80 ? 98  ASN B CG  1 
ATOM   1498 O OD1 . ASN B 1 98 ? -7.367  16.380  -3.106  1.00 33.30 ? 98  ASN B OD1 1 
ATOM   1499 N ND2 . ASN B 1 98 ? -7.533  16.541  -0.871  1.00 30.20 ? 98  ASN B ND2 1 
ATOM   1500 N N   . LEU B 1 99 ? -8.335  13.997  -4.170  1.00 25.80 ? 99  LEU B N   1 
ATOM   1501 C CA  . LEU B 1 99 ? -8.778  14.022  -5.566  1.00 26.80 ? 99  LEU B CA  1 
ATOM   1502 C C   . LEU B 1 99 ? -9.172  12.638  -6.095  1.00 27.20 ? 99  LEU B C   1 
ATOM   1503 O O   . LEU B 1 99 ? -9.668  11.826  -5.275  1.00 28.70 ? 99  LEU B O   1 
ATOM   1504 C CB  . LEU B 1 99 ? -7.757  14.689  -6.483  1.00 27.00 ? 99  LEU B CB  1 
ATOM   1505 C CG  . LEU B 1 99 ? -8.250  16.063  -6.948  1.00 27.90 ? 99  LEU B CG  1 
ATOM   1506 C CD1 . LEU B 1 99 ? -8.179  17.084  -5.817  1.00 27.20 ? 99  LEU B CD1 1 
ATOM   1507 C CD2 . LEU B 1 99 ? -7.431  16.520  -8.138  1.00 29.40 ? 99  LEU B CD2 1 
ATOM   1508 O OXT . LEU B 1 99 ? -9.038  12.390  -7.315  1.00 27.20 ? 99  LEU B OXT 1 
HETATM 1509 C CA  . U04 C 2 .  ? 1.988   -4.392  -0.561  1.00 24.70 ? 100 U04 A CA  1 
HETATM 1510 C CA2 . U04 C 2 .  ? 2.140   -5.810  -0.407  1.00 25.20 ? 100 U04 A CA2 1 
HETATM 1511 C CA3 . U04 C 2 .  ? 0.079   -5.918  0.703   1.00 27.00 ? 100 U04 A CA3 1 
HETATM 1512 C CA4 . U04 C 2 .  ? -0.923  -6.698  1.345   1.00 27.70 ? 100 U04 A CA4 1 
HETATM 1513 C CA5 . U04 C 2 .  ? -2.077  -6.080  1.840   1.00 27.70 ? 100 U04 A CA5 1 
HETATM 1514 C CA6 . U04 C 2 .  ? -2.253  -4.687  1.717   1.00 28.70 ? 100 U04 A CA6 1 
HETATM 1515 C CA7 . U04 C 2 .  ? -1.275  -3.896  1.089   1.00 26.30 ? 100 U04 A CA7 1 
HETATM 1516 C CA8 . U04 C 2 .  ? -0.103  -4.520  0.589   1.00 26.50 ? 100 U04 A CA8 1 
HETATM 1517 C CA9 . U04 C 2 .  ? 0.866   -3.756  -0.059  1.00 24.60 ? 100 U04 A CA9 1 
HETATM 1518 C CB  . U04 C 2 .  ? 2.954   -3.576  -1.402  1.00 25.30 ? 100 U04 A CB  1 
HETATM 1519 C CB1 . U04 C 2 .  ? 2.845   -3.885  -2.883  1.00 24.90 ? 100 U04 A CB1 1 
HETATM 1520 C CB2 . U04 C 2 .  ? 1.585   -4.107  -3.498  1.00 24.20 ? 100 U04 A CB2 1 
HETATM 1521 C CB3 . U04 C 2 .  ? 1.530   -4.367  -4.898  1.00 25.70 ? 100 U04 A CB3 1 
HETATM 1522 C CB4 . U04 C 2 .  ? 2.712   -4.396  -5.681  1.00 25.80 ? 100 U04 A CB4 1 
HETATM 1523 C CB5 . U04 C 2 .  ? 3.964   -4.165  -5.045  1.00 26.40 ? 100 U04 A CB5 1 
HETATM 1524 C CB6 . U04 C 2 .  ? 4.005   -3.921  -3.668  1.00 24.30 ? 100 U04 A CB6 1 
HETATM 1525 C CB7 . U04 C 2 .  ? 4.401   -3.553  -0.859  1.00 23.00 ? 100 U04 A CB7 1 
HETATM 1526 C CB8 . U04 C 2 .  ? 4.499   -2.774  0.423   1.00 25.90 ? 100 U04 A CB8 1 
HETATM 1527 C CG1 . U04 C 2 .  ? 5.566   -2.831  -5.928  1.00 30.10 ? 100 U04 A CG1 1 
HETATM 1528 C CG2 . U04 C 2 .  ? 6.746   -2.329  -5.081  1.00 31.50 ? 100 U04 A CG2 1 
HETATM 1529 C CG3 . U04 C 2 .  ? 8.744   -3.295  -3.956  1.00 35.90 ? 100 U04 A CG3 1 
HETATM 1530 C CG4 . U04 C 2 .  ? 9.862   -5.026  -2.570  1.00 37.60 ? 100 U04 A CG4 1 
HETATM 1531 C CG5 . U04 C 2 .  ? 8.679   -5.256  -1.631  1.00 38.70 ? 100 U04 A CG5 1 
HETATM 1532 C CG6 . U04 C 2 .  ? 10.539  -6.384  -2.733  1.00 36.20 ? 100 U04 A CG6 1 
HETATM 1533 C CG7 . U04 C 2 .  ? 10.872  -4.099  -1.848  1.00 38.40 ? 100 U04 A CG7 1 
HETATM 1534 N NB5 . U04 C 2 .  ? 5.203   -4.080  -5.688  1.00 30.20 ? 100 U04 A NB5 1 
HETATM 1535 N NG2 . U04 C 2 .  ? 7.776   -3.375  -4.886  1.00 34.70 ? 100 U04 A NG2 1 
HETATM 1536 O OA2 . U04 C 2 .  ? 3.134   -6.362  -0.805  1.00 25.60 ? 100 U04 A OA2 1 
HETATM 1537 O OA3 . U04 C 2 .  ? 1.217   -6.587  0.217   1.00 24.80 ? 100 U04 A OA3 1 
HETATM 1538 O OA9 . U04 C 2 .  ? 0.774   -2.393  -0.197  1.00 20.10 ? 100 U04 A OA9 1 
HETATM 1539 O OG1 . U04 C 2 .  ? 5.020   -2.125  -6.729  1.00 29.20 ? 100 U04 A OG1 1 
HETATM 1540 O OG3 . U04 C 2 .  ? 9.022   -2.325  -3.294  1.00 35.40 ? 100 U04 A OG3 1 
HETATM 1541 O OG4 . U04 C 2 .  ? 9.450   -4.484  -3.850  1.00 36.80 ? 100 U04 A OG4 1 
HETATM 1542 O O   . HOH D 3 .  ? 5.592   3.358   -10.824 1.00 28.80 ? 302 HOH A O   1 
HETATM 1543 O O   . HOH D 3 .  ? -3.545  -6.868  -25.396 1.00 20.50 ? 303 HOH A O   1 
HETATM 1544 O O   . HOH D 3 .  ? 9.759   -9.645  -1.900  1.00 23.60 ? 304 HOH A O   1 
HETATM 1545 O O   . HOH D 3 .  ? -7.475  -6.685  1.948   1.00 31.00 ? 307 HOH A O   1 
HETATM 1546 O O   . HOH D 3 .  ? 1.223   2.284   -20.189 1.00 18.30 ? 310 HOH A O   1 
HETATM 1547 O O   . HOH D 3 .  ? -2.835  -4.368  -24.589 1.00 30.00 ? 311 HOH A O   1 
HETATM 1548 O O   . HOH D 3 .  ? -5.462  -4.307  3.490   1.00 28.00 ? 314 HOH A O   1 
HETATM 1549 O O   . HOH D 3 .  ? -17.217 -3.749  -8.563  1.00 42.40 ? 315 HOH A O   1 
HETATM 1550 O O   . HOH D 3 .  ? 1.646   -1.671  -12.997 1.00 29.00 ? 316 HOH A O   1 
HETATM 1551 O O   . HOH D 3 .  ? -12.166 -13.501 -16.808 1.00 31.00 ? 317 HOH A O   1 
HETATM 1552 O O   . HOH D 3 .  ? -10.507 -11.423 -7.606  1.00 25.50 ? 318 HOH A O   1 
HETATM 1553 O O   . HOH D 3 .  ? -7.153  7.678   -23.314 1.00 29.40 ? 319 HOH A O   1 
HETATM 1554 O O   . HOH D 3 .  ? 0.708   13.141  -7.460  1.00 24.20 ? 320 HOH A O   1 
HETATM 1555 O O   . HOH D 3 .  ? 7.196   -14.181 3.200   1.00 26.10 ? 323 HOH A O   1 
HETATM 1556 O O   . HOH D 3 .  ? -14.830 -3.885  0.095   1.00 27.90 ? 325 HOH A O   1 
HETATM 1557 O O   . HOH D 3 .  ? 9.162   -15.854 0.216   1.00 24.90 ? 326 HOH A O   1 
HETATM 1558 O O   . HOH D 3 .  ? -6.190  -4.595  -25.847 1.00 34.50 ? 330 HOH A O   1 
HETATM 1559 O O   . HOH D 3 .  ? -12.952 1.325   -19.008 1.00 21.40 ? 331 HOH A O   1 
HETATM 1560 O O   . HOH D 3 .  ? -4.831  -14.308 -12.041 1.00 39.00 ? 332 HOH A O   1 
HETATM 1561 O O   . HOH D 3 .  ? -16.381 -1.113  -4.515  1.00 24.40 ? 340 HOH A O   1 
HETATM 1562 O O   . HOH D 3 .  ? 5.198   3.584   -3.112  1.00 21.80 ? 341 HOH A O   1 
HETATM 1563 O O   . HOH D 3 .  ? 4.600   6.807   -14.211 1.00 28.00 ? 342 HOH A O   1 
HETATM 1564 O O   . HOH D 3 .  ? 5.097   3.337   -13.477 1.00 28.40 ? 343 HOH A O   1 
HETATM 1565 O O   . HOH D 3 .  ? 4.268   -5.227  -21.839 1.00 17.80 ? 344 HOH A O   1 
HETATM 1566 O O   . HOH D 3 .  ? 5.220   -0.631  -26.634 1.00 31.90 ? 345 HOH A O   1 
HETATM 1567 O O   . HOH D 3 .  ? -0.925  9.219   -20.394 1.00 24.60 ? 346 HOH A O   1 
HETATM 1568 O O   . HOH D 3 .  ? -2.921  9.813   -17.630 1.00 34.00 ? 347 HOH A O   1 
HETATM 1569 O O   . HOH D 3 .  ? 4.078   1.648   -25.185 1.00 23.80 ? 348 HOH A O   1 
HETATM 1570 O O   . HOH D 3 .  ? 1.285   9.020   -14.727 1.00 29.00 ? 349 HOH A O   1 
HETATM 1571 O O   . HOH D 3 .  ? -0.745  -15.448 -25.917 1.00 32.30 ? 351 HOH A O   1 
HETATM 1572 O O   . HOH D 3 .  ? -10.975 5.733   2.551   1.00 20.00 ? 360 HOH A O   1 
HETATM 1573 O O   . HOH D 3 .  ? -17.617 0.156   -18.819 1.00 20.00 ? 361 HOH A O   1 
HETATM 1574 O O   . HOH D 3 .  ? -4.039  8.883   -19.685 1.00 25.00 ? 362 HOH A O   1 
HETATM 1575 O O   . HOH D 3 .  ? -5.161  15.360  5.952   1.00 36.10 ? 364 HOH A O   1 
HETATM 1576 O O   . HOH D 3 .  ? -13.563 -0.455  1.648   1.00 22.00 ? 365 HOH A O   1 
HETATM 1577 O O   . HOH D 3 .  ? -11.108 -9.447  -9.687  1.00 23.70 ? 367 HOH A O   1 
HETATM 1578 O O   . HOH D 3 .  ? -12.800 -8.065  -6.153  1.00 29.90 ? 368 HOH A O   1 
HETATM 1579 O O   . HOH D 3 .  ? -16.883 -7.179  -11.023 1.00 32.40 ? 369 HOH A O   1 
HETATM 1580 O O   . HOH D 3 .  ? 11.143  -5.209  -8.359  1.00 35.70 ? 370 HOH A O   1 
HETATM 1581 O O   . HOH D 3 .  ? 6.118   -16.179 -4.067  1.00 24.50 ? 371 HOH A O   1 
HETATM 1582 O O   . HOH D 3 .  ? -14.778 11.297  -17.740 1.00 32.80 ? 372 HOH A O   1 
HETATM 1583 O O   . HOH D 3 .  ? 1.712   3.113   -15.942 1.00 19.00 ? 374 HOH A O   1 
HETATM 1584 O O   . HOH D 3 .  ? -6.227  -14.103 -6.866  1.00 19.60 ? 375 HOH A O   1 
HETATM 1585 O O   . HOH D 3 .  ? 8.313   0.870   -14.485 1.00 32.20 ? 379 HOH A O   1 
HETATM 1586 O O   . HOH D 3 .  ? 10.058  -12.404 -19.866 1.00 36.30 ? 401 HOH A O   1 
HETATM 1587 O O   . HOH D 3 .  ? 9.661   -13.252 -22.288 1.00 40.10 ? 402 HOH A O   1 
HETATM 1588 O O   . HOH D 3 .  ? 9.533   -2.927  -16.884 1.00 31.40 ? 403 HOH A O   1 
HETATM 1589 O O   . HOH D 3 .  ? -14.332 13.209  -13.805 1.00 36.90 ? 404 HOH A O   1 
HETATM 1590 O O   . HOH D 3 .  ? -15.505 4.551   -22.548 1.00 26.00 ? 405 HOH A O   1 
HETATM 1591 O O   . HOH D 3 .  ? -14.565 3.749   -19.624 1.00 25.80 ? 406 HOH A O   1 
HETATM 1592 O O   . HOH D 3 .  ? 2.202   -16.539 -8.857  1.00 27.20 ? 407 HOH A O   1 
HETATM 1593 O O   . HOH D 3 .  ? 0.420   -15.179 -10.610 1.00 16.40 ? 408 HOH A O   1 
HETATM 1594 O O   . HOH D 3 .  ? 4.090   0.244   -13.616 1.00 21.30 ? 414 HOH A O   1 
HETATM 1595 O O   . HOH D 3 .  ? 7.888   1.047   -11.773 1.00 44.80 ? 415 HOH A O   1 
HETATM 1596 O O   . HOH D 3 .  ? 0.438   -17.855 -23.599 1.00 26.30 ? 416 HOH A O   1 
HETATM 1597 O O   . HOH D 3 .  ? -5.022  -10.873 -18.819 1.00 34.40 ? 417 HOH A O   1 
HETATM 1598 O O   . HOH D 3 .  ? -2.886  -16.135 -13.123 1.00 30.10 ? 421 HOH A O   1 
HETATM 1599 O O   . HOH D 3 .  ? -12.548 14.899  -4.444  1.00 28.80 ? 422 HOH A O   1 
HETATM 1600 O O   . HOH D 3 .  ? -11.747 16.921  -3.065  1.00 31.10 ? 423 HOH A O   1 
HETATM 1601 O O   . HOH D 3 .  ? 8.468   -5.431  -7.528  1.00 20.60 ? 424 HOH A O   1 
HETATM 1602 O O   . HOH D 3 .  ? -9.682  11.707  11.052  1.00 34.20 ? 428 HOH A O   1 
HETATM 1603 O O   . HOH D 3 .  ? -6.048  6.020   -27.757 1.00 35.30 ? 430 HOH A O   1 
HETATM 1604 O O   . HOH D 3 .  ? -9.071  4.159   -24.872 1.00 33.30 ? 431 HOH A O   1 
HETATM 1605 O O   . HOH D 3 .  ? -13.190 5.611   1.325   1.00 23.60 ? 433 HOH A O   1 
HETATM 1606 O O   . HOH D 3 .  ? -14.993 6.513   -0.999  1.00 31.80 ? 434 HOH A O   1 
HETATM 1607 O O   . HOH D 3 .  ? 5.399   -7.819  -25.046 1.00 30.90 ? 435 HOH A O   1 
HETATM 1608 O O   . HOH D 3 .  ? 0.571   -4.110  -23.992 1.00 31.80 ? 437 HOH A O   1 
HETATM 1609 O O   . HOH D 3 .  ? 7.771   5.654   -9.351  1.00 24.60 ? 440 HOH A O   1 
HETATM 1610 O O   . HOH D 3 .  ? 6.016   8.568   -12.187 1.00 21.90 ? 441 HOH A O   1 
HETATM 1611 O O   . HOH D 3 .  ? -5.614  -6.975  3.860   1.00 21.90 ? 442 HOH A O   1 
HETATM 1612 O O   . HOH D 3 .  ? 9.275   -9.206  -19.906 1.00 27.80 ? 444 HOH A O   1 
HETATM 1613 O O   . HOH D 3 .  ? -17.396 -5.630  -21.723 1.00 35.50 ? 445 HOH A O   1 
HETATM 1614 O O   . HOH D 3 .  ? -4.349  15.893  -5.458  1.00 25.50 ? 446 HOH A O   1 
HETATM 1615 O O   . HOH D 3 .  ? -13.372 -7.976  -12.627 1.00 35.80 ? 447 HOH A O   1 
HETATM 1616 O O   . HOH D 3 .  ? 9.113   -16.019 -3.030  1.00 24.80 ? 458 HOH A O   1 
HETATM 1617 O O   . HOH D 3 .  ? 1.624   5.993   -15.502 1.00 29.20 ? 459 HOH A O   1 
HETATM 1618 O O   . HOH D 3 .  ? 4.369   7.120   -10.996 1.00 28.80 ? 460 HOH A O   1 
HETATM 1619 O O   . HOH D 3 .  ? -11.609 6.962   -25.311 1.00 46.40 ? 461 HOH A O   1 
HETATM 1620 O O   . HOH D 3 .  ? -6.759  -12.112 -21.822 1.00 18.70 ? 462 HOH A O   1 
HETATM 1621 O O   . HOH D 3 .  ? -14.398 4.649   -10.445 1.00 30.20 ? 468 HOH A O   1 
HETATM 1622 O O   . HOH D 3 .  ? -18.982 -3.643  -19.504 1.00 30.30 ? 470 HOH A O   1 
HETATM 1623 O O   . HOH D 3 .  ? 9.391   -0.763  -9.505  1.00 27.30 ? 471 HOH A O   1 
HETATM 1624 O O   . HOH D 3 .  ? 7.765   -2.982  -8.217  1.00 29.50 ? 472 HOH A O   1 
HETATM 1625 O O   . HOH D 3 .  ? -13.502 -6.905  -8.567  1.00 32.10 ? 473 HOH A O   1 
HETATM 1626 O O   . HOH D 3 .  ? -1.820  11.900  -16.690 1.00 27.20 ? 474 HOH A O   1 
HETATM 1627 O O   . HOH D 3 .  ? -19.427 -0.651  -8.328  1.00 36.60 ? 475 HOH A O   1 
HETATM 1628 O O   . HOH D 3 .  ? -13.198 17.141  3.576   1.00 22.70 ? 480 HOH A O   1 
HETATM 1629 O O   . HOH D 3 .  ? -12.035 12.136  8.888   1.00 29.80 ? 481 HOH A O   1 
HETATM 1630 O O   . HOH E 3 .  ? -7.813  9.549   7.958   1.00 19.70 ? 301 HOH B O   1 
HETATM 1631 O O   . HOH E 3 .  ? 5.567   10.848  -2.216  1.00 14.90 ? 305 HOH B O   1 
HETATM 1632 O O   . HOH E 3 .  ? -2.059  -4.730  13.581  1.00 25.50 ? 308 HOH B O   1 
HETATM 1633 O O   . HOH E 3 .  ? -7.015  4.126   14.910  1.00 37.00 ? 309 HOH B O   1 
HETATM 1634 O O   . HOH E 3 .  ? 14.166  -11.992 13.345  1.00 38.40 ? 312 HOH B O   1 
HETATM 1635 O O   . HOH E 3 .  ? -6.438  -0.879  4.068   1.00 26.90 ? 313 HOH B O   1 
HETATM 1636 O O   . HOH E 3 .  ? 13.474  10.325  5.647   1.00 39.90 ? 321 HOH B O   1 
HETATM 1637 O O   . HOH E 3 .  ? 10.677  -0.552  24.330  1.00 25.40 ? 322 HOH B O   1 
HETATM 1638 O O   . HOH E 3 .  ? 3.860   17.877  10.219  1.00 33.20 ? 324 HOH B O   1 
HETATM 1639 O O   . HOH E 3 .  ? 0.362   -13.583 -3.484  1.00 21.20 ? 327 HOH B O   1 
HETATM 1640 O O   . HOH E 3 .  ? -5.848  1.938   16.215  1.00 29.00 ? 328 HOH B O   1 
HETATM 1641 O O   . HOH E 3 .  ? -5.125  13.638  14.030  1.00 26.00 ? 329 HOH B O   1 
HETATM 1642 O O   . HOH E 3 .  ? 12.520  7.711   -2.757  1.00 28.60 ? 333 HOH B O   1 
HETATM 1643 O O   . HOH E 3 .  ? 11.594  10.259  19.742  1.00 22.40 ? 334 HOH B O   1 
HETATM 1644 O O   . HOH E 3 .  ? 12.757  -3.741  6.531   1.00 15.70 ? 335 HOH B O   1 
HETATM 1645 O O   . HOH E 3 .  ? 14.286  -1.143  9.791   1.00 29.50 ? 336 HOH B O   1 
HETATM 1646 O O   . HOH E 3 .  ? 1.510   -4.833  23.480  1.00 22.10 ? 337 HOH B O   1 
HETATM 1647 O O   . HOH E 3 .  ? 0.022   -7.454  23.423  1.00 34.00 ? 338 HOH B O   1 
HETATM 1648 O O   . HOH E 3 .  ? -2.400  -5.057  6.086   1.00 21.60 ? 339 HOH B O   1 
HETATM 1649 O O   . HOH E 3 .  ? 9.406   7.688   -9.767  1.00 26.20 ? 350 HOH B O   1 
HETATM 1650 O O   . HOH E 3 .  ? 9.546   13.889  6.027   1.00 24.20 ? 352 HOH B O   1 
HETATM 1651 O O   . HOH E 3 .  ? 9.604   7.501   19.265  1.00 19.90 ? 353 HOH B O   1 
HETATM 1652 O O   . HOH E 3 .  ? 13.049  -0.298  3.011   1.00 41.90 ? 354 HOH B O   1 
HETATM 1653 O O   . HOH E 3 .  ? 3.925   -7.450  31.530  1.00 32.70 ? 355 HOH B O   1 
HETATM 1654 O O   . HOH E 3 .  ? 0.184   -2.984  13.065  1.00 20.70 ? 356 HOH B O   1 
HETATM 1655 O O   . HOH E 3 .  ? 15.306  -7.212  16.881  1.00 32.20 ? 357 HOH B O   1 
HETATM 1656 O O   . HOH E 3 .  ? 13.982  11.532  19.137  1.00 33.60 ? 358 HOH B O   1 
HETATM 1657 O O   . HOH E 3 .  ? 0.590   -5.307  5.269   1.00 22.90 ? 359 HOH B O   1 
HETATM 1658 O O   . HOH E 3 .  ? 17.235  13.412  12.105  1.00 35.80 ? 363 HOH B O   1 
HETATM 1659 O O   . HOH E 3 .  ? -7.176  11.825  12.877  1.00 27.70 ? 366 HOH B O   1 
HETATM 1660 O O   . HOH E 3 .  ? 3.992   17.814  -3.432  1.00 36.10 ? 376 HOH B O   1 
HETATM 1661 O O   . HOH E 3 .  ? 6.810   -4.475  25.333  1.00 17.60 ? 377 HOH B O   1 
HETATM 1662 O O   . HOH E 3 .  ? 11.493  -6.140  19.103  1.00 33.90 ? 378 HOH B O   1 
HETATM 1663 O O   . HOH E 3 .  ? 7.563   15.832  7.775   1.00 25.90 ? 380 HOH B O   1 
HETATM 1664 O O   . HOH E 3 .  ? 8.990   -13.629 10.884  1.00 35.70 ? 381 HOH B O   1 
HETATM 1665 O O   . HOH E 3 .  ? 13.204  13.953  17.397  1.00 35.90 ? 382 HOH B O   1 
HETATM 1666 O O   . HOH E 3 .  ? -2.571  11.862  16.418  1.00 28.60 ? 383 HOH B O   1 
HETATM 1667 O O   . HOH E 3 .  ? 17.491  -3.508  17.076  1.00 24.70 ? 384 HOH B O   1 
HETATM 1668 O O   . HOH E 3 .  ? 15.243  1.429   8.251   1.00 18.70 ? 385 HOH B O   1 
HETATM 1669 O O   . HOH E 3 .  ? 3.082   -3.151  24.741  1.00 26.50 ? 386 HOH B O   1 
HETATM 1670 O O   . HOH E 3 .  ? 0.868   -2.209  26.048  1.00 29.30 ? 387 HOH B O   1 
HETATM 1671 O O   . HOH E 3 .  ? -4.397  4.994   15.669  1.00 40.80 ? 388 HOH B O   1 
HETATM 1672 O O   . HOH E 3 .  ? 6.017   16.165  18.166  1.00 37.10 ? 389 HOH B O   1 
HETATM 1673 O O   . HOH E 3 .  ? 5.916   18.349  7.804   1.00 37.40 ? 390 HOH B O   1 
HETATM 1674 O O   . HOH E 3 .  ? 6.548   -1.862  23.542  1.00 25.10 ? 391 HOH B O   1 
HETATM 1675 O O   . HOH E 3 .  ? 8.653   -11.227 14.366  1.00 20.50 ? 392 HOH B O   1 
HETATM 1676 O O   . HOH E 3 .  ? 8.465   -14.687 13.893  1.00 30.60 ? 393 HOH B O   1 
HETATM 1677 O O   . HOH E 3 .  ? 11.212  -6.615  28.959  1.00 23.90 ? 394 HOH B O   1 
HETATM 1678 O O   . HOH E 3 .  ? 11.544  3.829   24.942  1.00 27.80 ? 395 HOH B O   1 
HETATM 1679 O O   . HOH E 3 .  ? -6.990  16.805  3.553   1.00 35.00 ? 396 HOH B O   1 
HETATM 1680 O O   . HOH E 3 .  ? 14.799  14.755  13.239  1.00 33.80 ? 397 HOH B O   1 
HETATM 1681 O O   . HOH E 3 .  ? 12.383  17.230  19.053  1.00 38.90 ? 398 HOH B O   1 
HETATM 1682 O O   . HOH E 3 .  ? -4.520  -9.942  12.311  1.00 30.90 ? 399 HOH B O   1 
HETATM 1683 O O   . HOH E 3 .  ? 4.780   17.026  20.886  1.00 30.90 ? 400 HOH B O   1 
HETATM 1684 O O   . HOH E 3 .  ? 11.451  -8.043  14.321  1.00 25.90 ? 409 HOH B O   1 
HETATM 1685 O O   . HOH E 3 .  ? 16.437  -10.591 14.187  1.00 31.40 ? 410 HOH B O   1 
HETATM 1686 O O   . HOH E 3 .  ? 12.614  4.263   -2.545  1.00 39.00 ? 411 HOH B O   1 
HETATM 1687 O O   . HOH E 3 .  ? 8.837   14.687  15.930  1.00 34.50 ? 412 HOH B O   1 
HETATM 1688 O O   . HOH E 3 .  ? -1.979  6.206   29.484  1.00 28.10 ? 413 HOH B O   1 
HETATM 1689 O O   . HOH E 3 .  ? 11.661  1.406   1.215   1.00 33.50 ? 418 HOH B O   1 
HETATM 1690 O O   . HOH E 3 .  ? 4.890   -17.725 2.375   1.00 23.20 ? 419 HOH B O   1 
HETATM 1691 O O   . HOH E 3 .  ? -6.194  -0.280  10.216  1.00 15.80 ? 425 HOH B O   1 
HETATM 1692 O O   . HOH E 3 .  ? -3.530  0.738   15.810  1.00 22.60 ? 426 HOH B O   1 
HETATM 1693 O O   . HOH E 3 .  ? -4.166  5.245   20.280  1.00 32.50 ? 427 HOH B O   1 
HETATM 1694 O O   . HOH E 3 .  ? -11.203 16.771  6.234   1.00 30.40 ? 429 HOH B O   1 
HETATM 1695 O O   . HOH E 3 .  ? 8.975   -13.186 6.787   1.00 30.90 ? 432 HOH B O   1 
HETATM 1696 O O   . HOH E 3 .  ? 11.137  6.492   -5.189  1.00 28.10 ? 439 HOH B O   1 
HETATM 1697 O O   . HOH E 3 .  ? -5.227  -3.415  12.420  1.00 29.80 ? 443 HOH B O   1 
HETATM 1698 O O   . HOH E 3 .  ? 11.462  12.183  3.400   1.00 38.70 ? 448 HOH B O   1 
HETATM 1699 O O   . HOH E 3 .  ? 4.593   -15.060 15.047  1.00 20.90 ? 449 HOH B O   1 
HETATM 1700 O O   . HOH E 3 .  ? 0.677   10.387  21.315  1.00 27.10 ? 452 HOH B O   1 
HETATM 1701 O O   . HOH E 3 .  ? 9.442   12.047  9.969   1.00 25.80 ? 453 HOH B O   1 
HETATM 1702 O O   . HOH E 3 .  ? 9.478   12.286  12.814  1.00 38.80 ? 454 HOH B O   1 
HETATM 1703 O O   . HOH E 3 .  ? 10.632  8.689   23.315  1.00 40.30 ? 455 HOH B O   1 
HETATM 1704 O O   . HOH E 3 .  ? 8.982   9.794   21.354  1.00 26.10 ? 456 HOH B O   1 
HETATM 1705 O O   . HOH E 3 .  ? 5.600   -17.572 -0.048  1.00 21.70 ? 457 HOH B O   1 
HETATM 1706 O O   . HOH E 3 .  ? 1.607   0.231   26.891  1.00 34.50 ? 463 HOH B O   1 
HETATM 1707 O O   . HOH E 3 .  ? -0.241  5.971   27.649  1.00 28.60 ? 464 HOH B O   1 
HETATM 1708 O O   . HOH E 3 .  ? 5.364   -9.777  30.758  1.00 26.80 ? 465 HOH B O   1 
HETATM 1709 O O   . HOH E 3 .  ? 2.852   -10.090 32.847  1.00 26.70 ? 466 HOH B O   1 
HETATM 1710 O O   . HOH E 3 .  ? 6.236   -7.088  30.006  1.00 34.40 ? 467 HOH B O   1 
HETATM 1711 O O   . HOH E 3 .  ? 16.121  -0.708  11.492  1.00 28.50 ? 477 HOH B O   1 
HETATM 1712 O O   . HOH E 3 .  ? -7.744  15.081  7.406   1.00 30.40 ? 479 HOH B O   1 
HETATM 1713 O O   . HOH E 3 .  ? 1.622   -11.261 25.879  1.00 27.50 ? 482 HOH B O   1 
HETATM 1714 O O   . HOH E 3 .  ? 3.931   -12.164 25.124  1.00 33.70 ? 483 HOH B O   1 
HETATM 1715 O O   . HOH E 3 .  ? 11.975  -13.402 14.118  1.00 25.40 ? 484 HOH B O   1 
HETATM 1716 O O   . HOH E 3 .  ? 10.575  -7.968  17.508  1.00 30.60 ? 485 HOH B O   1 
HETATM 1717 O O   . HOH E 3 .  ? -4.106  -7.562  11.488  1.00 27.60 ? 486 HOH B O   1 
# 
